data_6LVY
#
_entry.id   6LVY
#
_cell.length_a   99.002
_cell.length_b   138.369
_cell.length_c   148.649
_cell.angle_alpha   90.000
_cell.angle_beta   90.000
_cell.angle_gamma   90.000
#
_symmetry.space_group_name_H-M   'P 21 21 21'
#
loop_
_entity.id
_entity.type
_entity.pdbx_description
1 polymer 'Toll-like receptor 7'
2 branched 2-acetamido-2-deoxy-beta-D-glucopyranose-(1-4)-2-acetamido-2-deoxy-beta-D-glucopyranose
3 non-polymer 6-azanyl-2-(2-methoxyethoxy)-9-(phenylmethyl)-7H-purin-8-one
4 non-polymer 2-acetamido-2-deoxy-beta-D-glucopyranose
5 non-polymer 'SULFATE ION'
6 water water
#
_entity_poly.entity_id   1
_entity_poly.type   'polypeptide(L)'
_entity_poly.pdbx_seq_one_letter_code
;RSPWARWFPKTLPCDVTLDVSKNHVIVDCTDKHLTEIPGGIPTNTTNLTLTINHIPDISPASFHRLVHLVEIDFRCNCVP
IRLGSKSNMCPRRLQIKPRSFSGLTYLKSLYLDGNQLLEIPQGLPPSLQLLSLEANNIFSIRKEQLTELANIEILYLGQN
CYYRNPCYVSYSIEKDAFLNLTKLKVLSLKDNNVTTVPTVLPSTLTELYLYNNMIAEIQEDDFNNLNQLQILDLSGNCPR
CYNAPFPCTPCKNNSPLQIPVNAFDALTELKVLRLHSNSLQHVPPRWFKNINNLQELDLSQNFLAKEIGDAKFLHFLPNL
IQLDLSFNFELQVYRASMNLSQAFSSLKSLKILRIRGYVFKELKSFQLSPLHNLQNLEVLDLGTNFIKIANLSMFKQFKR
LKVIDLSVNKISPSGDSLVPRGSSNARTSVESYEPQVLEQLYYFRYDKYARSCRFKNKEASFTSVQESCYKYGQTLDLSK
NSIFFIKSSDFQHLSFLKCLNLSGNLISQTLNGSEFQPLAELRYLDFSNNRLDLLHSTAFEELRKLEVLDISSNSHYFQS
EGITHMLNFTKNLKVLQKLMMNDNDISSSTSRTMESESLRTLEFRGNHLDVLWRDGDNRYLQLFKNLLKLEELDISKNSL
SFLPSGVFDGMPPNLKNLSLAKNGLKSFIWEKLRYLKNLETLDLSHNQLTTVPERLSNCSRSLKNLILKNNQIRSLTKYF
LQDAFQLRYLDLSSNKIQMIQKTSFPENVLNNLKMLLLHHNRFLCTCDAVWFVWWVQHTEVTIPYLATDVTCVGPGAHKG
QSVISLDLYTCELDLTNEFLVPR
;
_entity_poly.pdbx_strand_id   A,B
#
# COMPACT_ATOMS: atom_id res chain seq x y z
N ALA A 5 -18.06 34.98 -23.79
CA ALA A 5 -18.88 35.58 -22.72
C ALA A 5 -18.09 36.76 -22.07
N ARG A 6 -16.95 36.49 -21.41
CA ARG A 6 -16.08 37.53 -20.79
C ARG A 6 -15.43 38.48 -21.80
N TRP A 7 -15.43 39.78 -21.52
CA TRP A 7 -14.77 40.75 -22.43
C TRP A 7 -13.27 40.93 -22.15
N PHE A 8 -12.85 40.76 -20.89
CA PHE A 8 -11.45 40.84 -20.51
C PHE A 8 -10.99 39.62 -19.70
N PRO A 9 -10.08 38.80 -20.28
CA PRO A 9 -9.55 37.61 -19.58
C PRO A 9 -8.86 37.92 -18.25
N LYS A 10 -9.18 37.15 -17.21
CA LYS A 10 -8.47 37.26 -15.94
C LYS A 10 -7.10 36.65 -16.14
N THR A 11 -6.08 37.49 -16.08
CA THR A 11 -4.70 37.06 -16.29
C THR A 11 -3.89 36.93 -14.98
N LEU A 12 -4.34 37.65 -13.96
CA LEU A 12 -3.73 37.62 -12.62
C LEU A 12 -3.62 36.20 -12.05
N PRO A 13 -2.42 35.80 -11.57
CA PRO A 13 -2.26 34.46 -11.08
C PRO A 13 -2.86 34.17 -9.69
N CYS A 14 -3.96 34.84 -9.33
CA CYS A 14 -4.54 34.75 -7.99
C CYS A 14 -6.03 34.62 -8.10
N ASP A 15 -6.65 33.91 -7.15
CA ASP A 15 -8.11 33.77 -7.17
C ASP A 15 -8.69 35.08 -6.68
N VAL A 16 -9.77 35.53 -7.32
CA VAL A 16 -10.40 36.80 -7.01
C VAL A 16 -11.90 36.56 -6.74
N THR A 17 -12.41 37.14 -5.65
CA THR A 17 -13.74 36.86 -5.15
C THR A 17 -14.31 38.15 -4.63
N LEU A 18 -15.59 38.39 -4.93
CA LEU A 18 -16.39 39.47 -4.34
C LEU A 18 -17.28 38.90 -3.26
N ASP A 19 -17.74 39.80 -2.40
CA ASP A 19 -18.67 39.45 -1.34
C ASP A 19 -19.24 40.78 -0.86
N VAL A 20 -20.44 41.12 -1.33
CA VAL A 20 -21.06 42.43 -1.05
C VAL A 20 -22.05 42.34 0.10
N LYS A 22 -20.95 41.67 2.77
CA LYS A 22 -20.09 42.85 2.54
C LYS A 22 -18.74 42.84 3.29
N ASN A 23 -17.81 43.73 2.95
CA ASN A 23 -17.79 44.50 1.71
C ASN A 23 -16.39 44.31 1.08
N HIS A 24 -16.16 43.09 0.61
CA HIS A 24 -14.82 42.55 0.48
C HIS A 24 -14.45 42.15 -0.95
N VAL A 25 -13.24 42.55 -1.35
CA VAL A 25 -12.62 42.12 -2.60
C VAL A 25 -11.40 41.31 -2.16
N ILE A 26 -11.52 40.00 -2.31
CA ILE A 26 -10.59 39.03 -1.75
C ILE A 26 -9.72 38.47 -2.85
N VAL A 27 -8.43 38.80 -2.76
CA VAL A 27 -7.42 38.37 -3.68
C VAL A 27 -6.54 37.34 -2.96
N ASP A 28 -6.58 36.10 -3.42
CA ASP A 28 -5.84 34.99 -2.83
C ASP A 28 -4.71 34.45 -3.72
N CYS A 29 -3.47 34.82 -3.43
CA CYS A 29 -2.31 34.35 -4.19
C CYS A 29 -1.53 33.30 -3.39
N THR A 30 -2.23 32.48 -2.63
CA THR A 30 -1.57 31.44 -1.83
C THR A 30 -0.86 30.48 -2.80
N ASP A 31 0.45 30.29 -2.62
CA ASP A 31 1.19 29.20 -3.25
C ASP A 31 1.17 29.25 -4.77
N LYS A 32 1.65 30.35 -5.31
CA LYS A 32 1.66 30.54 -6.72
C LYS A 32 3.08 30.79 -7.17
N HIS A 33 4.05 30.34 -6.40
CA HIS A 33 5.47 30.42 -6.82
C HIS A 33 5.86 31.81 -7.32
N LEU A 34 5.33 32.84 -6.68
CA LEU A 34 5.61 34.21 -7.06
C LEU A 34 6.93 34.67 -6.48
N THR A 35 7.69 35.43 -7.24
CA THR A 35 8.93 36.10 -6.75
C THR A 35 8.75 37.63 -6.65
N GLU A 36 7.53 38.11 -6.93
CA GLU A 36 7.18 39.53 -6.99
C GLU A 36 5.69 39.62 -6.72
N ILE A 37 5.20 40.71 -6.14
CA ILE A 37 3.77 40.88 -6.04
C ILE A 37 3.28 41.16 -7.46
N PRO A 38 2.32 40.36 -7.98
CA PRO A 38 1.87 40.59 -9.37
C PRO A 38 1.25 41.96 -9.59
N GLY A 39 1.43 42.47 -10.81
CA GLY A 39 0.77 43.69 -11.24
C GLY A 39 -0.71 43.43 -11.52
N GLY A 40 -1.50 44.49 -11.45
CA GLY A 40 -2.90 44.42 -11.84
C GLY A 40 -3.84 43.97 -10.75
N ILE A 41 -3.36 43.85 -9.49
CA ILE A 41 -4.24 43.52 -8.37
C ILE A 41 -5.28 44.63 -8.28
N PRO A 42 -6.58 44.28 -8.13
CA PRO A 42 -7.61 45.32 -8.13
C PRO A 42 -7.37 46.39 -7.09
N THR A 43 -7.75 47.61 -7.42
CA THR A 43 -7.60 48.76 -6.53
C THR A 43 -8.54 48.66 -5.32
N ASN A 44 -9.69 48.02 -5.49
CA ASN A 44 -10.67 47.83 -4.40
C ASN A 44 -10.30 46.69 -3.43
N THR A 45 -9.15 46.04 -3.62
CA THR A 45 -8.77 44.88 -2.83
C THR A 45 -8.81 45.18 -1.33
N THR A 46 -9.64 44.45 -0.60
CA THR A 46 -9.71 44.54 0.86
C THR A 46 -8.81 43.51 1.52
N ASN A 47 -8.86 42.25 1.08
CA ASN A 47 -8.03 41.14 1.65
C ASN A 47 -7.04 40.57 0.64
N LEU A 48 -5.75 40.74 0.87
CA LEU A 48 -4.74 40.24 -0.01
C LEU A 48 -3.91 39.20 0.70
N THR A 49 -3.91 37.97 0.16
CA THR A 49 -3.15 36.88 0.72
C THR A 49 -2.03 36.49 -0.20
N LEU A 50 -0.81 36.54 0.31
CA LEU A 50 0.39 36.19 -0.45
C LEU A 50 1.23 35.15 0.27
N THR A 51 0.54 34.24 0.96
CA THR A 51 1.18 33.19 1.74
C THR A 51 1.87 32.19 0.84
N ILE A 52 3.04 31.71 1.26
CA ILE A 52 3.82 30.67 0.56
C ILE A 52 4.14 31.08 -0.87
N ASN A 53 5.03 32.05 -0.98
CA ASN A 53 5.62 32.48 -2.23
C ASN A 53 7.04 32.83 -1.88
N HIS A 54 7.81 33.35 -2.82
CA HIS A 54 9.22 33.68 -2.54
C HIS A 54 9.45 35.14 -2.87
N ILE A 55 8.59 35.99 -2.32
CA ILE A 55 8.69 37.43 -2.50
C ILE A 55 9.70 37.97 -1.51
N PRO A 56 10.87 38.44 -1.99
CA PRO A 56 12.02 38.70 -1.11
C PRO A 56 11.98 40.03 -0.39
N ASP A 57 11.07 40.92 -0.81
CA ASP A 57 10.86 42.19 -0.11
C ASP A 57 9.48 42.86 -0.28
N ILE A 58 9.27 43.81 0.62
CA ILE A 58 8.11 44.70 0.63
C ILE A 58 8.66 46.11 0.64
N SER A 59 7.97 47.00 -0.06
CA SER A 59 8.34 48.42 -0.15
C SER A 59 7.07 49.26 -0.35
N PRO A 60 7.19 50.59 -0.36
CA PRO A 60 5.96 51.36 -0.63
C PRO A 60 5.28 51.07 -1.99
N ALA A 61 6.03 50.57 -2.97
CA ALA A 61 5.45 50.12 -4.26
C ALA A 61 4.52 48.91 -4.09
N SER A 62 4.89 47.99 -3.19
CA SER A 62 4.12 46.79 -2.92
C SER A 62 2.61 47.00 -2.87
N PHE A 63 2.18 47.95 -2.03
CA PHE A 63 0.76 48.19 -1.78
C PHE A 63 0.26 49.59 -2.19
N HIS A 64 1.02 50.27 -3.06
CA HIS A 64 0.83 51.71 -3.38
C HIS A 64 -0.63 52.10 -3.67
N ARG A 65 -1.25 51.39 -4.62
CA ARG A 65 -2.59 51.75 -5.08
C ARG A 65 -3.70 51.17 -4.22
N LEU A 66 -3.35 50.31 -3.25
CA LEU A 66 -4.30 49.40 -2.62
C LEU A 66 -4.81 49.96 -1.29
N VAL A 67 -5.33 51.18 -1.37
CA VAL A 67 -5.62 51.99 -0.19
C VAL A 67 -6.80 51.48 0.65
N HIS A 68 -7.64 50.62 0.09
CA HIS A 68 -8.78 50.05 0.82
C HIS A 68 -8.44 48.72 1.55
N LEU A 69 -7.14 48.37 1.65
CA LEU A 69 -6.70 47.12 2.29
C LEU A 69 -7.02 47.07 3.77
N VAL A 70 -7.84 46.11 4.17
CA VAL A 70 -8.08 45.79 5.60
C VAL A 70 -7.22 44.64 6.12
N GLU A 71 -6.69 43.81 5.23
CA GLU A 71 -5.91 42.65 5.65
C GLU A 71 -4.84 42.30 4.65
N ILE A 72 -3.64 42.10 5.16
CA ILE A 72 -2.56 41.54 4.40
C ILE A 72 -2.14 40.27 5.10
N ASP A 73 -2.28 39.15 4.43
CA ASP A 73 -1.70 37.92 4.91
C ASP A 73 -0.48 37.64 4.03
N PHE A 74 0.70 37.86 4.57
CA PHE A 74 1.97 37.76 3.86
C PHE A 74 2.85 36.76 4.65
N ARG A 75 2.31 35.57 4.90
CA ARG A 75 2.99 34.55 5.72
C ARG A 75 3.92 33.65 4.89
N CYS A 76 5.04 33.26 5.50
CA CYS A 76 5.87 32.17 4.97
C CYS A 76 6.44 32.46 3.56
N ASN A 77 7.00 33.64 3.38
CA ASN A 77 7.78 33.96 2.21
C ASN A 77 9.27 33.82 2.51
N CYS A 78 9.59 33.48 3.75
CA CYS A 78 10.96 33.11 4.12
C CYS A 78 10.92 32.34 5.41
N VAL A 79 10.43 31.11 5.36
CA VAL A 79 10.18 30.36 6.61
C VAL A 79 11.56 29.96 7.22
N PRO A 80 11.66 29.90 8.55
CA PRO A 80 12.89 29.44 9.14
C PRO A 80 13.36 28.14 8.53
N ILE A 81 14.67 28.05 8.34
CA ILE A 81 15.35 26.87 7.77
C ILE A 81 14.74 25.49 8.14
N ARG A 82 14.53 25.25 9.45
CA ARG A 82 14.06 23.93 9.96
C ARG A 82 12.58 23.65 9.79
N LEU A 83 11.76 24.70 9.67
CA LEU A 83 10.30 24.55 9.45
C LEU A 83 9.93 24.45 7.97
N GLY A 84 10.74 25.03 7.11
CA GLY A 84 10.42 25.13 5.69
C GLY A 84 11.05 24.08 4.82
N SER A 85 10.60 24.10 3.56
CA SER A 85 11.18 23.31 2.48
C SER A 85 12.73 23.33 2.45
N LYS A 86 13.33 22.13 2.32
CA LYS A 86 14.78 21.96 2.14
C LYS A 86 15.22 21.92 0.66
N SER A 87 14.30 21.60 -0.25
CA SER A 87 14.57 21.71 -1.70
C SER A 87 14.62 23.18 -2.19
N ASN A 88 13.74 24.01 -1.64
CA ASN A 88 13.70 25.44 -1.94
C ASN A 88 13.80 26.29 -0.65
N MET A 89 14.97 26.24 0.00
CA MET A 89 15.25 27.05 1.19
C MET A 89 15.19 28.52 0.83
N CYS A 90 14.75 29.34 1.78
CA CYS A 90 14.77 30.79 1.59
C CYS A 90 16.21 31.30 1.79
N PRO A 91 16.75 32.03 0.77
CA PRO A 91 18.17 32.42 0.86
C PRO A 91 18.44 33.50 1.93
N ARG A 92 17.50 34.42 2.11
CA ARG A 92 17.77 35.65 2.85
C ARG A 92 16.47 36.22 3.40
N ARG A 93 16.51 36.71 4.64
CA ARG A 93 15.30 37.15 5.33
C ARG A 93 14.53 38.20 4.56
N LEU A 94 13.21 38.17 4.69
CA LEU A 94 12.34 39.18 4.07
C LEU A 94 12.76 40.57 4.46
N GLN A 95 12.83 41.47 3.49
CA GLN A 95 13.21 42.88 3.70
C GLN A 95 11.97 43.75 3.65
N ILE A 96 11.78 44.55 4.69
CA ILE A 96 10.64 45.47 4.74
C ILE A 96 11.18 46.90 4.76
N LYS A 97 10.86 47.67 3.73
CA LYS A 97 11.43 49.00 3.62
C LYS A 97 10.56 50.00 4.34
N PRO A 98 11.13 51.17 4.70
CA PRO A 98 10.35 52.16 5.44
C PRO A 98 9.06 52.58 4.75
N ARG A 99 8.04 52.83 5.56
CA ARG A 99 6.78 53.36 5.08
C ARG A 99 6.02 52.45 4.09
N SER A 100 6.24 51.15 4.17
CA SER A 100 5.49 50.19 3.33
C SER A 100 4.03 50.01 3.76
N PHE A 101 3.72 50.30 5.03
CA PHE A 101 2.38 50.12 5.55
C PHE A 101 1.69 51.40 5.99
N SER A 102 2.46 52.46 6.22
CA SER A 102 1.91 53.69 6.81
C SER A 102 0.80 54.33 5.99
N GLY A 103 0.86 54.18 4.67
CA GLY A 103 -0.27 54.51 3.78
C GLY A 103 -1.59 53.78 4.01
N LEU A 104 -1.55 52.56 4.56
CA LEU A 104 -2.73 51.67 4.54
C LEU A 104 -3.64 51.98 5.73
N THR A 105 -4.35 53.08 5.54
CA THR A 105 -5.08 53.74 6.59
C THR A 105 -6.19 52.91 7.21
N TYR A 106 -6.68 51.91 6.47
CA TYR A 106 -7.75 51.02 6.97
C TYR A 106 -7.30 49.61 7.33
N LEU A 107 -5.99 49.39 7.47
CA LEU A 107 -5.43 48.05 7.66
C LEU A 107 -5.70 47.59 9.09
N LYS A 108 -6.55 46.57 9.23
CA LYS A 108 -6.91 46.01 10.52
C LYS A 108 -6.13 44.74 10.88
N SER A 109 -5.52 44.05 9.91
CA SER A 109 -4.88 42.75 10.16
C SER A 109 -3.62 42.60 9.35
N LEU A 110 -2.54 42.26 10.01
CA LEU A 110 -1.29 42.02 9.32
C LEU A 110 -0.60 40.73 9.86
N TYR A 111 -0.55 39.72 9.00
CA TYR A 111 0.18 38.48 9.27
C TYR A 111 1.54 38.48 8.53
N LEU A 112 2.65 38.47 9.28
CA LEU A 112 3.99 38.35 8.74
C LEU A 112 4.74 37.19 9.37
N ASP A 113 4.02 36.11 9.65
CA ASP A 113 4.63 34.93 10.26
C ASP A 113 5.65 34.28 9.33
N GLY A 114 6.66 33.62 9.89
CA GLY A 114 7.50 32.78 9.07
C GLY A 114 8.25 33.50 7.96
N ASN A 115 8.88 34.64 8.28
CA ASN A 115 9.70 35.40 7.32
C ASN A 115 11.14 35.72 7.80
N GLN A 116 11.56 35.14 8.91
CA GLN A 116 12.89 35.36 9.50
C GLN A 116 13.17 36.81 9.87
N LEU A 117 12.12 37.53 10.25
CA LEU A 117 12.26 38.90 10.66
C LEU A 117 13.08 38.97 11.97
N LEU A 118 13.95 39.97 12.05
CA LEU A 118 14.77 40.21 13.24
C LEU A 118 14.13 41.18 14.24
N GLU A 119 13.13 41.94 13.81
CA GLU A 119 12.56 43.01 14.62
C GLU A 119 11.09 43.24 14.30
N ILE A 120 10.39 43.86 15.24
CA ILE A 120 8.99 44.20 15.03
C ILE A 120 8.88 45.34 14.03
N PRO A 121 8.35 45.04 12.82
CA PRO A 121 8.27 46.06 11.75
C PRO A 121 7.63 47.35 12.25
N GLN A 122 8.31 48.46 11.98
CA GLN A 122 7.88 49.78 12.43
C GLN A 122 7.08 50.52 11.34
N GLY A 123 6.52 51.67 11.68
CA GLY A 123 5.77 52.43 10.72
C GLY A 123 4.42 51.80 10.38
N LEU A 124 3.82 51.12 11.35
CA LEU A 124 2.54 50.46 11.11
C LEU A 124 1.41 51.40 11.43
N PRO A 125 0.29 51.24 10.72
CA PRO A 125 -0.80 52.19 10.87
C PRO A 125 -1.64 51.99 12.12
N PRO A 126 -2.16 53.09 12.66
CA PRO A 126 -2.85 53.02 13.94
C PRO A 126 -4.20 52.31 13.89
N SER A 127 -4.68 51.96 12.70
CA SER A 127 -5.94 51.16 12.52
C SER A 127 -5.77 49.69 12.91
N LEU A 128 -4.51 49.27 13.04
CA LEU A 128 -4.14 47.88 13.17
C LEU A 128 -4.65 47.25 14.46
N GLN A 129 -5.44 46.17 14.31
CA GLN A 129 -5.99 45.38 15.40
C GLN A 129 -5.30 44.04 15.62
N LEU A 130 -4.84 43.38 14.56
CA LEU A 130 -4.22 42.06 14.67
C LEU A 130 -2.87 42.09 14.03
N LEU A 131 -1.82 41.74 14.78
CA LEU A 131 -0.45 41.62 14.23
C LEU A 131 0.07 40.26 14.59
N SER A 132 0.55 39.53 13.57
CA SER A 132 1.04 38.16 13.77
C SER A 132 2.46 38.06 13.28
N LEU A 133 3.34 37.63 14.16
CA LEU A 133 4.77 37.56 13.86
C LEU A 133 5.36 36.20 14.28
N GLU A 134 4.54 35.15 14.26
CA GLU A 134 4.99 33.82 14.67
C GLU A 134 6.12 33.34 13.74
N ALA A 135 7.04 32.56 14.28
CA ALA A 135 8.09 31.91 13.48
C ALA A 135 8.99 32.89 12.76
N ASN A 136 9.22 34.05 13.38
CA ASN A 136 10.33 34.94 12.98
C ASN A 136 11.53 34.76 13.91
N ASN A 137 12.46 35.73 13.97
CA ASN A 137 13.62 35.70 14.88
C ASN A 137 13.68 36.98 15.76
N ILE A 138 12.56 37.26 16.40
CA ILE A 138 12.37 38.41 17.25
C ILE A 138 12.27 37.82 18.64
N PHE A 139 13.32 38.02 19.44
CA PHE A 139 13.40 37.42 20.77
C PHE A 139 13.82 38.40 21.88
N SER A 140 13.47 39.66 21.64
CA SER A 140 13.67 40.76 22.57
C SER A 140 12.62 41.84 22.27
N ILE A 141 11.65 41.99 23.19
CA ILE A 141 10.53 42.93 23.07
C ILE A 141 10.85 44.13 23.97
N ARG A 142 10.79 45.33 23.39
CA ARG A 142 11.12 46.56 24.10
C ARG A 142 9.94 47.50 23.98
N LYS A 143 9.59 48.15 25.10
CA LYS A 143 8.45 49.06 25.17
C LYS A 143 8.39 50.03 24.01
N GLU A 144 9.56 50.51 23.59
CA GLU A 144 9.69 51.51 22.51
C GLU A 144 9.14 51.05 21.17
N GLN A 145 9.41 49.79 20.84
CA GLN A 145 8.95 49.16 19.59
C GLN A 145 7.46 48.84 19.56
N LEU A 146 6.83 48.82 20.73
CA LEU A 146 5.38 48.63 20.80
C LEU A 146 4.53 49.89 20.82
N THR A 147 5.13 51.09 20.77
CA THR A 147 4.35 52.34 20.86
C THR A 147 3.46 52.52 19.64
N GLU A 148 3.93 52.09 18.47
CA GLU A 148 3.07 52.04 17.24
C GLU A 148 1.78 51.21 17.43
N LEU A 149 1.75 50.22 18.35
CA LEU A 149 0.61 49.32 18.44
C LEU A 149 -0.48 49.73 19.42
N ALA A 150 -0.65 51.03 19.63
CA ALA A 150 -1.62 51.56 20.62
C ALA A 150 -3.03 50.96 20.51
N ASN A 151 -3.52 50.71 19.30
CA ASN A 151 -4.89 50.21 19.13
C ASN A 151 -5.01 48.70 18.94
N ILE A 152 -3.89 47.99 19.13
CA ILE A 152 -3.81 46.57 18.84
C ILE A 152 -4.64 45.76 19.85
N GLU A 153 -5.34 44.74 19.34
CA GLU A 153 -6.14 43.83 20.14
C GLU A 153 -5.60 42.41 20.22
N ILE A 154 -4.87 41.97 19.19
CA ILE A 154 -4.46 40.58 19.02
C ILE A 154 -3.02 40.59 18.55
N LEU A 155 -2.15 39.96 19.33
CA LEU A 155 -0.73 40.00 19.08
C LEU A 155 -0.13 38.60 19.29
N TYR A 156 0.35 38.00 18.19
CA TYR A 156 0.91 36.66 18.17
C TYR A 156 2.41 36.80 18.00
N LEU A 157 3.17 36.41 19.03
CA LEU A 157 4.62 36.56 19.01
C LEU A 157 5.39 35.26 19.17
N GLY A 158 4.69 34.13 19.18
CA GLY A 158 5.28 32.84 19.51
C GLY A 158 6.11 32.16 18.43
N GLN A 159 6.76 31.07 18.80
CA GLN A 159 7.59 30.29 17.90
C GLN A 159 8.79 31.06 17.33
N ASN A 160 9.24 32.10 18.03
CA ASN A 160 10.44 32.83 17.66
C ASN A 160 11.72 32.32 18.33
N CYS A 161 11.59 31.44 19.33
CA CYS A 161 12.77 30.88 19.97
C CYS A 161 12.47 29.55 20.61
N TYR A 162 12.67 28.49 19.84
CA TYR A 162 12.47 27.10 20.29
C TYR A 162 13.19 26.09 19.37
N TYR A 163 13.10 24.80 19.64
CA TYR A 163 13.98 23.85 18.96
C TYR A 163 13.87 23.83 17.41
N ARG A 164 12.71 24.12 16.83
CA ARG A 164 12.59 24.20 15.37
C ARG A 164 13.09 25.55 14.82
N ASN A 165 13.36 26.50 15.70
CA ASN A 165 13.73 27.85 15.30
C ASN A 165 14.43 28.53 16.46
N PRO A 166 15.61 28.05 16.77
CA PRO A 166 16.28 28.49 18.00
C PRO A 166 16.85 29.90 17.94
N CYS A 167 16.81 30.64 19.07
CA CYS A 167 17.51 31.91 19.20
C CYS A 167 18.77 31.83 20.04
N TYR A 168 18.99 30.69 20.69
CA TYR A 168 20.20 30.47 21.51
C TYR A 168 20.32 31.36 22.77
N VAL A 169 19.26 32.09 23.16
CA VAL A 169 19.25 32.84 24.44
C VAL A 169 17.86 32.79 25.08
N SER A 170 17.76 33.30 26.29
CA SER A 170 16.45 33.57 26.86
C SER A 170 15.72 34.69 26.14
N TYR A 171 14.40 34.62 26.15
CA TYR A 171 13.56 35.65 25.58
C TYR A 171 13.65 36.83 26.55
N SER A 172 13.57 38.07 26.07
CA SER A 172 13.60 39.27 26.94
C SER A 172 12.41 40.13 26.66
N ILE A 173 11.77 40.55 27.74
CA ILE A 173 10.65 41.45 27.66
C ILE A 173 10.95 42.55 28.67
N GLU A 174 11.03 43.80 28.23
CA GLU A 174 11.19 44.88 29.17
C GLU A 174 10.00 44.96 30.10
N LYS A 175 10.28 45.35 31.34
CA LYS A 175 9.28 45.70 32.33
C LYS A 175 8.18 46.57 31.66
N ASP A 176 6.92 46.18 31.87
CA ASP A 176 5.73 46.96 31.46
C ASP A 176 5.61 47.17 29.93
N ALA A 177 6.31 46.32 29.17
CA ALA A 177 6.37 46.44 27.73
C ALA A 177 5.02 46.57 27.09
N PHE A 178 4.08 45.72 27.52
CA PHE A 178 2.75 45.67 26.98
C PHE A 178 1.73 46.52 27.74
N LEU A 179 2.12 47.16 28.84
CA LEU A 179 1.15 47.82 29.75
C LEU A 179 0.32 48.91 29.08
N ASN A 180 0.98 49.76 28.31
CA ASN A 180 0.31 50.87 27.62
C ASN A 180 -0.46 50.46 26.34
N LEU A 181 -0.47 49.19 25.98
CA LEU A 181 -1.33 48.67 24.90
C LEU A 181 -2.69 48.45 25.54
N THR A 182 -3.45 49.53 25.68
CA THR A 182 -4.67 49.53 26.48
C THR A 182 -5.89 48.86 25.86
N LYS A 183 -5.75 48.31 24.64
CA LYS A 183 -6.83 47.57 23.98
C LYS A 183 -6.53 46.08 23.75
N LEU A 184 -5.35 45.62 24.18
CA LEU A 184 -4.88 44.26 23.92
C LEU A 184 -5.73 43.22 24.61
N LYS A 185 -6.36 42.36 23.83
CA LYS A 185 -7.22 41.28 24.30
C LYS A 185 -6.50 39.93 24.30
N VAL A 186 -5.69 39.66 23.28
CA VAL A 186 -5.05 38.34 23.07
C VAL A 186 -3.57 38.51 22.89
N LEU A 187 -2.78 37.86 23.75
CA LEU A 187 -1.33 37.90 23.68
C LEU A 187 -0.82 36.47 23.76
N SER A 188 -0.01 36.08 22.77
CA SER A 188 0.52 34.73 22.64
C SER A 188 2.01 34.81 22.58
N LEU A 189 2.70 34.23 23.57
CA LEU A 189 4.18 34.25 23.64
C LEU A 189 4.69 32.83 23.76
N LYS A 190 3.91 31.89 23.25
CA LYS A 190 4.22 30.48 23.28
C LYS A 190 5.52 30.12 22.54
N ASP A 191 6.09 28.97 22.87
CA ASP A 191 7.25 28.42 22.14
C ASP A 191 8.37 29.46 21.96
N ASN A 192 8.71 30.17 23.04
CA ASN A 192 9.62 31.33 22.95
C ASN A 192 10.79 31.38 23.93
N ASN A 193 11.03 30.33 24.72
CA ASN A 193 12.13 30.38 25.70
C ASN A 193 11.98 31.58 26.68
N VAL A 194 10.74 31.88 27.04
CA VAL A 194 10.42 32.88 28.05
C VAL A 194 10.74 32.34 29.45
N THR A 195 11.33 33.18 30.32
CA THR A 195 11.71 32.75 31.70
C THR A 195 10.84 33.25 32.82
N THR A 196 10.03 34.28 32.58
CA THR A 196 9.07 34.78 33.60
C THR A 196 7.87 35.38 32.95
N VAL A 197 6.74 35.33 33.66
CA VAL A 197 5.54 35.97 33.17
C VAL A 197 5.91 37.45 33.07
N PRO A 198 5.82 38.06 31.86
CA PRO A 198 6.11 39.46 31.76
C PRO A 198 5.07 40.26 32.54
N THR A 199 5.49 41.38 33.13
CA THR A 199 4.57 42.21 33.92
C THR A 199 4.93 43.67 33.68
N VAL A 200 4.01 44.61 33.90
CA VAL A 200 2.59 44.35 34.23
C VAL A 200 1.91 44.24 32.88
N LEU A 201 0.87 43.43 32.82
CA LEU A 201 0.14 43.23 31.58
C LEU A 201 -1.11 44.08 31.59
N PRO A 202 -1.61 44.46 30.41
CA PRO A 202 -2.79 45.30 30.41
C PRO A 202 -3.99 44.50 30.85
N SER A 203 -4.89 45.15 31.59
CA SER A 203 -6.00 44.48 32.31
C SER A 203 -7.13 44.14 31.37
N THR A 204 -6.95 44.54 30.16
CA THR A 204 -7.91 44.38 29.15
C THR A 204 -7.84 42.95 28.50
N LEU A 205 -6.76 42.18 28.79
CA LEU A 205 -6.56 40.80 28.25
C LEU A 205 -7.66 39.82 28.52
N THR A 206 -8.08 39.13 27.46
CA THR A 206 -8.98 38.01 27.58
C THR A 206 -8.27 36.68 27.47
N GLU A 207 -7.19 36.63 26.70
CA GLU A 207 -6.52 35.37 26.42
C GLU A 207 -5.05 35.57 26.53
N LEU A 208 -4.38 34.73 27.31
CA LEU A 208 -2.93 34.79 27.49
C LEU A 208 -2.37 33.39 27.30
N TYR A 209 -1.45 33.25 26.35
CA TYR A 209 -0.83 31.99 25.97
C TYR A 209 0.65 32.11 26.29
N LEU A 210 1.09 31.42 27.35
CA LEU A 210 2.50 31.35 27.74
C LEU A 210 3.05 29.92 27.73
N TYR A 211 2.41 29.00 27.01
CA TYR A 211 2.86 27.61 27.02
C TYR A 211 4.14 27.31 26.27
N ASN A 212 4.73 26.16 26.56
CA ASN A 212 6.03 25.73 26.01
C ASN A 212 7.11 26.80 26.13
N ASN A 213 7.52 27.07 27.35
CA ASN A 213 8.53 28.10 27.65
C ASN A 213 9.48 27.59 28.78
N MET A 214 10.24 28.45 29.45
CA MET A 214 11.13 28.05 30.55
C MET A 214 10.81 28.88 31.79
N ILE A 215 9.53 28.93 32.13
CA ILE A 215 9.03 29.63 33.29
C ILE A 215 8.98 28.59 34.40
N ALA A 216 9.83 28.75 35.41
CA ALA A 216 9.88 27.81 36.55
C ALA A 216 8.92 28.15 37.71
N GLU A 217 8.53 29.43 37.80
CA GLU A 217 7.76 29.94 38.91
C GLU A 217 6.78 30.94 38.43
N ILE A 218 5.63 30.99 39.07
CA ILE A 218 4.67 32.06 38.93
C ILE A 218 4.69 32.88 40.21
N GLN A 219 4.90 34.19 40.10
CA GLN A 219 4.79 35.10 41.25
C GLN A 219 3.33 35.31 41.58
N GLU A 220 3.02 35.62 42.83
CA GLU A 220 1.64 35.70 43.28
C GLU A 220 0.90 36.86 42.68
N ASP A 221 1.63 37.86 42.20
CA ASP A 221 1.00 39.03 41.56
C ASP A 221 1.08 38.98 40.01
N ASP A 222 1.65 37.92 39.43
CA ASP A 222 1.83 37.86 37.99
C ASP A 222 0.52 38.10 37.19
N PHE A 223 -0.63 37.65 37.70
CA PHE A 223 -1.92 37.85 37.03
C PHE A 223 -2.92 38.71 37.84
N ASN A 224 -2.39 39.61 38.66
CA ASN A 224 -3.22 40.41 39.63
C ASN A 224 -4.27 41.29 39.05
N ASN A 225 -3.92 41.95 37.97
CA ASN A 225 -4.83 42.91 37.39
C ASN A 225 -5.72 42.32 36.27
N LEU A 226 -5.63 41.02 36.00
CA LEU A 226 -6.22 40.43 34.78
C LEU A 226 -7.65 39.94 34.98
N ASN A 227 -8.51 40.88 35.37
CA ASN A 227 -9.88 40.57 35.77
C ASN A 227 -10.83 40.33 34.61
N GLN A 228 -10.36 40.52 33.36
CA GLN A 228 -11.12 40.14 32.15
C GLN A 228 -10.67 38.84 31.49
N LEU A 229 -9.62 38.21 32.01
CA LEU A 229 -8.98 37.04 31.40
C LEU A 229 -9.89 35.82 31.40
N GLN A 230 -10.10 35.23 30.22
CA GLN A 230 -10.98 34.05 30.00
C GLN A 230 -10.21 32.77 29.72
N ILE A 231 -9.05 32.90 29.09
CA ILE A 231 -8.23 31.77 28.76
C ILE A 231 -6.79 32.02 29.25
N LEU A 232 -6.25 31.06 29.99
CA LEU A 232 -4.88 31.11 30.42
C LEU A 232 -4.26 29.76 30.14
N ASP A 233 -3.14 29.73 29.41
CA ASP A 233 -2.43 28.49 29.12
C ASP A 233 -0.96 28.64 29.53
N LEU A 234 -0.56 27.84 30.52
CA LEU A 234 0.77 27.84 31.07
C LEU A 234 1.41 26.49 30.88
N SER A 235 0.83 25.69 29.99
CA SER A 235 1.31 24.30 29.74
C SER A 235 2.77 24.21 29.32
N GLY A 236 3.42 23.08 29.51
CA GLY A 236 4.79 22.92 29.00
C GLY A 236 5.86 23.85 29.57
N ASN A 237 5.68 24.29 30.80
CA ASN A 237 6.73 24.94 31.61
C ASN A 237 7.00 23.98 32.79
N CYS A 238 8.22 23.49 32.90
CA CYS A 238 8.52 22.27 33.70
C CYS A 238 7.77 21.06 33.15
N PRO A 239 8.11 20.69 31.91
CA PRO A 239 7.40 19.60 31.26
C PRO A 239 7.71 18.24 31.84
N ARG A 240 6.77 17.33 31.69
CA ARG A 240 6.95 15.91 31.95
C ARG A 240 7.53 15.33 30.69
N CYS A 241 8.78 14.90 30.74
CA CYS A 241 9.54 14.60 29.53
C CYS A 241 9.60 13.12 29.12
N TYR A 242 9.01 12.22 29.89
CA TYR A 242 9.08 10.78 29.62
C TYR A 242 8.32 10.42 28.34
N ASN A 243 8.99 9.66 27.46
CA ASN A 243 8.52 9.38 26.09
C ASN A 243 8.03 10.61 25.32
N ALA A 244 8.63 11.77 25.56
CA ALA A 244 8.25 12.97 24.83
C ALA A 244 8.80 12.80 23.42
N PRO A 245 8.02 13.15 22.41
CA PRO A 245 8.51 13.02 21.04
C PRO A 245 8.95 14.35 20.44
N PHE A 246 9.46 15.22 21.28
CA PHE A 246 10.14 16.43 20.84
C PHE A 246 11.22 16.59 21.89
N PRO A 247 12.30 17.35 21.62
CA PRO A 247 13.30 17.55 22.67
C PRO A 247 12.68 18.26 23.88
N CYS A 248 13.11 17.88 25.07
CA CYS A 248 12.38 18.17 26.29
C CYS A 248 13.35 18.32 27.45
N THR A 249 13.37 19.50 28.04
CA THR A 249 14.19 19.75 29.22
C THR A 249 13.30 20.03 30.42
N PRO A 250 13.34 19.14 31.42
CA PRO A 250 12.56 19.35 32.64
C PRO A 250 13.24 20.34 33.55
N CYS A 251 12.45 20.95 34.43
CA CYS A 251 12.96 21.75 35.57
C CYS A 251 13.79 20.81 36.43
N LYS A 252 14.87 21.32 36.99
CA LYS A 252 15.78 20.50 37.80
C LYS A 252 15.03 19.92 38.99
N ASN A 253 15.57 18.82 39.53
CA ASN A 253 15.07 18.17 40.75
C ASN A 253 13.62 17.70 40.63
N ASN A 254 13.22 17.35 39.41
CA ASN A 254 11.82 16.99 39.12
C ASN A 254 10.78 17.97 39.69
N SER A 255 11.10 19.24 39.64
CA SER A 255 10.29 20.23 40.31
C SER A 255 9.09 20.54 39.40
N PRO A 256 7.95 20.88 39.98
CA PRO A 256 6.85 21.35 39.15
C PRO A 256 7.01 22.83 38.83
N LEU A 257 6.18 23.31 37.91
CA LEU A 257 5.90 24.72 37.80
C LEU A 257 5.29 25.09 39.14
N GLN A 258 5.90 26.07 39.82
CA GLN A 258 5.47 26.47 41.17
C GLN A 258 4.48 27.61 41.03
N ILE A 259 3.28 27.41 41.56
CA ILE A 259 2.21 28.39 41.45
C ILE A 259 1.63 28.68 42.81
N PRO A 260 1.74 29.92 43.25
CA PRO A 260 1.20 30.24 44.56
C PRO A 260 -0.27 29.91 44.61
N VAL A 261 -0.74 29.56 45.78
CA VAL A 261 -2.12 29.19 45.97
C VAL A 261 -3.08 30.35 45.60
N ASN A 262 -2.62 31.59 45.73
CA ASN A 262 -3.47 32.77 45.43
C ASN A 262 -3.27 33.35 44.02
N ALA A 263 -2.48 32.66 43.20
CA ALA A 263 -2.08 33.19 41.90
C ALA A 263 -3.21 33.56 40.96
N PHE A 264 -4.34 32.86 41.07
CA PHE A 264 -5.46 33.05 40.17
C PHE A 264 -6.61 33.90 40.74
N ASP A 265 -6.44 34.48 41.93
CA ASP A 265 -7.54 35.13 42.64
C ASP A 265 -8.24 36.24 41.89
N ALA A 266 -7.47 36.98 41.09
CA ALA A 266 -8.07 38.04 40.28
C ALA A 266 -8.89 37.53 39.07
N LEU A 267 -8.72 36.25 38.72
CA LEU A 267 -9.22 35.74 37.44
C LEU A 267 -10.66 35.25 37.50
N THR A 268 -11.60 36.15 37.83
CA THR A 268 -13.00 35.75 38.11
C THR A 268 -13.76 35.37 36.86
N GLU A 269 -13.32 35.92 35.73
CA GLU A 269 -13.87 35.58 34.42
C GLU A 269 -13.26 34.33 33.76
N LEU A 270 -12.26 33.71 34.37
CA LEU A 270 -11.54 32.60 33.73
C LEU A 270 -12.44 31.41 33.34
N LYS A 271 -12.42 31.06 32.06
CA LYS A 271 -13.23 29.97 31.52
C LYS A 271 -12.38 28.74 31.21
N VAL A 272 -11.14 28.97 30.78
CA VAL A 272 -10.20 27.91 30.37
C VAL A 272 -8.85 28.06 31.06
N LEU A 273 -8.41 26.99 31.72
CA LEU A 273 -7.11 26.94 32.37
C LEU A 273 -6.41 25.70 31.91
N ARG A 274 -5.27 25.87 31.23
CA ARG A 274 -4.53 24.77 30.71
C ARG A 274 -3.24 24.67 31.47
N LEU A 275 -3.09 23.56 32.20
CA LEU A 275 -1.87 23.26 32.92
C LEU A 275 -1.39 21.87 32.52
N HIS A 276 -1.28 21.68 31.21
CA HIS A 276 -0.80 20.42 30.64
C HIS A 276 0.73 20.42 30.77
N SER A 277 1.31 19.30 31.18
CA SER A 277 2.78 19.10 31.14
C SER A 277 3.55 20.16 31.94
N ASN A 278 3.16 20.28 33.22
CA ASN A 278 3.79 21.14 34.17
C ASN A 278 4.31 20.36 35.38
N SER A 279 4.37 19.03 35.28
CA SER A 279 4.96 18.16 36.30
C SER A 279 4.35 18.35 37.68
N LEU A 280 3.07 18.67 37.73
CA LEU A 280 2.35 18.89 38.98
C LEU A 280 2.12 17.59 39.76
N GLN A 281 2.39 17.61 41.05
CA GLN A 281 2.12 16.48 41.92
C GLN A 281 0.87 16.68 42.72
N HIS A 282 0.43 17.92 42.89
CA HIS A 282 -0.75 18.26 43.71
C HIS A 282 -1.49 19.39 43.00
N VAL A 283 -2.80 19.43 43.22
CA VAL A 283 -3.66 20.44 42.66
C VAL A 283 -4.33 21.04 43.88
N PRO A 284 -3.78 22.13 44.42
CA PRO A 284 -4.35 22.68 45.65
C PRO A 284 -5.73 23.29 45.41
N PRO A 285 -6.74 22.90 46.22
CA PRO A 285 -8.08 23.47 46.14
C PRO A 285 -8.08 24.97 46.17
N ARG A 286 -7.21 25.53 47.01
CA ARG A 286 -7.14 26.96 47.18
C ARG A 286 -7.01 27.75 45.84
N TRP A 287 -6.32 27.18 44.84
CA TRP A 287 -6.23 27.76 43.47
C TRP A 287 -7.59 28.23 42.94
N PHE A 288 -8.63 27.39 43.13
CA PHE A 288 -9.93 27.63 42.49
C PHE A 288 -10.93 28.37 43.36
N LYS A 289 -10.50 28.91 44.50
CA LYS A 289 -11.39 29.59 45.46
C LYS A 289 -12.21 30.72 44.86
N ASN A 290 -11.61 31.64 44.11
CA ASN A 290 -12.36 32.76 43.48
C ASN A 290 -12.61 32.62 41.97
N ILE A 291 -12.55 31.40 41.46
CA ILE A 291 -12.97 31.14 40.08
C ILE A 291 -14.11 30.14 40.09
N ASN A 292 -15.32 30.60 39.82
CA ASN A 292 -16.47 29.70 39.79
C ASN A 292 -16.98 29.44 38.41
N ASN A 293 -16.65 30.32 37.47
CA ASN A 293 -17.09 30.21 36.10
C ASN A 293 -16.18 29.29 35.23
N LEU A 294 -15.30 28.48 35.84
CA LEU A 294 -14.34 27.69 35.08
C LEU A 294 -14.99 26.48 34.43
N GLN A 295 -14.77 26.38 33.11
CA GLN A 295 -15.46 25.43 32.23
C GLN A 295 -14.58 24.35 31.67
N GLU A 296 -13.32 24.69 31.40
CA GLU A 296 -12.36 23.77 30.82
C GLU A 296 -11.05 23.77 31.63
N LEU A 297 -10.66 22.60 32.10
CA LEU A 297 -9.40 22.40 32.81
C LEU A 297 -8.60 21.24 32.25
N ASP A 298 -7.38 21.53 31.80
CA ASP A 298 -6.49 20.51 31.25
C ASP A 298 -5.35 20.29 32.22
N LEU A 299 -5.35 19.11 32.84
CA LEU A 299 -4.28 18.64 33.75
C LEU A 299 -3.56 17.38 33.23
N SER A 300 -3.57 17.22 31.92
CA SER A 300 -2.87 16.13 31.29
C SER A 300 -1.34 16.30 31.41
N GLN A 301 -0.64 15.17 31.48
CA GLN A 301 0.82 15.12 31.47
C GLN A 301 1.48 15.74 32.70
N ASN A 302 0.93 15.45 33.86
CA ASN A 302 1.54 15.80 35.11
C ASN A 302 1.84 14.49 35.86
N PHE A 303 2.04 14.56 37.16
CA PHE A 303 2.23 13.36 37.99
C PHE A 303 1.11 13.35 39.02
N LEU A 304 -0.13 13.29 38.53
CA LEU A 304 -1.32 13.40 39.35
C LEU A 304 -2.04 12.09 39.58
N ALA A 305 -1.35 10.96 39.41
CA ALA A 305 -1.98 9.63 39.65
C ALA A 305 -2.58 9.54 41.05
N LYS A 306 -1.78 9.78 42.09
CA LYS A 306 -2.25 9.77 43.48
C LYS A 306 -3.39 10.77 43.67
N GLU A 307 -3.14 12.02 43.26
CA GLU A 307 -4.12 13.11 43.37
C GLU A 307 -5.49 12.76 42.75
N ILE A 308 -5.52 11.95 41.69
CA ILE A 308 -6.80 11.53 41.09
C ILE A 308 -7.69 10.82 42.13
N GLY A 309 -7.08 10.14 43.09
CA GLY A 309 -7.79 9.40 44.11
C GLY A 309 -8.31 10.24 45.25
N ASP A 310 -7.87 11.50 45.31
CA ASP A 310 -8.21 12.43 46.38
C ASP A 310 -8.92 13.62 45.78
N ALA A 311 -8.19 14.47 45.05
CA ALA A 311 -8.78 15.55 44.24
C ALA A 311 -9.82 16.42 44.93
N LYS A 312 -9.48 16.96 46.10
CA LYS A 312 -10.42 17.81 46.83
C LYS A 312 -10.81 19.02 46.01
N PHE A 313 -9.89 19.49 45.16
CA PHE A 313 -10.12 20.67 44.31
C PHE A 313 -11.39 20.59 43.45
N LEU A 314 -11.88 19.39 43.15
CA LEU A 314 -13.09 19.22 42.33
C LEU A 314 -14.35 19.84 42.94
N HIS A 315 -14.40 19.88 44.28
CA HIS A 315 -15.53 20.48 44.99
C HIS A 315 -15.69 21.98 44.67
N PHE A 316 -14.64 22.59 44.12
CA PHE A 316 -14.66 24.01 43.77
C PHE A 316 -15.03 24.26 42.29
N LEU A 317 -15.52 23.24 41.57
CA LEU A 317 -15.65 23.33 40.12
C LEU A 317 -17.01 22.86 39.60
N PRO A 318 -18.09 23.35 40.21
CA PRO A 318 -19.42 22.86 39.79
C PRO A 318 -19.89 23.29 38.38
N ASN A 319 -19.24 24.27 37.77
CA ASN A 319 -19.58 24.68 36.38
C ASN A 319 -18.68 24.07 35.28
N LEU A 320 -17.78 23.16 35.67
CA LEU A 320 -16.79 22.65 34.76
C LEU A 320 -17.43 21.71 33.72
N ILE A 321 -17.21 22.03 32.45
CA ILE A 321 -17.72 21.25 31.31
C ILE A 321 -16.77 20.12 30.90
N GLN A 322 -15.48 20.43 30.75
CA GLN A 322 -14.42 19.44 30.35
C GLN A 322 -13.33 19.33 31.40
N LEU A 323 -12.92 18.09 31.68
CA LEU A 323 -11.77 17.84 32.49
C LEU A 323 -10.87 16.82 31.82
N ASP A 324 -9.61 17.17 31.71
CA ASP A 324 -8.61 16.26 31.21
C ASP A 324 -7.52 15.88 32.24
N LEU A 325 -7.47 14.61 32.60
CA LEU A 325 -6.48 14.08 33.53
C LEU A 325 -5.59 13.01 32.90
N SER A 326 -5.45 13.08 31.57
CA SER A 326 -4.75 12.07 30.80
C SER A 326 -3.24 12.07 31.00
N PHE A 327 -2.66 10.89 30.88
CA PHE A 327 -1.22 10.69 31.00
C PHE A 327 -0.64 11.29 32.30
N ASN A 328 -1.21 10.84 33.42
CA ASN A 328 -0.67 11.09 34.76
C ASN A 328 -0.02 9.88 35.43
N PHE A 329 0.16 8.79 34.70
CA PHE A 329 0.66 7.55 35.27
C PHE A 329 1.99 7.70 35.96
N GLU A 330 2.20 6.90 37.01
CA GLU A 330 3.51 6.82 37.64
C GLU A 330 4.43 5.99 36.79
N LEU A 331 5.66 6.47 36.54
CA LEU A 331 6.61 5.68 35.73
C LEU A 331 6.80 4.30 36.34
N GLN A 332 6.83 3.27 35.51
CA GLN A 332 7.12 1.87 35.92
C GLN A 332 6.05 1.18 36.76
N VAL A 333 4.87 1.77 36.89
CA VAL A 333 3.82 1.21 37.71
C VAL A 333 2.61 0.79 36.85
N TYR A 334 2.10 -0.40 37.12
CA TYR A 334 0.92 -0.91 36.45
C TYR A 334 -0.09 -1.17 37.54
N ARG A 335 -0.84 -0.14 37.89
CA ARG A 335 -1.88 -0.24 38.91
C ARG A 335 -2.87 -1.34 38.62
N ALA A 336 -3.38 -1.94 39.68
CA ALA A 336 -4.41 -2.97 39.58
C ALA A 336 -5.75 -2.37 39.18
N SER A 337 -6.01 -1.14 39.58
CA SER A 337 -7.31 -0.52 39.38
C SER A 337 -7.20 0.98 39.32
N MET A 338 -8.30 1.61 38.89
CA MET A 338 -8.40 3.04 38.85
C MET A 338 -9.16 3.51 40.08
N ASN A 339 -8.50 4.39 40.83
CA ASN A 339 -9.02 4.98 42.02
C ASN A 339 -9.42 6.41 41.68
N LEU A 340 -10.71 6.59 41.42
CA LEU A 340 -11.32 7.92 41.27
C LEU A 340 -11.93 8.38 42.57
N SER A 341 -11.46 9.50 43.10
CA SER A 341 -12.03 10.12 44.28
C SER A 341 -13.56 10.26 44.18
N GLN A 342 -14.27 10.17 45.30
CA GLN A 342 -15.70 10.57 45.35
C GLN A 342 -15.91 12.01 44.92
N ALA A 343 -14.87 12.83 45.02
CA ALA A 343 -14.99 14.25 44.70
C ALA A 343 -15.45 14.48 43.25
N PHE A 344 -15.20 13.51 42.36
CA PHE A 344 -15.74 13.54 40.99
C PHE A 344 -17.25 13.75 40.94
N SER A 345 -17.98 13.29 41.97
CA SER A 345 -19.42 13.54 42.06
C SER A 345 -19.84 15.01 42.25
N SER A 346 -18.92 15.93 42.62
CA SER A 346 -19.22 17.39 42.64
C SER A 346 -19.34 18.03 41.28
N LEU A 347 -18.98 17.31 40.20
CA LEU A 347 -18.88 17.91 38.86
C LEU A 347 -20.23 17.98 38.12
N LYS A 348 -21.21 18.64 38.74
CA LYS A 348 -22.60 18.70 38.25
C LYS A 348 -22.68 19.03 36.75
N SER A 349 -21.83 19.95 36.26
CA SER A 349 -21.92 20.40 34.86
C SER A 349 -21.11 19.60 33.82
N LEU A 350 -20.28 18.63 34.29
CA LEU A 350 -19.32 17.92 33.47
C LEU A 350 -19.95 17.15 32.32
N LYS A 351 -19.56 17.52 31.10
CA LYS A 351 -19.87 16.79 29.87
C LYS A 351 -18.76 15.86 29.42
N ILE A 352 -17.51 16.26 29.57
CA ILE A 352 -16.39 15.48 28.98
C ILE A 352 -15.33 15.18 30.03
N LEU A 353 -14.98 13.91 30.22
CA LEU A 353 -13.94 13.52 31.15
C LEU A 353 -12.96 12.60 30.43
N ARG A 354 -11.67 12.93 30.45
CA ARG A 354 -10.66 12.16 29.75
C ARG A 354 -9.61 11.74 30.73
N ILE A 355 -9.37 10.44 30.85
CA ILE A 355 -8.32 9.93 31.72
C ILE A 355 -7.67 8.81 30.98
N ARG A 356 -7.12 9.17 29.82
CA ARG A 356 -6.18 8.30 29.13
C ARG A 356 -4.91 8.12 29.96
N GLY A 357 -4.18 7.05 29.72
CA GLY A 357 -2.86 6.89 30.31
C GLY A 357 -2.77 7.05 31.83
N TYR A 358 -3.78 6.54 32.54
CA TYR A 358 -3.70 6.31 33.96
C TYR A 358 -2.94 5.00 34.16
N VAL A 359 -3.20 4.01 33.31
CA VAL A 359 -2.43 2.77 33.22
C VAL A 359 -2.76 1.83 34.34
N PHE A 360 -3.69 0.92 34.04
CA PHE A 360 -4.21 -0.02 35.02
C PHE A 360 -4.82 -1.26 34.42
N LYS A 361 -4.92 -2.32 35.22
CA LYS A 361 -5.18 -3.67 34.71
C LYS A 361 -6.62 -4.01 34.54
N GLU A 362 -7.44 -3.54 35.46
CA GLU A 362 -8.78 -4.05 35.60
C GLU A 362 -9.72 -2.90 35.92
N LEU A 363 -10.72 -2.71 35.07
CA LEU A 363 -11.79 -1.76 35.28
C LEU A 363 -13.04 -2.44 35.82
N LYS A 364 -13.51 -1.98 36.97
CA LYS A 364 -14.69 -2.56 37.63
C LYS A 364 -15.76 -1.51 37.90
N SER A 365 -17.02 -1.96 37.86
CA SER A 365 -18.20 -1.09 37.79
C SER A 365 -18.20 -0.01 38.82
N PHE A 366 -17.84 -0.39 40.04
CA PHE A 366 -17.97 0.51 41.18
C PHE A 366 -16.92 1.64 41.11
N GLN A 367 -15.76 1.35 40.52
CA GLN A 367 -14.70 2.36 40.33
C GLN A 367 -15.15 3.62 39.59
N LEU A 368 -16.21 3.51 38.77
CA LEU A 368 -16.84 4.64 38.09
C LEU A 368 -18.04 5.21 38.81
N SER A 369 -18.33 4.75 40.04
CA SER A 369 -19.56 5.18 40.75
C SER A 369 -19.61 6.69 41.04
N PRO A 370 -18.42 7.32 41.26
CA PRO A 370 -18.42 8.76 41.37
C PRO A 370 -18.99 9.50 40.18
N LEU A 371 -19.03 8.83 39.02
CA LEU A 371 -19.61 9.40 37.84
C LEU A 371 -21.12 9.10 37.68
N HIS A 372 -21.70 8.25 38.53
CA HIS A 372 -23.09 7.72 38.29
C HIS A 372 -24.17 8.79 38.15
N ASN A 373 -24.12 9.84 38.96
CA ASN A 373 -25.12 10.90 38.87
C ASN A 373 -24.64 12.19 38.22
N LEU A 374 -23.59 12.14 37.40
CA LEU A 374 -23.24 13.33 36.60
C LEU A 374 -24.22 13.42 35.40
N GLN A 375 -25.30 14.18 35.56
CA GLN A 375 -26.44 14.12 34.64
C GLN A 375 -26.05 14.52 33.22
N ASN A 376 -25.07 15.41 33.09
CA ASN A 376 -24.70 15.95 31.78
C ASN A 376 -23.52 15.24 31.12
N LEU A 377 -23.00 14.17 31.72
CA LEU A 377 -21.83 13.54 31.16
C LEU A 377 -22.17 12.95 29.79
N GLU A 378 -21.35 13.28 28.80
CA GLU A 378 -21.50 12.84 27.41
C GLU A 378 -20.35 11.98 26.93
N VAL A 379 -19.12 12.27 27.33
CA VAL A 379 -17.94 11.53 26.87
C VAL A 379 -17.16 11.05 28.08
N LEU A 380 -16.89 9.75 28.15
CA LEU A 380 -15.93 9.22 29.09
C LEU A 380 -14.86 8.50 28.28
N ASP A 381 -13.64 8.99 28.39
CA ASP A 381 -12.52 8.52 27.58
C ASP A 381 -11.47 7.89 28.46
N LEU A 382 -11.40 6.55 28.43
CA LEU A 382 -10.41 5.80 29.20
C LEU A 382 -9.51 5.03 28.28
N GLY A 383 -9.12 5.67 27.16
CA GLY A 383 -8.28 5.05 26.15
C GLY A 383 -6.83 4.93 26.60
N THR A 384 -6.06 4.08 25.95
CA THR A 384 -4.61 4.00 26.16
C THR A 384 -4.31 3.81 27.66
N ASN A 385 -4.96 2.80 28.25
CA ASN A 385 -4.79 2.47 29.67
C ASN A 385 -4.25 1.10 29.98
N PHE A 386 -4.00 0.29 28.94
CA PHE A 386 -3.58 -1.11 29.10
C PHE A 386 -4.52 -1.89 29.98
N ILE A 387 -5.79 -1.56 29.91
CA ILE A 387 -6.81 -2.30 30.61
C ILE A 387 -6.93 -3.68 29.94
N LYS A 388 -6.86 -4.72 30.77
CA LYS A 388 -6.92 -6.13 30.36
C LYS A 388 -8.28 -6.71 30.57
N ILE A 389 -9.03 -6.20 31.55
CA ILE A 389 -10.30 -6.79 31.98
C ILE A 389 -11.34 -5.71 32.24
N ALA A 390 -12.48 -5.79 31.55
CA ALA A 390 -13.62 -4.92 31.82
C ALA A 390 -14.94 -5.57 31.46
N ASN A 391 -15.83 -5.75 32.44
CA ASN A 391 -17.14 -6.26 32.13
C ASN A 391 -17.89 -5.09 31.51
N LEU A 392 -18.11 -5.22 30.19
CA LEU A 392 -18.73 -4.15 29.41
C LEU A 392 -20.13 -3.83 29.87
N SER A 393 -20.78 -4.74 30.57
CA SER A 393 -22.15 -4.51 31.08
C SER A 393 -22.26 -3.36 32.08
N MET A 394 -21.15 -2.99 32.73
CA MET A 394 -21.13 -1.84 33.61
C MET A 394 -21.64 -0.60 32.93
N PHE A 395 -21.51 -0.52 31.61
CA PHE A 395 -21.99 0.66 30.89
C PHE A 395 -23.52 0.78 30.76
N LYS A 396 -24.24 -0.21 31.31
CA LYS A 396 -25.73 -0.12 31.49
C LYS A 396 -26.14 1.07 32.32
N GLN A 397 -25.24 1.51 33.20
CA GLN A 397 -25.41 2.78 33.94
C GLN A 397 -24.93 4.03 33.23
N PHE A 398 -24.70 3.97 31.92
CA PHE A 398 -24.21 5.12 31.17
C PHE A 398 -24.92 5.32 29.82
N LYS A 399 -26.18 4.88 29.71
CA LYS A 399 -27.06 5.16 28.55
C LYS A 399 -27.06 6.65 28.08
N ARG A 400 -26.97 7.60 28.99
CA ARG A 400 -27.03 9.02 28.62
C ARG A 400 -25.80 9.50 27.83
N LEU A 401 -24.68 8.78 27.92
CA LEU A 401 -23.43 9.18 27.26
C LEU A 401 -23.51 9.04 25.77
N LYS A 402 -22.85 9.95 25.06
CA LYS A 402 -22.74 9.93 23.61
C LYS A 402 -21.62 9.05 23.13
N VAL A 403 -20.53 9.01 23.91
CA VAL A 403 -19.32 8.21 23.61
C VAL A 403 -18.65 7.63 24.86
N ILE A 404 -18.35 6.33 24.82
CA ILE A 404 -17.54 5.64 25.81
C ILE A 404 -16.36 5.06 25.04
N ASP A 405 -15.19 5.65 25.25
CA ASP A 405 -14.00 5.36 24.47
C ASP A 405 -13.05 4.51 25.30
N LEU A 406 -12.96 3.22 24.95
CA LEU A 406 -11.95 2.30 25.53
C LEU A 406 -10.91 1.91 24.49
N SER A 407 -10.74 2.78 23.51
CA SER A 407 -9.80 2.62 22.43
C SER A 407 -8.34 2.43 22.91
N VAL A 408 -7.64 1.47 22.31
CA VAL A 408 -6.22 1.29 22.54
C VAL A 408 -5.99 0.79 23.95
N ASN A 409 -6.48 -0.40 24.18
CA ASN A 409 -6.35 -1.01 25.48
C ASN A 409 -6.01 -2.47 25.19
N LYS A 410 -5.96 -3.33 26.20
CA LYS A 410 -5.68 -4.78 26.03
C LYS A 410 -6.86 -5.67 26.50
N ILE A 411 -8.07 -5.12 26.52
CA ILE A 411 -9.28 -5.85 26.89
C ILE A 411 -9.44 -7.14 26.10
N SER A 412 -9.71 -8.25 26.80
CA SER A 412 -10.06 -9.56 26.19
C SER A 412 -10.94 -10.38 27.15
N PRO A 413 -12.24 -10.60 26.80
CA PRO A 413 -13.00 -11.39 27.85
C PRO A 413 -12.72 -12.92 27.84
N VAL A 437 -14.11 14.05 17.94
CA VAL A 437 -12.90 13.49 17.34
C VAL A 437 -11.61 14.27 17.74
N LEU A 438 -10.55 13.55 18.15
CA LEU A 438 -9.19 14.09 18.42
C LEU A 438 -8.15 13.44 17.50
N GLU A 439 -7.21 14.23 16.96
CA GLU A 439 -6.12 13.70 16.10
C GLU A 439 -5.28 12.60 16.79
N GLN A 440 -4.64 11.71 16.01
CA GLN A 440 -3.92 10.55 16.58
C GLN A 440 -2.63 10.93 17.34
N LEU A 441 -1.97 12.01 16.89
CA LEU A 441 -0.92 12.72 17.68
C LEU A 441 -1.57 14.00 18.28
N TYR A 442 -2.22 13.82 19.43
CA TYR A 442 -2.94 14.89 20.14
C TYR A 442 -2.22 15.17 21.45
N TYR A 443 -2.15 14.16 22.32
CA TYR A 443 -1.55 14.31 23.66
C TYR A 443 -0.01 14.43 23.70
N PHE A 444 0.62 13.98 22.62
CA PHE A 444 2.07 13.94 22.58
C PHE A 444 2.73 14.83 21.51
N ARG A 445 1.98 15.63 20.74
CA ARG A 445 2.65 16.62 19.86
C ARG A 445 3.07 17.89 20.61
N TYR A 446 4.05 18.59 20.06
CA TYR A 446 4.70 19.69 20.78
C TYR A 446 3.75 20.85 21.05
N ASP A 447 3.06 21.27 19.99
CA ASP A 447 2.12 22.39 20.04
C ASP A 447 0.93 21.96 19.20
N LYS A 448 -0.09 21.42 19.87
CA LYS A 448 -1.27 20.92 19.14
C LYS A 448 -2.03 22.05 18.38
N TYR A 449 -1.82 23.32 18.78
CA TYR A 449 -2.39 24.50 18.10
C TYR A 449 -1.40 25.26 17.18
N ALA A 450 -0.31 24.59 16.75
CA ALA A 450 0.64 25.23 15.82
C ALA A 450 -0.01 25.41 14.45
N ARG A 451 0.06 26.65 13.97
CA ARG A 451 -0.42 27.06 12.66
C ARG A 451 0.63 26.64 11.61
N SER A 452 0.20 25.96 10.56
CA SER A 452 1.05 25.69 9.41
C SER A 452 0.87 26.83 8.41
N CYS A 453 1.89 27.02 7.59
CA CYS A 453 1.84 27.94 6.47
C CYS A 453 0.66 27.61 5.54
N SER A 468 -16.97 8.23 10.80
CA SER A 468 -17.27 8.30 12.23
C SER A 468 -18.76 8.03 12.53
N CYS A 469 -19.00 7.29 13.60
CA CYS A 469 -20.32 6.80 13.92
C CYS A 469 -20.97 7.45 15.11
N TYR A 470 -20.36 8.50 15.66
CA TYR A 470 -20.91 9.24 16.81
C TYR A 470 -22.33 9.76 16.51
N LYS A 471 -22.56 10.19 15.27
CA LYS A 471 -23.87 10.74 14.89
C LYS A 471 -25.07 9.74 14.93
N TYR A 472 -24.77 8.45 14.97
CA TYR A 472 -25.82 7.42 15.10
C TYR A 472 -26.45 7.34 16.51
N GLY A 473 -25.80 7.95 17.50
CA GLY A 473 -26.23 7.90 18.88
C GLY A 473 -25.11 7.30 19.70
N GLN A 474 -25.46 6.56 20.73
CA GLN A 474 -24.51 6.09 21.72
C GLN A 474 -23.47 5.14 21.17
N THR A 475 -22.22 5.42 21.50
CA THR A 475 -21.07 4.74 20.93
C THR A 475 -20.15 4.12 21.99
N LEU A 476 -19.81 2.86 21.79
CA LEU A 476 -18.88 2.18 22.63
C LEU A 476 -17.72 1.85 21.72
N ASP A 477 -16.58 2.52 21.92
CA ASP A 477 -15.41 2.37 21.07
C ASP A 477 -14.49 1.35 21.73
N LEU A 478 -14.46 0.13 21.20
CA LEU A 478 -13.53 -0.91 21.66
C LEU A 478 -12.41 -1.12 20.68
N SER A 479 -12.15 -0.13 19.80
CA SER A 479 -11.12 -0.34 18.78
C SER A 479 -9.74 -0.61 19.39
N LYS A 480 -8.90 -1.30 18.63
CA LYS A 480 -7.50 -1.55 19.00
C LYS A 480 -7.39 -2.13 20.41
N ASN A 481 -8.10 -3.21 20.61
CA ASN A 481 -8.03 -3.98 21.82
C ASN A 481 -7.56 -5.40 21.48
N SER A 482 -7.67 -6.33 22.42
CA SER A 482 -7.22 -7.72 22.23
C SER A 482 -8.37 -8.74 22.29
N ILE A 483 -9.53 -8.39 21.74
CA ILE A 483 -10.69 -9.27 21.80
C ILE A 483 -10.47 -10.31 20.70
N PHE A 484 -10.25 -11.56 21.11
CA PHE A 484 -10.07 -12.69 20.20
C PHE A 484 -11.38 -13.45 20.02
N PHE A 485 -12.27 -13.42 21.00
CA PHE A 485 -13.53 -14.16 20.94
C PHE A 485 -14.69 -13.36 21.50
N ILE A 486 -15.80 -13.32 20.78
CA ILE A 486 -17.02 -12.69 21.28
C ILE A 486 -18.18 -13.66 21.42
N LYS A 487 -18.99 -13.43 22.45
CA LYS A 487 -20.28 -14.09 22.59
C LYS A 487 -21.33 -13.12 23.13
N SER A 488 -22.60 -13.48 22.95
CA SER A 488 -23.73 -12.66 23.39
C SER A 488 -23.65 -11.99 24.76
N SER A 489 -23.32 -12.75 25.80
CA SER A 489 -23.31 -12.22 27.14
C SER A 489 -22.29 -11.09 27.35
N ASP A 490 -21.26 -11.00 26.50
CA ASP A 490 -20.30 -9.90 26.55
C ASP A 490 -21.01 -8.55 26.42
N PHE A 491 -22.14 -8.53 25.70
CA PHE A 491 -22.95 -7.33 25.50
C PHE A 491 -24.24 -7.28 26.31
N GLN A 492 -24.31 -8.07 27.37
CA GLN A 492 -25.52 -8.09 28.20
C GLN A 492 -25.77 -6.69 28.77
N HIS A 493 -27.02 -6.26 28.71
CA HIS A 493 -27.50 -4.97 29.24
C HIS A 493 -27.07 -3.77 28.40
N LEU A 494 -26.64 -4.01 27.16
CA LEU A 494 -26.14 -2.93 26.30
C LEU A 494 -27.03 -2.66 25.08
N SER A 495 -28.31 -2.99 25.18
CA SER A 495 -29.17 -2.91 24.04
C SER A 495 -29.37 -1.49 23.55
N PHE A 496 -29.09 -0.51 24.39
CA PHE A 496 -29.16 0.90 23.98
C PHE A 496 -28.17 1.36 22.93
N LEU A 497 -27.10 0.60 22.74
CA LEU A 497 -26.03 1.02 21.83
C LEU A 497 -26.46 1.21 20.40
N LYS A 498 -26.02 2.31 19.80
CA LYS A 498 -26.23 2.56 18.38
C LYS A 498 -25.00 2.28 17.51
N CYS A 499 -23.78 2.47 18.03
CA CYS A 499 -22.57 2.14 17.27
C CYS A 499 -21.60 1.41 18.16
N LEU A 500 -21.00 0.34 17.64
CA LEU A 500 -19.97 -0.38 18.36
C LEU A 500 -18.76 -0.41 17.49
N ASN A 501 -17.61 -0.01 18.01
CA ASN A 501 -16.38 -0.07 17.26
C ASN A 501 -15.53 -1.23 17.74
N LEU A 502 -15.42 -2.27 16.93
CA LEU A 502 -14.55 -3.40 17.22
C LEU A 502 -13.35 -3.37 16.30
N SER A 503 -13.12 -2.25 15.63
CA SER A 503 -12.03 -2.20 14.67
C SER A 503 -10.72 -2.52 15.31
N GLY A 504 -9.93 -3.39 14.72
CA GLY A 504 -8.57 -3.61 15.17
C GLY A 504 -8.47 -4.49 16.38
N ASN A 505 -9.30 -5.51 16.43
CA ASN A 505 -9.18 -6.53 17.46
C ASN A 505 -8.63 -7.79 16.81
N LEU A 506 -8.79 -8.94 17.45
CA LEU A 506 -8.19 -10.15 16.97
C LEU A 506 -9.26 -11.19 16.62
N ILE A 507 -10.44 -10.71 16.19
CA ILE A 507 -11.65 -11.54 16.17
C ILE A 507 -11.57 -12.40 14.94
N SER A 508 -11.45 -13.69 15.19
CA SER A 508 -11.03 -14.66 14.22
C SER A 508 -12.04 -15.80 14.11
N GLN A 509 -13.30 -15.57 14.41
CA GLN A 509 -14.28 -16.66 14.56
C GLN A 509 -15.33 -16.72 13.45
N THR A 510 -16.04 -17.83 13.41
CA THR A 510 -17.06 -18.11 12.43
C THR A 510 -18.43 -17.66 12.95
N LEU A 511 -18.64 -16.35 12.90
CA LEU A 511 -19.91 -15.70 13.30
C LEU A 511 -21.10 -16.37 12.65
N ASN A 512 -22.06 -16.78 13.49
CA ASN A 512 -23.22 -17.56 13.05
C ASN A 512 -24.55 -16.90 13.40
N GLY A 513 -24.51 -15.66 13.84
CA GLY A 513 -25.71 -14.96 14.27
C GLY A 513 -26.06 -15.01 15.74
N SER A 514 -25.16 -15.47 16.58
CA SER A 514 -25.43 -15.54 17.99
C SER A 514 -24.54 -14.61 18.82
N GLU A 515 -23.56 -13.96 18.21
CA GLU A 515 -22.51 -13.27 18.97
C GLU A 515 -22.93 -11.91 19.55
N PHE A 516 -23.84 -11.21 18.90
CA PHE A 516 -24.24 -9.84 19.25
C PHE A 516 -25.72 -9.77 19.61
N GLN A 517 -26.29 -10.84 20.14
CA GLN A 517 -27.76 -10.93 20.24
C GLN A 517 -28.39 -9.76 21.04
N PRO A 518 -27.75 -9.31 22.12
CA PRO A 518 -28.36 -8.18 22.87
C PRO A 518 -28.40 -6.81 22.17
N LEU A 519 -27.71 -6.65 21.05
CA LEU A 519 -27.51 -5.33 20.47
C LEU A 519 -28.60 -5.01 19.47
N ALA A 520 -29.80 -4.93 20.03
CA ALA A 520 -31.03 -4.88 19.29
C ALA A 520 -31.23 -3.54 18.63
N GLU A 521 -30.56 -2.51 19.12
CA GLU A 521 -30.70 -1.16 18.56
C GLU A 521 -29.52 -0.71 17.70
N LEU A 522 -28.50 -1.56 17.58
CA LEU A 522 -27.29 -1.19 16.89
C LEU A 522 -27.51 -0.80 15.43
N ARG A 523 -27.07 0.42 15.09
CA ARG A 523 -27.14 0.95 13.74
C ARG A 523 -25.84 0.86 12.95
N TYR A 524 -24.71 0.86 13.62
CA TYR A 524 -23.43 0.86 12.93
C TYR A 524 -22.56 -0.15 13.61
N LEU A 525 -21.95 -1.05 12.85
CA LEU A 525 -20.88 -1.89 13.39
C LEU A 525 -19.63 -1.75 12.56
N ASP A 526 -18.56 -1.29 13.20
CA ASP A 526 -17.24 -1.26 12.60
C ASP A 526 -16.52 -2.50 13.08
N PHE A 527 -16.42 -3.48 12.19
CA PHE A 527 -15.70 -4.74 12.43
C PHE A 527 -14.46 -4.76 11.56
N SER A 528 -13.89 -3.61 11.23
CA SER A 528 -12.75 -3.60 10.31
C SER A 528 -11.48 -4.10 11.04
N ASN A 529 -10.44 -4.52 10.33
CA ASN A 529 -9.18 -4.97 10.97
C ASN A 529 -9.41 -6.09 11.98
N ASN A 530 -10.20 -7.09 11.57
CA ASN A 530 -10.35 -8.35 12.31
C ASN A 530 -10.11 -9.44 11.36
N ARG A 531 -10.40 -10.68 11.74
CA ARG A 531 -10.27 -11.81 10.82
C ARG A 531 -11.59 -12.54 10.64
N LEU A 532 -12.55 -11.86 10.01
CA LEU A 532 -13.86 -12.43 9.80
C LEU A 532 -13.73 -13.72 9.03
N ASP A 533 -14.43 -14.75 9.51
CA ASP A 533 -14.52 -16.00 8.82
C ASP A 533 -15.97 -16.24 8.39
N LEU A 534 -16.24 -16.09 7.10
CA LEU A 534 -17.59 -16.18 6.57
C LEU A 534 -17.88 -17.60 6.10
N LEU A 535 -17.69 -18.58 6.97
CA LEU A 535 -18.29 -19.89 6.76
C LEU A 535 -19.81 -19.81 6.70
N HIS A 536 -20.42 -19.02 7.59
CA HIS A 536 -21.88 -19.01 7.71
C HIS A 536 -22.48 -17.77 7.11
N SER A 537 -23.48 -17.94 6.24
CA SER A 537 -24.24 -16.80 5.73
C SER A 537 -25.17 -16.15 6.72
N THR A 538 -25.26 -16.71 7.93
CA THR A 538 -26.04 -16.13 9.04
C THR A 538 -25.24 -15.08 9.85
N ALA A 539 -23.98 -14.82 9.48
CA ALA A 539 -23.17 -13.82 10.20
C ALA A 539 -23.90 -12.46 10.20
N PHE A 540 -23.89 -11.85 11.37
CA PHE A 540 -24.45 -10.52 11.58
C PHE A 540 -25.99 -10.41 11.59
N GLU A 541 -26.72 -11.48 11.30
CA GLU A 541 -28.19 -11.36 11.15
C GLU A 541 -28.92 -10.98 12.43
N GLU A 542 -28.36 -11.24 13.59
CA GLU A 542 -28.97 -10.81 14.85
C GLU A 542 -29.02 -9.29 14.97
N LEU A 543 -28.18 -8.56 14.23
CA LEU A 543 -28.20 -7.11 14.28
C LEU A 543 -29.27 -6.56 13.36
N ARG A 544 -30.50 -6.72 13.82
CA ARG A 544 -31.67 -6.47 12.98
C ARG A 544 -31.91 -5.06 12.59
N LYS A 545 -31.32 -4.09 13.31
CA LYS A 545 -31.46 -2.66 13.01
C LYS A 545 -30.23 -2.06 12.27
N LEU A 546 -29.33 -2.93 11.83
CA LEU A 546 -28.04 -2.50 11.34
C LEU A 546 -28.12 -1.73 9.99
N GLU A 547 -27.66 -0.47 10.01
CA GLU A 547 -27.62 0.35 8.81
C GLU A 547 -26.30 0.37 8.12
N VAL A 548 -25.21 0.26 8.88
CA VAL A 548 -23.85 0.29 8.31
C VAL A 548 -23.02 -0.86 8.89
N LEU A 549 -22.39 -1.64 8.01
CA LEU A 549 -21.43 -2.66 8.41
C LEU A 549 -20.11 -2.45 7.72
N ASP A 550 -19.06 -2.23 8.50
CA ASP A 550 -17.71 -2.23 7.99
C ASP A 550 -16.97 -3.54 8.31
N ILE A 551 -16.74 -4.34 7.26
CA ILE A 551 -15.85 -5.52 7.36
C ILE A 551 -14.62 -5.38 6.47
N SER A 552 -14.21 -4.14 6.26
CA SER A 552 -12.93 -3.88 5.59
C SER A 552 -11.69 -4.44 6.31
N SER A 553 -10.67 -4.82 5.55
CA SER A 553 -9.39 -5.23 6.09
C SER A 553 -9.60 -6.42 7.01
N ASN A 554 -10.37 -7.39 6.51
CA ASN A 554 -10.52 -8.71 7.14
C ASN A 554 -10.03 -9.73 6.12
N SER A 555 -8.87 -9.43 5.54
CA SER A 555 -8.36 -10.22 4.41
C SER A 555 -7.88 -11.60 4.81
N HIS A 556 -7.56 -11.82 6.09
CA HIS A 556 -6.98 -13.09 6.52
C HIS A 556 -7.57 -14.36 5.90
N TYR A 557 -8.86 -14.57 6.06
CA TYR A 557 -9.49 -15.78 5.53
C TYR A 557 -9.85 -15.71 4.03
N PHE A 558 -9.96 -14.52 3.44
CA PHE A 558 -10.10 -14.42 1.96
C PHE A 558 -8.74 -14.64 1.22
N GLN A 559 -7.63 -14.26 1.84
CA GLN A 559 -6.26 -14.59 1.36
C GLN A 559 -5.91 -16.09 1.22
N SER A 560 -6.71 -16.98 1.81
CA SER A 560 -6.43 -18.42 1.69
C SER A 560 -7.38 -19.15 0.74
N GLU A 561 -6.75 -20.11 0.05
CA GLU A 561 -7.37 -20.89 -1.02
C GLU A 561 -8.29 -21.98 -0.47
N GLY A 562 -9.46 -22.13 -1.10
CA GLY A 562 -10.29 -23.33 -0.90
C GLY A 562 -10.89 -23.47 0.48
N ILE A 563 -11.20 -22.32 1.06
CA ILE A 563 -11.89 -22.14 2.30
C ILE A 563 -13.24 -21.59 1.81
N THR A 564 -14.30 -21.76 2.59
CA THR A 564 -15.64 -21.25 2.20
C THR A 564 -15.76 -19.75 2.50
N HIS A 565 -16.47 -19.02 1.65
CA HIS A 565 -16.78 -17.62 1.88
C HIS A 565 -18.19 -17.38 1.41
N MET A 566 -19.10 -17.05 2.31
CA MET A 566 -20.50 -16.81 1.96
C MET A 566 -20.74 -15.31 1.87
N LEU A 567 -20.47 -14.73 0.70
CA LEU A 567 -20.72 -13.30 0.47
C LEU A 567 -22.21 -12.96 0.37
N ASN A 568 -23.08 -13.96 0.30
CA ASN A 568 -24.54 -13.75 0.33
C ASN A 568 -25.13 -13.55 1.72
N PHE A 569 -24.29 -13.43 2.74
CA PHE A 569 -24.74 -13.09 4.10
C PHE A 569 -25.59 -11.83 4.21
N THR A 570 -25.53 -10.96 3.19
CA THR A 570 -26.24 -9.69 3.17
C THR A 570 -27.75 -9.80 3.15
N LYS A 571 -28.25 -10.94 2.70
CA LYS A 571 -29.69 -11.14 2.50
C LYS A 571 -30.48 -10.94 3.75
N ASN A 572 -29.94 -11.38 4.88
CA ASN A 572 -30.65 -11.33 6.17
C ASN A 572 -30.80 -9.94 6.80
N LEU A 573 -30.03 -8.95 6.34
CA LEU A 573 -29.94 -7.64 6.97
C LEU A 573 -30.83 -6.62 6.29
N LYS A 574 -32.04 -6.50 6.83
CA LYS A 574 -33.15 -5.94 6.08
C LYS A 574 -33.18 -4.42 6.01
N VAL A 575 -32.38 -3.77 6.82
CA VAL A 575 -32.32 -2.33 6.77
C VAL A 575 -30.90 -1.84 6.53
N LEU A 576 -30.06 -2.71 5.99
CA LEU A 576 -28.67 -2.40 5.80
C LEU A 576 -28.57 -1.48 4.59
N GLN A 577 -27.91 -0.33 4.81
CA GLN A 577 -27.79 0.72 3.80
C GLN A 577 -26.37 0.76 3.18
N LYS A 578 -25.36 0.52 4.00
CA LYS A 578 -23.98 0.68 3.58
C LYS A 578 -23.15 -0.48 4.12
N LEU A 579 -22.42 -1.10 3.19
CA LEU A 579 -21.52 -2.21 3.46
C LEU A 579 -20.18 -1.81 2.88
N MET A 580 -19.16 -1.91 3.72
CA MET A 580 -17.77 -1.62 3.37
C MET A 580 -16.97 -2.89 3.49
N MET A 581 -16.44 -3.35 2.38
CA MET A 581 -15.66 -4.57 2.41
C MET A 581 -14.42 -4.41 1.58
N ASN A 582 -13.76 -3.30 1.89
CA ASN A 582 -12.50 -2.89 1.26
C ASN A 582 -11.29 -3.68 1.74
N ASP A 583 -10.29 -3.79 0.86
CA ASP A 583 -8.99 -4.39 1.18
C ASP A 583 -9.06 -5.78 1.77
N ASN A 584 -9.99 -6.57 1.28
CA ASN A 584 -10.15 -7.94 1.76
C ASN A 584 -9.50 -8.94 0.85
N ASP A 585 -8.93 -8.51 -0.27
CA ASP A 585 -8.19 -9.41 -1.14
C ASP A 585 -9.06 -10.54 -1.71
N ILE A 586 -10.32 -10.24 -1.90
CA ILE A 586 -11.30 -11.24 -2.24
C ILE A 586 -11.05 -11.65 -3.70
N SER A 587 -10.76 -12.93 -3.90
CA SER A 587 -10.56 -13.51 -5.23
C SER A 587 -11.39 -14.75 -5.49
N SER A 588 -12.17 -15.18 -4.51
CA SER A 588 -13.00 -16.38 -4.65
C SER A 588 -14.20 -16.21 -3.75
N SER A 589 -15.31 -16.85 -4.10
CA SER A 589 -16.54 -16.74 -3.30
C SER A 589 -17.37 -17.95 -3.55
N THR A 590 -17.98 -18.46 -2.50
CA THR A 590 -18.81 -19.62 -2.57
C THR A 590 -20.15 -19.24 -3.13
N SER A 591 -20.60 -18.02 -2.85
CA SER A 591 -21.85 -17.54 -3.41
C SER A 591 -21.57 -16.82 -4.70
N ARG A 592 -22.46 -17.02 -5.63
CA ARG A 592 -22.37 -16.42 -6.95
C ARG A 592 -22.94 -15.00 -6.90
N THR A 593 -23.86 -14.75 -5.97
CA THR A 593 -24.62 -13.49 -5.90
C THR A 593 -24.69 -12.97 -4.49
N MET A 594 -24.58 -11.65 -4.37
CA MET A 594 -24.86 -10.94 -3.15
C MET A 594 -26.24 -10.40 -3.30
N GLU A 595 -27.01 -10.48 -2.21
CA GLU A 595 -28.42 -10.06 -2.23
C GLU A 595 -28.81 -9.14 -1.10
N SER A 596 -29.61 -8.12 -1.43
CA SER A 596 -30.17 -7.20 -0.44
C SER A 596 -31.31 -6.46 -1.06
N GLU A 597 -32.33 -6.20 -0.26
CA GLU A 597 -33.42 -5.35 -0.66
C GLU A 597 -33.18 -3.91 -0.22
N SER A 598 -32.23 -3.68 0.68
CA SER A 598 -32.04 -2.37 1.26
C SER A 598 -30.77 -1.63 0.82
N LEU A 599 -29.73 -2.37 0.47
CA LEU A 599 -28.37 -1.80 0.44
C LEU A 599 -28.25 -0.76 -0.63
N ARG A 600 -27.78 0.44 -0.25
CA ARG A 600 -27.58 1.53 -1.22
C ARG A 600 -26.11 1.71 -1.63
N THR A 601 -25.17 1.41 -0.74
CA THR A 601 -23.74 1.72 -0.97
C THR A 601 -22.90 0.51 -0.69
N LEU A 602 -22.10 0.08 -1.66
CA LEU A 602 -21.16 -1.02 -1.44
C LEU A 602 -19.75 -0.59 -1.82
N GLU A 603 -18.84 -0.61 -0.84
CA GLU A 603 -17.40 -0.36 -1.05
C GLU A 603 -16.66 -1.70 -1.10
N PHE A 604 -16.05 -1.97 -2.26
CA PHE A 604 -15.46 -3.25 -2.58
C PHE A 604 -14.11 -3.06 -3.20
N ARG A 605 -13.41 -2.05 -2.72
CA ARG A 605 -12.15 -1.60 -3.31
C ARG A 605 -11.02 -2.44 -2.71
N GLY A 606 -9.94 -2.68 -3.44
CA GLY A 606 -8.79 -3.45 -2.90
C GLY A 606 -9.08 -4.95 -2.79
N ASN A 607 -9.67 -5.51 -3.83
CA ASN A 607 -10.02 -6.93 -3.90
C ASN A 607 -9.55 -7.45 -5.25
N HIS A 608 -9.95 -8.64 -5.63
CA HIS A 608 -9.47 -9.23 -6.85
C HIS A 608 -10.62 -9.67 -7.73
N LEU A 609 -11.49 -8.71 -8.05
CA LEU A 609 -12.52 -9.00 -9.09
C LEU A 609 -11.88 -9.39 -10.43
N ASP A 610 -10.65 -8.98 -10.69
CA ASP A 610 -9.96 -9.46 -11.88
C ASP A 610 -9.89 -11.01 -11.94
N VAL A 611 -9.68 -11.64 -10.77
CA VAL A 611 -9.63 -13.09 -10.64
C VAL A 611 -11.06 -13.67 -10.66
N LEU A 612 -11.98 -13.11 -9.89
CA LEU A 612 -13.36 -13.58 -9.93
C LEU A 612 -14.00 -13.53 -11.31
N TRP A 613 -13.66 -12.49 -12.08
CA TRP A 613 -14.13 -12.30 -13.46
C TRP A 613 -13.06 -12.66 -14.51
N ARG A 614 -12.19 -13.62 -14.17
CA ARG A 614 -11.24 -14.16 -15.12
C ARG A 614 -11.94 -14.41 -16.45
N ASP A 615 -11.34 -13.95 -17.54
CA ASP A 615 -11.99 -14.08 -18.84
C ASP A 615 -12.28 -15.56 -19.13
N GLY A 616 -13.54 -15.84 -19.44
CA GLY A 616 -14.00 -17.22 -19.62
C GLY A 616 -14.84 -17.80 -18.49
N ASP A 617 -14.82 -17.16 -17.31
CA ASP A 617 -15.59 -17.60 -16.15
C ASP A 617 -16.72 -16.63 -15.93
N ASN A 618 -17.92 -17.11 -16.14
CA ASN A 618 -19.16 -16.37 -16.09
C ASN A 618 -19.85 -16.36 -14.74
N ARG A 619 -19.37 -17.16 -13.82
CA ARG A 619 -20.11 -17.45 -12.63
C ARG A 619 -20.36 -16.23 -11.75
N TYR A 620 -19.42 -15.29 -11.69
CA TYR A 620 -19.54 -14.16 -10.78
C TYR A 620 -19.90 -12.83 -11.45
N LEU A 621 -20.29 -12.86 -12.74
CA LEU A 621 -20.64 -11.65 -13.48
C LEU A 621 -21.92 -10.98 -13.02
N GLN A 622 -22.68 -11.64 -12.16
CA GLN A 622 -23.90 -11.07 -11.61
C GLN A 622 -23.81 -10.97 -10.08
N LEU A 623 -22.58 -10.92 -9.58
CA LEU A 623 -22.31 -10.84 -8.15
C LEU A 623 -23.07 -9.74 -7.43
N PHE A 624 -23.19 -8.58 -8.05
CA PHE A 624 -23.86 -7.43 -7.45
C PHE A 624 -25.27 -7.19 -7.96
N LYS A 625 -25.74 -7.99 -8.92
CA LYS A 625 -26.97 -7.70 -9.67
C LYS A 625 -28.24 -7.64 -8.80
N ASN A 626 -28.27 -8.49 -7.77
CA ASN A 626 -29.43 -8.61 -6.91
C ASN A 626 -29.35 -7.72 -5.69
N LEU A 627 -28.46 -6.72 -5.75
CA LEU A 627 -28.48 -5.63 -4.81
C LEU A 627 -29.37 -4.56 -5.41
N LEU A 628 -30.70 -4.76 -5.29
CA LEU A 628 -31.66 -4.04 -6.15
C LEU A 628 -31.70 -2.56 -5.93
N LYS A 629 -31.47 -2.12 -4.72
CA LYS A 629 -31.45 -0.68 -4.45
C LYS A 629 -30.05 -0.07 -4.43
N LEU A 630 -29.04 -0.79 -4.92
CA LEU A 630 -27.69 -0.27 -4.91
C LEU A 630 -27.55 0.96 -5.80
N GLU A 631 -27.07 2.04 -5.21
CA GLU A 631 -26.82 3.28 -5.91
C GLU A 631 -25.36 3.61 -6.10
N GLU A 632 -24.51 3.19 -5.17
CA GLU A 632 -23.08 3.51 -5.19
C GLU A 632 -22.25 2.23 -5.09
N LEU A 633 -21.35 2.03 -6.05
CA LEU A 633 -20.45 0.88 -6.06
C LEU A 633 -19.02 1.35 -6.33
N ASP A 634 -18.10 1.05 -5.39
CA ASP A 634 -16.70 1.33 -5.53
C ASP A 634 -15.93 0.03 -5.79
N ILE A 635 -15.47 -0.14 -7.03
CA ILE A 635 -14.66 -1.28 -7.39
C ILE A 635 -13.34 -0.84 -7.98
N SER A 636 -12.82 0.19 -7.34
CA SER A 636 -11.48 0.68 -7.62
C SER A 636 -10.50 -0.30 -7.04
N LYS A 637 -9.24 -0.24 -7.46
CA LYS A 637 -8.14 -1.11 -6.91
C LYS A 637 -8.50 -2.58 -6.90
N ASN A 638 -9.00 -3.07 -8.02
CA ASN A 638 -9.33 -4.48 -8.18
C ASN A 638 -8.52 -5.11 -9.33
N SER A 639 -7.42 -4.46 -9.75
CA SER A 639 -6.58 -4.96 -10.84
C SER A 639 -7.37 -5.29 -12.13
N LEU A 640 -8.44 -4.55 -12.41
CA LEU A 640 -9.17 -4.73 -13.63
C LEU A 640 -8.49 -4.01 -14.79
N SER A 641 -7.50 -4.68 -15.36
CA SER A 641 -6.94 -4.31 -16.67
C SER A 641 -7.96 -4.13 -17.76
N PHE A 642 -8.97 -5.01 -17.78
CA PHE A 642 -10.06 -4.92 -18.73
C PHE A 642 -11.31 -5.33 -17.99
N LEU A 643 -12.46 -4.99 -18.56
CA LEU A 643 -13.75 -5.45 -18.03
C LEU A 643 -14.33 -6.51 -18.92
N PRO A 644 -14.44 -7.76 -18.45
CA PRO A 644 -15.06 -8.76 -19.33
C PRO A 644 -16.46 -8.35 -19.70
N SER A 645 -16.90 -8.78 -20.87
CA SER A 645 -18.30 -8.50 -21.26
C SER A 645 -19.18 -9.27 -20.32
N GLY A 646 -20.25 -8.61 -19.88
CA GLY A 646 -21.15 -9.18 -18.91
C GLY A 646 -21.19 -8.36 -17.65
N VAL A 647 -20.10 -7.65 -17.37
CA VAL A 647 -20.00 -6.85 -16.16
C VAL A 647 -21.08 -5.77 -16.08
N PHE A 648 -21.26 -5.01 -17.14
CA PHE A 648 -22.22 -3.90 -17.12
C PHE A 648 -23.69 -4.37 -17.15
N ASP A 649 -23.98 -5.42 -17.94
CA ASP A 649 -25.27 -6.11 -17.88
C ASP A 649 -25.55 -6.67 -16.47
N GLY A 650 -24.49 -7.10 -15.80
CA GLY A 650 -24.57 -7.61 -14.43
C GLY A 650 -24.78 -6.60 -13.32
N MET A 651 -24.62 -5.31 -13.61
CA MET A 651 -24.78 -4.29 -12.57
C MET A 651 -26.25 -4.17 -12.18
N PRO A 652 -26.54 -3.84 -10.91
CA PRO A 652 -27.93 -3.66 -10.52
C PRO A 652 -28.54 -2.40 -11.14
N PRO A 653 -29.86 -2.38 -11.28
CA PRO A 653 -30.50 -1.46 -12.20
C PRO A 653 -30.51 -0.01 -11.81
N ASN A 654 -30.28 0.31 -10.54
CA ASN A 654 -30.29 1.70 -10.08
C ASN A 654 -28.90 2.23 -9.77
N LEU A 655 -27.86 1.60 -10.30
CA LEU A 655 -26.52 2.08 -10.03
C LEU A 655 -26.37 3.52 -10.55
N LYS A 656 -25.93 4.43 -9.68
CA LYS A 656 -25.74 5.83 -10.00
C LYS A 656 -24.28 6.23 -10.03
N ASN A 657 -23.50 5.77 -9.07
CA ASN A 657 -22.14 6.22 -8.83
C ASN A 657 -21.23 4.98 -8.91
N LEU A 658 -20.43 4.92 -9.97
CA LEU A 658 -19.51 3.80 -10.17
C LEU A 658 -18.08 4.27 -10.20
N SER A 659 -17.24 3.68 -9.38
CA SER A 659 -15.80 3.90 -9.47
C SER A 659 -15.09 2.66 -9.95
N LEU A 660 -14.32 2.86 -11.01
CA LEU A 660 -13.31 1.93 -11.49
C LEU A 660 -11.92 2.59 -11.46
N ALA A 661 -11.66 3.43 -10.47
CA ALA A 661 -10.33 4.06 -10.39
C ALA A 661 -9.22 3.05 -10.08
N LYS A 662 -7.98 3.37 -10.47
CA LYS A 662 -6.79 2.64 -9.97
C LYS A 662 -6.89 1.17 -10.24
N ASN A 663 -7.26 0.85 -11.48
CA ASN A 663 -7.40 -0.50 -11.92
C ASN A 663 -6.38 -0.91 -12.99
N GLY A 664 -5.57 0.01 -13.49
CA GLY A 664 -4.74 -0.24 -14.65
C GLY A 664 -5.57 -0.55 -15.89
N LEU A 665 -6.81 -0.08 -15.97
CA LEU A 665 -7.63 -0.25 -17.17
C LEU A 665 -6.91 0.26 -18.40
N LYS A 666 -6.65 -0.62 -19.34
CA LYS A 666 -6.01 -0.27 -20.61
C LYS A 666 -7.03 -0.14 -21.71
N SER A 667 -8.27 -0.55 -21.49
CA SER A 667 -9.30 -0.42 -22.54
C SER A 667 -10.63 -0.40 -21.89
N PHE A 668 -11.59 0.15 -22.62
CA PHE A 668 -12.92 0.32 -22.10
C PHE A 668 -13.87 0.49 -23.27
N ILE A 669 -14.79 -0.48 -23.43
CA ILE A 669 -15.91 -0.36 -24.38
C ILE A 669 -16.94 0.61 -23.82
N TRP A 670 -16.83 1.87 -24.23
CA TRP A 670 -17.74 2.94 -23.79
C TRP A 670 -19.22 2.69 -24.07
N GLU A 671 -19.52 2.00 -25.16
CA GLU A 671 -20.90 1.69 -25.55
C GLU A 671 -21.60 0.90 -24.47
N LYS A 672 -20.85 0.12 -23.67
CA LYS A 672 -21.45 -0.71 -22.64
C LYS A 672 -22.09 0.08 -21.48
N LEU A 673 -21.82 1.37 -21.40
CA LEU A 673 -22.50 2.24 -20.48
C LEU A 673 -24.02 2.37 -20.73
N ARG A 674 -24.45 2.07 -21.94
CA ARG A 674 -25.87 1.98 -22.24
C ARG A 674 -26.66 1.08 -21.28
N TYR A 675 -26.06 -0.01 -20.79
CA TYR A 675 -26.72 -0.83 -19.79
C TYR A 675 -27.00 -0.13 -18.45
N LEU A 676 -26.20 0.86 -18.08
CA LEU A 676 -26.30 1.49 -16.77
C LEU A 676 -27.23 2.71 -16.87
N LYS A 677 -28.51 2.42 -16.93
CA LYS A 677 -29.52 3.40 -17.33
C LYS A 677 -29.71 4.55 -16.33
N ASN A 678 -29.22 4.38 -15.10
CA ASN A 678 -29.26 5.44 -14.09
C ASN A 678 -27.92 5.97 -13.67
N LEU A 679 -26.91 5.77 -14.50
CA LEU A 679 -25.55 6.18 -14.16
C LEU A 679 -25.40 7.67 -14.22
N GLU A 680 -24.85 8.25 -13.16
CA GLU A 680 -24.67 9.68 -13.03
C GLU A 680 -23.22 10.10 -12.88
N THR A 681 -22.47 9.36 -12.07
CA THR A 681 -21.06 9.62 -11.83
C THR A 681 -20.26 8.42 -12.23
N LEU A 682 -19.24 8.63 -13.05
CA LEU A 682 -18.34 7.54 -13.46
C LEU A 682 -16.89 7.97 -13.24
N ASP A 683 -16.21 7.22 -12.36
CA ASP A 683 -14.83 7.53 -12.00
C ASP A 683 -13.86 6.52 -12.60
N LEU A 684 -13.15 6.97 -13.63
CA LEU A 684 -12.14 6.19 -14.30
C LEU A 684 -10.72 6.76 -14.04
N SER A 685 -10.57 7.55 -12.98
CA SER A 685 -9.31 8.16 -12.65
C SER A 685 -8.21 7.14 -12.40
N HIS A 686 -6.97 7.53 -12.69
CA HIS A 686 -5.78 6.71 -12.44
C HIS A 686 -5.82 5.36 -13.11
N ASN A 687 -5.91 5.35 -14.42
CA ASN A 687 -5.90 4.13 -15.20
C ASN A 687 -4.97 4.40 -16.39
N GLN A 688 -5.10 3.62 -17.47
CA GLN A 688 -4.27 3.77 -18.66
C GLN A 688 -5.12 3.93 -19.92
N LEU A 689 -6.25 4.60 -19.83
CA LEU A 689 -7.09 4.81 -21.02
C LEU A 689 -6.41 5.80 -21.98
N THR A 690 -6.42 5.48 -23.25
CA THR A 690 -5.84 6.34 -24.26
C THR A 690 -6.90 7.06 -25.09
N THR A 691 -8.16 6.64 -25.02
CA THR A 691 -9.21 7.28 -25.81
C THR A 691 -10.46 7.58 -25.04
N VAL A 692 -11.17 8.57 -25.54
CA VAL A 692 -12.53 8.87 -25.13
C VAL A 692 -13.49 8.33 -26.22
N PRO A 693 -14.78 8.16 -25.87
CA PRO A 693 -15.74 7.75 -26.90
C PRO A 693 -15.91 8.80 -28.01
N GLU A 694 -16.28 8.33 -29.21
CA GLU A 694 -16.58 9.16 -30.37
C GLU A 694 -17.69 10.13 -30.08
N ARG A 695 -18.74 9.61 -29.44
CA ARG A 695 -19.88 10.44 -29.02
C ARG A 695 -20.35 9.99 -27.63
N LEU A 696 -20.00 10.76 -26.61
CA LEU A 696 -20.37 10.43 -25.22
C LEU A 696 -21.87 10.30 -25.03
N SER A 697 -22.64 11.18 -25.67
CA SER A 697 -24.11 11.15 -25.60
C SER A 697 -24.69 9.81 -26.05
N ASN A 698 -24.06 9.18 -27.04
CA ASN A 698 -24.48 7.89 -27.60
C ASN A 698 -24.16 6.71 -26.67
N CYS A 699 -23.41 6.95 -25.59
CA CYS A 699 -23.04 5.91 -24.58
C CYS A 699 -23.88 5.96 -23.32
N SER A 700 -24.33 7.12 -22.95
CA SER A 700 -25.14 7.26 -21.76
C SER A 700 -25.87 8.57 -21.82
N ARG A 701 -27.16 8.48 -21.58
CA ARG A 701 -28.05 9.63 -21.47
C ARG A 701 -28.13 10.22 -20.08
N SER A 702 -27.65 9.48 -19.08
CA SER A 702 -27.85 9.89 -17.71
C SER A 702 -26.62 10.55 -17.16
N LEU A 703 -25.47 10.34 -17.79
CA LEU A 703 -24.16 10.65 -17.17
C LEU A 703 -23.96 12.13 -16.97
N LYS A 704 -23.66 12.52 -15.72
CA LYS A 704 -23.47 13.90 -15.31
C LYS A 704 -22.02 14.23 -14.96
N ASN A 705 -21.34 13.35 -14.25
CA ASN A 705 -19.95 13.57 -13.80
C ASN A 705 -19.04 12.51 -14.32
N LEU A 706 -18.08 12.92 -15.13
CA LEU A 706 -17.16 12.02 -15.73
C LEU A 706 -15.74 12.39 -15.32
N ILE A 707 -15.10 11.48 -14.59
CA ILE A 707 -13.78 11.71 -14.09
C ILE A 707 -12.81 10.84 -14.85
N LEU A 708 -11.93 11.48 -15.63
CA LEU A 708 -10.93 10.78 -16.44
C LEU A 708 -9.49 11.19 -16.09
N LYS A 709 -9.29 11.77 -14.90
CA LYS A 709 -7.98 12.30 -14.56
C LYS A 709 -6.98 11.19 -14.41
N ASN A 710 -5.71 11.47 -14.72
CA ASN A 710 -4.60 10.52 -14.59
C ASN A 710 -4.78 9.32 -15.48
N ASN A 711 -4.90 9.60 -16.76
CA ASN A 711 -4.91 8.57 -17.76
C ASN A 711 -3.89 8.91 -18.84
N GLN A 712 -3.92 8.24 -19.99
CA GLN A 712 -2.93 8.44 -21.03
C GLN A 712 -3.57 9.03 -22.28
N ILE A 713 -4.58 9.87 -22.10
CA ILE A 713 -5.39 10.31 -23.24
C ILE A 713 -4.61 11.38 -23.99
N ARG A 714 -4.38 11.14 -25.28
CA ARG A 714 -3.56 12.02 -26.11
C ARG A 714 -4.36 13.01 -26.96
N SER A 715 -5.64 12.71 -27.20
CA SER A 715 -6.49 13.59 -27.98
C SER A 715 -7.96 13.20 -27.78
N LEU A 716 -8.86 14.10 -28.12
CA LEU A 716 -10.28 13.86 -27.96
C LEU A 716 -10.88 13.54 -29.32
N THR A 717 -11.95 12.77 -29.31
CA THR A 717 -12.63 12.42 -30.54
C THR A 717 -13.28 13.69 -31.11
N LYS A 718 -13.51 13.69 -32.42
CA LYS A 718 -14.05 14.87 -33.11
C LYS A 718 -15.36 15.47 -32.54
N TYR A 719 -16.27 14.61 -32.12
CA TYR A 719 -17.56 15.06 -31.59
C TYR A 719 -17.82 14.57 -30.17
N PHE A 720 -16.73 14.43 -29.40
CA PHE A 720 -16.73 13.85 -28.06
C PHE A 720 -17.94 14.25 -27.23
N LEU A 721 -18.11 15.55 -26.95
CA LEU A 721 -19.21 15.98 -26.09
C LEU A 721 -20.47 16.44 -26.82
N GLN A 722 -20.54 16.22 -28.13
CA GLN A 722 -21.75 16.62 -28.89
C GLN A 722 -23.07 16.08 -28.28
N ASP A 723 -23.97 17.00 -27.98
CA ASP A 723 -25.30 16.74 -27.44
C ASP A 723 -25.33 16.04 -26.07
N ALA A 724 -24.20 16.03 -25.36
CA ALA A 724 -24.17 15.51 -24.00
C ALA A 724 -24.81 16.45 -23.01
N PHE A 725 -26.13 16.67 -23.13
CA PHE A 725 -26.82 17.75 -22.36
C PHE A 725 -26.86 17.48 -20.88
N GLN A 726 -26.74 16.20 -20.49
CA GLN A 726 -26.73 15.87 -19.06
C GLN A 726 -25.42 16.17 -18.32
N LEU A 727 -24.32 16.35 -19.04
CA LEU A 727 -23.02 16.49 -18.45
C LEU A 727 -22.92 17.77 -17.60
N ARG A 728 -22.38 17.65 -16.40
CA ARG A 728 -22.17 18.78 -15.51
C ARG A 728 -20.78 18.93 -14.98
N TYR A 729 -19.97 17.89 -15.06
CA TYR A 729 -18.62 17.89 -14.48
C TYR A 729 -17.72 16.97 -15.30
N LEU A 730 -16.62 17.50 -15.80
CA LEU A 730 -15.69 16.73 -16.67
C LEU A 730 -14.25 17.01 -16.22
N ASP A 731 -13.53 15.97 -15.82
CA ASP A 731 -12.15 16.10 -15.36
C ASP A 731 -11.30 15.34 -16.33
N LEU A 732 -10.51 16.10 -17.08
CA LEU A 732 -9.56 15.54 -18.00
C LEU A 732 -8.13 15.92 -17.57
N SER A 733 -7.94 16.28 -16.30
CA SER A 733 -6.61 16.73 -15.85
C SER A 733 -5.61 15.57 -15.84
N SER A 734 -4.32 15.86 -15.98
CA SER A 734 -3.25 14.85 -15.91
C SER A 734 -3.42 13.75 -16.94
N ASN A 735 -3.59 14.15 -18.19
CA ASN A 735 -3.56 13.25 -19.33
C ASN A 735 -2.49 13.84 -20.23
N LYS A 736 -2.49 13.53 -21.53
CA LYS A 736 -1.40 13.96 -22.38
C LYS A 736 -1.93 14.61 -23.64
N ILE A 737 -2.94 15.45 -23.42
CA ILE A 737 -3.72 16.05 -24.52
C ILE A 737 -2.96 17.23 -25.10
N GLN A 738 -2.88 17.29 -26.43
CA GLN A 738 -2.24 18.38 -27.14
C GLN A 738 -3.19 19.45 -27.64
N MET A 739 -4.34 19.05 -28.18
CA MET A 739 -5.21 19.90 -28.96
C MET A 739 -6.63 19.67 -28.53
N ILE A 740 -7.42 20.72 -28.40
CA ILE A 740 -8.86 20.54 -28.27
C ILE A 740 -9.49 21.43 -29.31
N GLN A 741 -10.32 20.84 -30.18
CA GLN A 741 -11.08 21.59 -31.20
C GLN A 741 -12.55 21.81 -30.78
N LYS A 742 -13.16 22.88 -31.32
CA LYS A 742 -14.57 23.23 -31.06
C LYS A 742 -15.57 22.08 -31.27
N THR A 743 -15.37 21.29 -32.31
CA THR A 743 -16.23 20.18 -32.54
C THR A 743 -16.33 19.26 -31.29
N SER A 744 -15.22 19.03 -30.62
CA SER A 744 -15.17 18.13 -29.46
C SER A 744 -15.85 18.73 -28.22
N PHE A 745 -15.79 20.06 -28.12
CA PHE A 745 -16.24 20.82 -26.96
C PHE A 745 -17.28 21.87 -27.39
N PRO A 746 -18.49 21.44 -27.79
CA PRO A 746 -19.49 22.45 -28.22
C PRO A 746 -19.99 23.30 -27.06
N GLU A 747 -20.20 24.60 -27.34
CA GLU A 747 -20.47 25.60 -26.33
C GLU A 747 -21.79 25.37 -25.59
N ASN A 748 -22.78 24.82 -26.25
CA ASN A 748 -24.03 24.50 -25.55
C ASN A 748 -23.92 23.40 -24.48
N VAL A 749 -22.87 22.58 -24.55
CA VAL A 749 -22.56 21.61 -23.51
C VAL A 749 -21.64 22.22 -22.49
N LEU A 750 -20.61 22.94 -22.93
CA LEU A 750 -19.63 23.53 -22.00
C LEU A 750 -20.27 24.47 -21.00
N ASN A 751 -21.25 25.25 -21.42
CA ASN A 751 -21.76 26.36 -20.62
C ASN A 751 -22.77 25.92 -19.56
N ASN A 752 -23.15 24.64 -19.54
CA ASN A 752 -23.83 24.05 -18.37
C ASN A 752 -22.92 23.31 -17.41
N LEU A 753 -21.61 23.33 -17.64
CA LEU A 753 -20.69 22.63 -16.77
C LEU A 753 -20.48 23.45 -15.51
N LYS A 754 -20.71 22.82 -14.37
CA LYS A 754 -20.29 23.35 -13.08
C LYS A 754 -18.77 23.48 -12.98
N MET A 755 -18.04 22.55 -13.59
CA MET A 755 -16.58 22.56 -13.53
C MET A 755 -16.01 21.75 -14.69
N LEU A 756 -14.82 22.15 -15.15
CA LEU A 756 -14.14 21.52 -16.27
C LEU A 756 -12.69 21.58 -15.94
N LEU A 757 -12.07 20.45 -15.73
CA LEU A 757 -10.66 20.34 -15.31
C LEU A 757 -9.73 19.94 -16.49
N LEU A 758 -8.70 20.74 -16.78
CA LEU A 758 -7.83 20.57 -17.95
C LEU A 758 -6.36 20.63 -17.63
N HIS A 759 -6.00 20.76 -16.38
CA HIS A 759 -4.65 21.06 -15.99
C HIS A 759 -3.74 19.86 -16.11
N HIS A 760 -2.45 20.11 -16.19
CA HIS A 760 -1.44 19.08 -16.35
C HIS A 760 -1.72 18.19 -17.58
N ASN A 761 -1.82 18.84 -18.75
CA ASN A 761 -1.84 18.18 -20.04
C ASN A 761 -0.62 18.62 -20.86
N ARG A 762 -0.57 18.37 -22.17
CA ARG A 762 0.65 18.60 -22.99
C ARG A 762 0.29 19.54 -24.15
N PHE A 763 -0.39 20.63 -23.80
CA PHE A 763 -1.02 21.52 -24.78
C PHE A 763 0.02 22.19 -25.71
N LEU A 764 -0.25 22.12 -27.01
CA LEU A 764 0.62 22.70 -28.02
C LEU A 764 0.01 24.02 -28.47
N CYS A 765 0.72 25.11 -28.29
CA CYS A 765 0.16 26.44 -28.54
C CYS A 765 0.58 27.04 -29.89
N THR A 766 0.20 26.34 -30.95
CA THR A 766 0.38 26.77 -32.31
C THR A 766 -0.90 27.47 -32.76
N CYS A 767 -0.90 27.89 -34.01
CA CYS A 767 -2.11 28.46 -34.60
C CYS A 767 -3.28 27.49 -34.74
N ASP A 768 -3.04 26.18 -34.68
CA ASP A 768 -4.14 25.20 -34.62
C ASP A 768 -4.95 25.29 -33.31
N ALA A 769 -4.35 25.83 -32.24
CA ALA A 769 -4.95 25.96 -30.94
C ALA A 769 -5.71 27.28 -30.72
N VAL A 770 -5.93 28.02 -31.78
CA VAL A 770 -6.43 29.39 -31.68
C VAL A 770 -7.80 29.42 -30.95
N TRP A 771 -8.71 28.51 -31.32
CA TRP A 771 -10.04 28.44 -30.70
C TRP A 771 -9.93 28.14 -29.21
N PHE A 772 -9.21 27.06 -28.87
CA PHE A 772 -9.08 26.63 -27.46
C PHE A 772 -8.52 27.73 -26.58
N VAL A 773 -7.49 28.38 -27.09
CA VAL A 773 -6.84 29.46 -26.33
C VAL A 773 -7.80 30.62 -26.15
N TRP A 774 -8.52 31.00 -27.22
CA TRP A 774 -9.58 32.02 -27.09
C TRP A 774 -10.67 31.60 -26.08
N TRP A 775 -11.21 30.38 -26.25
CA TRP A 775 -12.31 29.90 -25.42
C TRP A 775 -11.89 29.90 -23.95
N VAL A 776 -10.70 29.35 -23.68
CA VAL A 776 -10.19 29.25 -22.30
C VAL A 776 -10.12 30.64 -21.66
N GLN A 777 -9.58 31.58 -22.41
CA GLN A 777 -9.39 32.97 -21.92
C GLN A 777 -10.68 33.72 -21.65
N HIS A 778 -11.72 33.40 -22.45
CA HIS A 778 -13.01 34.10 -22.42
C HIS A 778 -14.24 33.39 -21.83
N THR A 779 -14.08 32.18 -21.26
CA THR A 779 -15.22 31.40 -20.73
C THR A 779 -15.52 31.73 -19.26
N GLU A 780 -16.81 31.61 -18.92
CA GLU A 780 -17.30 31.77 -17.53
C GLU A 780 -17.08 30.45 -16.73
N VAL A 781 -17.05 29.32 -17.45
CA VAL A 781 -16.93 27.98 -16.87
C VAL A 781 -15.73 27.89 -15.97
N THR A 782 -15.93 27.31 -14.81
CA THR A 782 -14.88 27.21 -13.82
C THR A 782 -13.86 26.18 -14.25
N ILE A 783 -12.61 26.61 -14.29
CA ILE A 783 -11.47 25.80 -14.69
C ILE A 783 -10.40 26.10 -13.65
N PRO A 784 -10.19 25.19 -12.71
CA PRO A 784 -9.20 25.48 -11.71
C PRO A 784 -7.78 25.40 -12.24
N TYR A 785 -6.87 26.02 -11.51
CA TYR A 785 -5.45 26.07 -11.81
C TYR A 785 -5.04 26.71 -13.17
N LEU A 786 -5.83 27.66 -13.70
CA LEU A 786 -5.38 28.44 -14.89
C LEU A 786 -4.07 29.22 -14.68
N ALA A 787 -3.86 29.74 -13.48
CA ALA A 787 -2.58 30.35 -13.06
C ALA A 787 -1.42 29.39 -13.03
N THR A 788 -1.64 28.22 -12.46
CA THR A 788 -0.58 27.33 -12.00
C THR A 788 -0.14 26.27 -13.04
N ASP A 789 -1.11 25.66 -13.73
CA ASP A 789 -0.88 24.38 -14.39
C ASP A 789 -1.75 24.15 -15.63
N VAL A 790 -2.06 25.21 -16.37
CA VAL A 790 -2.63 25.11 -17.72
C VAL A 790 -1.69 25.88 -18.67
N THR A 791 -0.90 25.11 -19.36
CA THR A 791 0.43 25.50 -19.73
C THR A 791 0.73 24.96 -21.11
N CYS A 792 1.37 25.75 -21.95
CA CYS A 792 1.87 25.25 -23.23
C CYS A 792 3.14 24.49 -22.97
N VAL A 793 3.30 23.33 -23.58
CA VAL A 793 4.64 22.64 -23.59
C VAL A 793 5.50 23.04 -24.80
N GLY A 794 4.86 23.61 -25.81
CA GLY A 794 5.54 24.06 -27.03
C GLY A 794 4.58 24.91 -27.85
N PRO A 795 5.00 25.41 -29.02
CA PRO A 795 6.35 25.24 -29.57
C PRO A 795 7.37 26.19 -28.91
N GLY A 796 8.61 25.71 -28.72
CA GLY A 796 9.77 26.51 -28.28
C GLY A 796 9.55 27.94 -27.79
N ALA A 797 9.12 28.82 -28.70
CA ALA A 797 8.74 30.21 -28.35
C ALA A 797 7.91 30.30 -27.03
N HIS A 798 6.78 29.57 -26.98
CA HIS A 798 5.79 29.66 -25.87
C HIS A 798 5.95 28.58 -24.76
N LYS A 799 7.00 27.75 -24.81
CA LYS A 799 7.22 26.72 -23.78
C LYS A 799 7.16 27.27 -22.33
N GLY A 800 6.49 26.54 -21.45
CA GLY A 800 6.33 26.91 -20.05
C GLY A 800 5.35 28.02 -19.73
N GLN A 801 4.79 28.63 -20.77
CA GLN A 801 3.89 29.76 -20.62
C GLN A 801 2.41 29.35 -20.41
N SER A 802 1.69 30.13 -19.62
CA SER A 802 0.32 29.86 -19.32
C SER A 802 -0.52 30.21 -20.54
N VAL A 803 -1.54 29.39 -20.83
CA VAL A 803 -2.34 29.63 -22.03
C VAL A 803 -3.23 30.82 -21.79
N ILE A 804 -3.60 31.06 -20.53
CA ILE A 804 -4.40 32.25 -20.18
C ILE A 804 -3.71 33.56 -20.64
N SER A 805 -2.38 33.61 -20.58
CA SER A 805 -1.58 34.81 -20.92
C SER A 805 -1.16 34.94 -22.39
N LEU A 806 -1.52 33.95 -23.20
CA LEU A 806 -1.00 33.77 -24.55
C LEU A 806 -1.58 34.77 -25.56
N ASP A 807 -0.74 35.54 -26.26
CA ASP A 807 -1.20 36.43 -27.36
C ASP A 807 -0.88 35.75 -28.67
N LEU A 808 -1.90 35.26 -29.37
CA LEU A 808 -1.72 34.60 -30.66
C LEU A 808 -2.16 35.51 -31.81
N TYR A 809 -1.82 36.79 -31.73
CA TYR A 809 -2.18 37.76 -32.79
C TYR A 809 -1.51 37.45 -34.15
N THR A 810 -0.30 36.87 -34.11
CA THR A 810 0.43 36.49 -35.33
C THR A 810 -0.31 35.49 -36.21
N CYS A 811 -1.23 34.71 -35.61
CA CYS A 811 -2.10 33.77 -36.35
C CYS A 811 -3.22 34.47 -37.13
N GLU A 812 -3.42 35.78 -36.94
CA GLU A 812 -4.37 36.58 -37.75
C GLU A 812 -3.73 37.78 -38.49
N LEU A 813 -2.46 37.69 -38.90
CA LEU A 813 -1.71 38.90 -39.34
C LEU A 813 -2.03 39.17 -40.82
N ALA B 5 34.50 1.17 -29.96
CA ALA B 5 34.97 -0.23 -29.83
C ALA B 5 34.37 -1.09 -30.97
N ARG B 6 33.03 -1.24 -31.03
CA ARG B 6 32.32 -1.98 -32.12
C ARG B 6 32.42 -1.32 -33.48
N TRP B 7 32.71 -2.09 -34.52
CA TRP B 7 32.79 -1.53 -35.88
C TRP B 7 31.41 -1.40 -36.56
N PHE B 8 30.48 -2.32 -36.28
CA PHE B 8 29.11 -2.28 -36.82
C PHE B 8 28.04 -2.35 -35.72
N PRO B 9 27.24 -1.26 -35.54
CA PRO B 9 26.18 -1.23 -34.52
C PRO B 9 25.17 -2.32 -34.71
N LYS B 10 24.83 -3.00 -33.62
CA LYS B 10 23.79 -3.99 -33.66
C LYS B 10 22.47 -3.21 -33.72
N THR B 11 21.80 -3.32 -34.85
CA THR B 11 20.56 -2.60 -35.10
C THR B 11 19.32 -3.52 -34.96
N LEU B 12 19.55 -4.83 -35.10
CA LEU B 12 18.56 -5.86 -34.91
C LEU B 12 17.85 -5.75 -33.55
N PRO B 13 16.50 -5.66 -33.55
CA PRO B 13 15.78 -5.46 -32.29
C PRO B 13 15.68 -6.71 -31.40
N CYS B 14 16.68 -7.59 -31.42
CA CYS B 14 16.63 -8.88 -30.71
C CYS B 14 17.97 -9.10 -30.02
N ASP B 15 17.96 -9.79 -28.88
CA ASP B 15 19.22 -10.10 -28.19
C ASP B 15 19.89 -11.24 -28.93
N VAL B 16 21.22 -11.17 -29.07
CA VAL B 16 22.01 -12.14 -29.83
C VAL B 16 23.15 -12.68 -28.98
N THR B 17 23.31 -13.99 -28.95
CA THR B 17 24.21 -14.66 -28.00
C THR B 17 24.87 -15.84 -28.73
N LEU B 18 26.17 -16.02 -28.51
CA LEU B 18 26.91 -17.22 -28.93
C LEU B 18 27.10 -18.17 -27.76
N ASP B 19 27.40 -19.41 -28.09
CA ASP B 19 27.68 -20.44 -27.11
C ASP B 19 28.34 -21.60 -27.88
N VAL B 20 29.68 -21.66 -27.84
CA VAL B 20 30.46 -22.61 -28.64
C VAL B 20 30.86 -23.84 -27.81
N LYS B 22 28.59 -25.54 -26.90
CA LYS B 22 28.28 -25.64 -28.34
C LYS B 22 26.78 -25.89 -28.64
N ASN B 23 26.35 -25.72 -29.89
CA ASN B 23 27.05 -24.98 -30.95
C ASN B 23 26.04 -23.98 -31.52
N HIS B 24 25.70 -23.01 -30.69
CA HIS B 24 24.43 -22.29 -30.80
C HIS B 24 24.59 -20.77 -31.04
N VAL B 25 23.81 -20.25 -31.99
CA VAL B 25 23.62 -18.83 -32.22
C VAL B 25 22.16 -18.54 -31.87
N ILE B 26 21.97 -17.87 -30.74
CA ILE B 26 20.67 -17.70 -30.10
C ILE B 26 20.20 -16.27 -30.31
N VAL B 27 19.13 -16.15 -31.09
CA VAL B 27 18.49 -14.90 -31.41
C VAL B 27 17.14 -14.85 -30.68
N ASP B 28 17.04 -13.93 -29.71
CA ASP B 28 15.85 -13.79 -28.88
C ASP B 28 15.08 -12.49 -29.13
N CYS B 29 13.98 -12.59 -29.87
CA CYS B 29 13.11 -11.43 -30.15
C CYS B 29 11.82 -11.47 -29.29
N THR B 30 11.91 -11.98 -28.07
CA THR B 30 10.74 -12.04 -27.21
C THR B 30 10.24 -10.61 -26.94
N ASP B 31 8.98 -10.35 -27.26
CA ASP B 31 8.25 -9.15 -26.82
C ASP B 31 8.92 -7.87 -27.30
N LYS B 32 9.03 -7.74 -28.61
CA LYS B 32 9.62 -6.57 -29.20
C LYS B 32 8.63 -5.91 -30.13
N HIS B 33 7.34 -6.11 -29.90
CA HIS B 33 6.30 -5.40 -30.64
C HIS B 33 6.52 -5.45 -32.15
N LEU B 34 7.01 -6.59 -32.64
CA LEU B 34 7.27 -6.77 -34.04
C LEU B 34 5.99 -7.12 -34.80
N THR B 35 5.83 -6.59 -36.01
CA THR B 35 4.75 -6.98 -36.94
C THR B 35 5.28 -7.76 -38.17
N GLU B 36 6.60 -8.04 -38.17
CA GLU B 36 7.32 -8.68 -39.28
C GLU B 36 8.54 -9.34 -38.68
N ILE B 37 9.02 -10.44 -39.26
CA ILE B 37 10.29 -11.00 -38.81
C ILE B 37 11.36 -10.05 -39.30
N PRO B 38 12.20 -9.51 -38.38
CA PRO B 38 13.17 -8.52 -38.82
C PRO B 38 14.16 -9.07 -39.84
N GLY B 39 14.61 -8.19 -40.72
CA GLY B 39 15.72 -8.50 -41.62
C GLY B 39 17.05 -8.50 -40.86
N GLY B 40 18.01 -9.22 -41.42
CA GLY B 40 19.36 -9.22 -40.90
C GLY B 40 19.65 -10.22 -39.80
N ILE B 41 18.70 -11.12 -39.53
CA ILE B 41 18.94 -12.19 -38.55
C ILE B 41 20.12 -13.00 -39.07
N PRO B 42 21.11 -13.30 -38.20
CA PRO B 42 22.29 -14.05 -38.69
C PRO B 42 21.93 -15.33 -39.40
N THR B 43 22.73 -15.68 -40.41
CA THR B 43 22.56 -16.91 -41.19
C THR B 43 22.89 -18.17 -40.36
N ASN B 44 23.82 -18.06 -39.40
CA ASN B 44 24.16 -19.19 -38.50
C ASN B 44 23.13 -19.46 -37.39
N THR B 45 22.02 -18.70 -37.34
CA THR B 45 21.06 -18.77 -36.24
C THR B 45 20.56 -20.21 -36.01
N THR B 46 20.82 -20.74 -34.82
CA THR B 46 20.33 -22.06 -34.45
C THR B 46 18.99 -21.96 -33.73
N ASN B 47 18.88 -21.06 -32.74
CA ASN B 47 17.64 -20.88 -31.97
C ASN B 47 17.03 -19.49 -32.20
N LEU B 48 15.85 -19.43 -32.79
CA LEU B 48 15.17 -18.17 -33.04
C LEU B 48 13.86 -18.12 -32.24
N THR B 49 13.76 -17.15 -31.34
CA THR B 49 12.59 -16.98 -30.54
C THR B 49 11.85 -15.73 -30.93
N LEU B 50 10.60 -15.87 -31.30
CA LEU B 50 9.75 -14.75 -31.71
C LEU B 50 8.46 -14.68 -30.89
N THR B 51 8.53 -15.06 -29.62
CA THR B 51 7.38 -15.15 -28.72
C THR B 51 6.87 -13.77 -28.38
N ILE B 52 5.55 -13.64 -28.33
CA ILE B 52 4.87 -12.38 -27.99
C ILE B 52 5.29 -11.23 -28.91
N ASN B 53 4.79 -11.31 -30.14
CA ASN B 53 4.88 -10.24 -31.12
C ASN B 53 3.57 -10.32 -31.88
N HIS B 54 3.40 -9.53 -32.93
CA HIS B 54 2.14 -9.54 -33.69
C HIS B 54 2.46 -9.80 -35.15
N ILE B 55 3.27 -10.85 -35.37
CA ILE B 55 3.64 -11.29 -36.73
C ILE B 55 2.49 -12.11 -37.29
N PRO B 56 1.77 -11.60 -38.30
CA PRO B 56 0.52 -12.17 -38.73
C PRO B 56 0.63 -13.39 -39.65
N ASP B 57 1.84 -13.67 -40.16
CA ASP B 57 2.08 -14.86 -40.98
C ASP B 57 3.53 -15.36 -41.05
N ILE B 58 3.62 -16.61 -41.50
CA ILE B 58 4.86 -17.30 -41.81
C ILE B 58 4.76 -17.80 -43.25
N SER B 59 5.88 -17.73 -43.96
CA SER B 59 5.98 -18.14 -45.38
C SER B 59 7.40 -18.64 -45.66
N PRO B 60 7.66 -19.18 -46.87
CA PRO B 60 9.05 -19.62 -47.10
C PRO B 60 10.11 -18.50 -47.00
N ALA B 61 9.70 -17.25 -47.20
CA ALA B 61 10.59 -16.10 -46.97
C ALA B 61 11.01 -15.95 -45.47
N SER B 62 10.09 -16.23 -44.55
CA SER B 62 10.32 -16.14 -43.11
C SER B 62 11.67 -16.67 -42.69
N PHE B 63 11.97 -17.91 -43.08
CA PHE B 63 13.19 -18.61 -42.63
C PHE B 63 14.18 -18.99 -43.75
N HIS B 64 14.04 -18.33 -44.92
CA HIS B 64 14.73 -18.69 -46.18
C HIS B 64 16.22 -18.96 -46.02
N ARG B 65 16.94 -18.00 -45.44
CA ARG B 65 18.39 -18.10 -45.33
C ARG B 65 18.87 -18.89 -44.11
N LEU B 66 17.96 -19.29 -43.23
CA LEU B 66 18.29 -19.70 -41.85
C LEU B 66 18.39 -21.22 -41.73
N VAL B 67 19.19 -21.80 -42.60
CA VAL B 67 19.16 -23.24 -42.83
C VAL B 67 19.71 -24.06 -41.66
N HIS B 68 20.45 -23.44 -40.75
CA HIS B 68 21.01 -24.15 -39.58
C HIS B 68 20.07 -24.09 -38.34
N LEU B 69 18.81 -23.69 -38.51
CA LEU B 69 17.82 -23.61 -37.42
C LEU B 69 17.51 -24.97 -36.82
N VAL B 70 17.82 -25.13 -35.54
CA VAL B 70 17.36 -26.28 -34.75
C VAL B 70 16.09 -26.02 -33.93
N GLU B 71 15.77 -24.76 -33.67
CA GLU B 71 14.60 -24.41 -32.85
C GLU B 71 13.97 -23.12 -33.27
N ILE B 72 12.67 -23.17 -33.47
CA ILE B 72 11.87 -21.99 -33.66
C ILE B 72 10.87 -21.96 -32.52
N ASP B 73 10.99 -20.93 -31.68
CA ASP B 73 9.95 -20.66 -30.71
C ASP B 73 9.14 -19.47 -31.21
N PHE B 74 7.93 -19.73 -31.71
CA PHE B 74 7.08 -18.72 -32.35
C PHE B 74 5.72 -18.76 -31.62
N ARG B 75 5.77 -18.63 -30.31
CA ARG B 75 4.57 -18.70 -29.45
C ARG B 75 3.83 -17.36 -29.31
N CYS B 76 2.51 -17.43 -29.22
CA CYS B 76 1.70 -16.29 -28.80
C CYS B 76 1.84 -15.04 -29.70
N ASN B 77 1.71 -15.26 -30.99
CA ASN B 77 1.61 -14.18 -31.93
C ASN B 77 0.16 -13.97 -32.33
N CYS B 78 -0.70 -14.82 -31.81
CA CYS B 78 -2.14 -14.59 -31.93
C CYS B 78 -2.85 -15.39 -30.84
N VAL B 79 -2.73 -14.94 -29.60
CA VAL B 79 -3.21 -15.76 -28.48
C VAL B 79 -4.75 -15.77 -28.51
N PRO B 80 -5.37 -16.88 -28.08
CA PRO B 80 -6.83 -16.86 -28.01
C PRO B 80 -7.34 -15.64 -27.27
N ILE B 81 -8.43 -15.08 -27.79
CA ILE B 81 -9.13 -13.90 -27.24
C ILE B 81 -9.14 -13.82 -25.68
N ARG B 82 -9.53 -14.90 -25.00
CA ARG B 82 -9.70 -14.91 -23.52
C ARG B 82 -8.42 -15.06 -22.71
N LEU B 83 -7.35 -15.58 -23.31
CA LEU B 83 -6.02 -15.70 -22.65
C LEU B 83 -5.13 -14.49 -22.85
N GLY B 84 -5.34 -13.77 -23.95
CA GLY B 84 -4.49 -12.67 -24.32
C GLY B 84 -4.99 -11.31 -23.95
N SER B 85 -4.10 -10.35 -24.16
CA SER B 85 -4.36 -8.93 -23.97
C SER B 85 -5.69 -8.48 -24.65
N LYS B 86 -6.50 -7.71 -23.90
CA LYS B 86 -7.72 -7.11 -24.42
C LYS B 86 -7.50 -5.69 -25.01
N SER B 87 -6.44 -5.00 -24.58
CA SER B 87 -6.05 -3.71 -25.19
C SER B 87 -5.46 -3.88 -26.60
N ASN B 88 -4.68 -4.94 -26.79
CA ASN B 88 -4.13 -5.31 -28.10
C ASN B 88 -4.50 -6.76 -28.50
N MET B 89 -5.79 -6.99 -28.77
CA MET B 89 -6.29 -8.29 -29.25
C MET B 89 -5.68 -8.61 -30.61
N CYS B 90 -5.47 -9.89 -30.87
CA CYS B 90 -5.07 -10.34 -32.19
C CYS B 90 -6.29 -10.30 -33.13
N PRO B 91 -6.19 -9.57 -34.27
CA PRO B 91 -7.32 -9.49 -35.19
C PRO B 91 -7.69 -10.80 -35.92
N ARG B 92 -6.70 -11.62 -36.29
CA ARG B 92 -6.90 -12.74 -37.22
C ARG B 92 -5.84 -13.83 -37.02
N ARG B 93 -6.24 -15.11 -37.07
CA ARG B 93 -5.33 -16.23 -36.77
C ARG B 93 -4.05 -16.21 -37.62
N LEU B 94 -2.95 -16.66 -37.02
CA LEU B 94 -1.68 -16.78 -37.70
C LEU B 94 -1.85 -17.60 -38.97
N GLN B 95 -1.28 -17.11 -40.08
CA GLN B 95 -1.30 -17.80 -41.40
C GLN B 95 0.04 -18.46 -41.67
N ILE B 96 0.01 -19.77 -41.94
CA ILE B 96 1.23 -20.50 -42.26
C ILE B 96 1.11 -20.99 -43.69
N LYS B 97 1.98 -20.50 -44.55
CA LYS B 97 1.90 -20.84 -45.95
C LYS B 97 2.66 -22.14 -46.22
N PRO B 98 2.31 -22.80 -47.34
CA PRO B 98 2.98 -24.07 -47.64
C PRO B 98 4.50 -24.00 -47.70
N ARG B 99 5.14 -25.06 -47.27
CA ARG B 99 6.60 -25.22 -47.40
C ARG B 99 7.42 -24.18 -46.60
N SER B 100 6.84 -23.63 -45.53
CA SER B 100 7.56 -22.69 -44.67
C SER B 100 8.61 -23.36 -43.80
N PHE B 101 8.48 -24.66 -43.56
CA PHE B 101 9.39 -25.39 -42.70
C PHE B 101 10.17 -26.51 -43.39
N SER B 102 9.70 -26.96 -44.55
CA SER B 102 10.30 -28.13 -45.22
C SER B 102 11.78 -27.96 -45.56
N GLY B 103 12.19 -26.74 -45.87
CA GLY B 103 13.60 -26.38 -45.96
C GLY B 103 14.48 -26.60 -44.72
N LEU B 104 13.89 -26.56 -43.52
CA LEU B 104 14.67 -26.47 -42.28
C LEU B 104 15.09 -27.87 -41.80
N THR B 105 16.06 -28.37 -42.53
CA THR B 105 16.47 -29.76 -42.50
C THR B 105 16.99 -30.22 -41.14
N TYR B 106 17.47 -29.28 -40.33
CA TYR B 106 18.00 -29.61 -38.98
C TYR B 106 17.07 -29.21 -37.82
N LEU B 107 15.79 -28.91 -38.09
CA LEU B 107 14.86 -28.36 -37.10
C LEU B 107 14.37 -29.45 -36.15
N LYS B 108 14.79 -29.36 -34.89
CA LYS B 108 14.46 -30.34 -33.87
C LYS B 108 13.27 -29.90 -32.96
N SER B 109 12.94 -28.61 -32.90
CA SER B 109 11.94 -28.11 -31.95
C SER B 109 11.11 -27.00 -32.58
N LEU B 110 9.79 -27.14 -32.54
CA LEU B 110 8.93 -26.10 -33.06
C LEU B 110 7.77 -25.85 -32.09
N TYR B 111 7.78 -24.64 -31.50
CA TYR B 111 6.72 -24.15 -30.65
C TYR B 111 5.83 -23.17 -31.40
N LEU B 112 4.56 -23.53 -31.59
CA LEU B 112 3.56 -22.66 -32.23
C LEU B 112 2.33 -22.48 -31.33
N ASP B 113 2.55 -22.48 -30.02
CA ASP B 113 1.44 -22.37 -29.08
C ASP B 113 0.72 -21.02 -29.23
N GLY B 114 -0.54 -20.96 -28.92
CA GLY B 114 -1.17 -19.67 -28.76
C GLY B 114 -1.21 -18.81 -30.00
N ASN B 115 -1.60 -19.40 -31.13
CA ASN B 115 -1.72 -18.69 -32.41
C ASN B 115 -3.03 -18.86 -33.13
N GLN B 116 -4.00 -19.45 -32.44
CA GLN B 116 -5.33 -19.70 -33.00
C GLN B 116 -5.33 -20.59 -34.25
N LEU B 117 -4.38 -21.51 -34.32
CA LEU B 117 -4.27 -22.41 -35.47
C LEU B 117 -5.46 -23.37 -35.49
N LEU B 118 -6.00 -23.60 -36.70
CA LEU B 118 -7.14 -24.51 -36.89
C LEU B 118 -6.71 -25.95 -37.17
N GLU B 119 -5.47 -26.16 -37.55
CA GLU B 119 -4.99 -27.48 -38.01
C GLU B 119 -3.51 -27.69 -37.71
N ILE B 120 -3.11 -28.96 -37.64
CA ILE B 120 -1.72 -29.28 -37.42
C ILE B 120 -0.92 -28.89 -38.67
N PRO B 121 -0.07 -27.84 -38.57
CA PRO B 121 0.73 -27.42 -39.72
C PRO B 121 1.44 -28.58 -40.43
N GLN B 122 1.26 -28.65 -41.75
CA GLN B 122 1.83 -29.73 -42.57
C GLN B 122 3.17 -29.31 -43.21
N GLY B 123 3.84 -30.25 -43.85
CA GLY B 123 5.10 -29.97 -44.51
C GLY B 123 6.23 -29.77 -43.53
N LEU B 124 6.16 -30.44 -42.38
CA LEU B 124 7.18 -30.28 -41.36
C LEU B 124 8.32 -31.26 -41.63
N PRO B 125 9.53 -30.87 -41.25
CA PRO B 125 10.68 -31.70 -41.58
C PRO B 125 10.84 -32.95 -40.68
N PRO B 126 11.40 -34.02 -41.26
CA PRO B 126 11.55 -35.28 -40.52
C PRO B 126 12.59 -35.28 -39.40
N SER B 127 13.38 -34.22 -39.27
CA SER B 127 14.29 -34.01 -38.11
C SER B 127 13.57 -33.67 -36.79
N LEU B 128 12.28 -33.31 -36.88
CA LEU B 128 11.53 -32.73 -35.79
C LEU B 128 11.31 -33.73 -34.64
N GLN B 129 11.74 -33.33 -33.45
CA GLN B 129 11.55 -34.10 -32.21
C GLN B 129 10.45 -33.54 -31.27
N LEU B 130 10.29 -32.21 -31.22
CA LEU B 130 9.35 -31.57 -30.29
C LEU B 130 8.44 -30.67 -31.08
N LEU B 131 7.13 -30.89 -30.97
CA LEU B 131 6.14 -30.02 -31.60
C LEU B 131 5.13 -29.58 -30.54
N SER B 132 4.92 -28.27 -30.42
CA SER B 132 4.06 -27.71 -29.38
C SER B 132 2.99 -26.88 -29.99
N LEU B 133 1.75 -27.22 -29.69
CA LEU B 133 0.59 -26.58 -30.30
C LEU B 133 -0.45 -26.21 -29.25
N GLU B 134 -0.01 -25.97 -28.02
CA GLU B 134 -0.93 -25.62 -26.94
C GLU B 134 -1.67 -24.32 -27.26
N ALA B 135 -2.90 -24.22 -26.78
CA ALA B 135 -3.65 -22.97 -26.90
C ALA B 135 -3.88 -22.51 -28.36
N ASN B 136 -4.01 -23.46 -29.28
CA ASN B 136 -4.59 -23.22 -30.59
C ASN B 136 -6.06 -23.65 -30.64
N ASN B 137 -6.63 -23.86 -31.85
CA ASN B 137 -8.02 -24.32 -32.03
C ASN B 137 -8.07 -25.59 -32.88
N ILE B 138 -7.26 -26.56 -32.47
CA ILE B 138 -7.13 -27.85 -33.13
C ILE B 138 -7.77 -28.82 -32.19
N PHE B 139 -8.94 -29.32 -32.56
CA PHE B 139 -9.71 -30.20 -31.68
C PHE B 139 -10.24 -31.48 -32.34
N SER B 140 -9.48 -31.93 -33.35
CA SER B 140 -9.74 -33.13 -34.12
C SER B 140 -8.41 -33.60 -34.71
N ILE B 141 -7.91 -34.71 -34.20
CA ILE B 141 -6.64 -35.29 -34.59
C ILE B 141 -6.96 -36.48 -35.49
N ARG B 142 -6.34 -36.51 -36.67
CA ARG B 142 -6.56 -37.57 -37.65
C ARG B 142 -5.23 -38.17 -37.99
N LYS B 143 -5.20 -39.50 -38.08
CA LYS B 143 -3.98 -40.27 -38.38
C LYS B 143 -3.18 -39.69 -39.54
N GLU B 144 -3.88 -39.21 -40.57
CA GLU B 144 -3.29 -38.70 -41.80
C GLU B 144 -2.40 -37.49 -41.54
N GLN B 145 -2.87 -36.60 -40.66
CA GLN B 145 -2.16 -35.36 -40.30
C GLN B 145 -0.92 -35.59 -39.43
N LEU B 146 -0.83 -36.77 -38.80
CA LEU B 146 0.35 -37.12 -38.02
C LEU B 146 1.44 -37.88 -38.78
N THR B 147 1.26 -38.19 -40.07
CA THR B 147 2.25 -39.03 -40.77
C THR B 147 3.58 -38.28 -40.90
N GLU B 148 3.52 -36.95 -41.06
CA GLU B 148 4.73 -36.13 -41.06
C GLU B 148 5.56 -36.27 -39.78
N LEU B 149 4.95 -36.65 -38.65
CA LEU B 149 5.65 -36.65 -37.36
C LEU B 149 6.33 -37.95 -36.99
N ALA B 150 6.75 -38.74 -37.98
CA ALA B 150 7.37 -40.06 -37.74
C ALA B 150 8.47 -40.07 -36.70
N ASN B 151 9.32 -39.04 -36.65
CA ASN B 151 10.44 -39.04 -35.70
C ASN B 151 10.20 -38.27 -34.40
N ILE B 152 8.93 -37.88 -34.18
CA ILE B 152 8.58 -37.00 -33.07
C ILE B 152 8.64 -37.73 -31.72
N GLU B 153 9.18 -37.04 -30.71
CA GLU B 153 9.32 -37.57 -29.36
C GLU B 153 8.44 -36.89 -28.32
N ILE B 154 8.10 -35.61 -28.55
CA ILE B 154 7.41 -34.78 -27.58
C ILE B 154 6.35 -33.99 -28.32
N LEU B 155 5.08 -34.19 -27.92
CA LEU B 155 3.97 -33.61 -28.62
C LEU B 155 2.99 -33.00 -27.59
N TYR B 156 2.86 -31.68 -27.61
CA TYR B 156 2.00 -30.94 -26.67
C TYR B 156 0.81 -30.44 -27.44
N LEU B 157 -0.37 -30.98 -27.11
CA LEU B 157 -1.61 -30.64 -27.84
C LEU B 157 -2.71 -30.00 -26.99
N GLY B 158 -2.40 -29.72 -25.73
CA GLY B 158 -3.41 -29.32 -24.77
C GLY B 158 -3.90 -27.89 -24.85
N GLN B 159 -4.91 -27.58 -24.07
CA GLN B 159 -5.48 -26.24 -23.99
C GLN B 159 -6.05 -25.74 -25.32
N ASN B 160 -6.45 -26.66 -26.19
CA ASN B 160 -7.16 -26.32 -27.43
C ASN B 160 -8.69 -26.33 -27.30
N CYS B 161 -9.22 -26.85 -26.20
CA CYS B 161 -10.67 -26.88 -26.01
C CYS B 161 -11.04 -26.95 -24.55
N TYR B 162 -11.22 -25.77 -23.95
CA TYR B 162 -11.58 -25.62 -22.54
C TYR B 162 -12.08 -24.22 -22.23
N TYR B 163 -12.47 -23.93 -21.00
CA TYR B 163 -13.24 -22.70 -20.74
C TYR B 163 -12.54 -21.39 -21.16
N ARG B 164 -11.21 -21.32 -21.09
CA ARG B 164 -10.50 -20.11 -21.54
C ARG B 164 -10.36 -20.08 -23.06
N ASN B 165 -10.67 -21.18 -23.72
CA ASN B 165 -10.44 -21.30 -25.16
C ASN B 165 -11.33 -22.38 -25.73
N PRO B 166 -12.63 -22.12 -25.75
CA PRO B 166 -13.59 -23.21 -26.01
C PRO B 166 -13.70 -23.61 -27.46
N CYS B 167 -13.88 -24.91 -27.74
CA CYS B 167 -14.19 -25.39 -29.09
C CYS B 167 -15.66 -25.75 -29.27
N TYR B 168 -16.42 -25.79 -28.18
CA TYR B 168 -17.87 -26.09 -28.21
C TYR B 168 -18.24 -27.52 -28.65
N VAL B 169 -17.27 -28.44 -28.75
CA VAL B 169 -17.57 -29.84 -29.04
C VAL B 169 -16.60 -30.74 -28.31
N SER B 170 -16.86 -32.04 -28.32
CA SER B 170 -15.89 -32.99 -27.81
C SER B 170 -14.68 -33.03 -28.69
N TYR B 171 -13.56 -33.37 -28.08
CA TYR B 171 -12.33 -33.55 -28.80
C TYR B 171 -12.47 -34.85 -29.56
N SER B 172 -11.86 -34.99 -30.74
CA SER B 172 -11.90 -36.25 -31.53
C SER B 172 -10.50 -36.68 -31.88
N ILE B 173 -10.26 -37.97 -31.68
CA ILE B 173 -9.00 -38.59 -32.03
C ILE B 173 -9.36 -39.86 -32.79
N GLU B 174 -8.91 -39.99 -34.03
CA GLU B 174 -9.13 -41.24 -34.75
C GLU B 174 -8.44 -42.40 -34.08
N LYS B 175 -9.06 -43.58 -34.19
CA LYS B 175 -8.50 -44.85 -33.77
C LYS B 175 -7.05 -44.94 -34.25
N ASP B 176 -6.15 -45.30 -33.34
CA ASP B 176 -4.73 -45.57 -33.65
C ASP B 176 -3.96 -44.35 -34.23
N ALA B 177 -4.48 -43.14 -34.00
CA ALA B 177 -3.92 -41.90 -34.55
C ALA B 177 -2.44 -41.76 -34.29
N PHE B 178 -2.03 -42.03 -33.06
CA PHE B 178 -0.64 -41.91 -32.64
C PHE B 178 0.17 -43.19 -32.71
N LEU B 179 -0.44 -44.32 -33.09
CA LEU B 179 0.22 -45.65 -32.99
C LEU B 179 1.52 -45.76 -33.77
N ASN B 180 1.49 -45.28 -35.01
CA ASN B 180 2.66 -45.34 -35.88
C ASN B 180 3.75 -44.26 -35.60
N LEU B 181 3.53 -43.40 -34.59
CA LEU B 181 4.58 -42.49 -34.10
C LEU B 181 5.44 -43.28 -33.17
N THR B 182 6.36 -44.05 -33.75
CA THR B 182 7.09 -45.09 -33.00
C THR B 182 8.22 -44.58 -32.12
N LYS B 183 8.44 -43.26 -32.07
CA LYS B 183 9.44 -42.66 -31.18
C LYS B 183 8.85 -41.72 -30.10
N LEU B 184 7.53 -41.58 -30.06
CA LEU B 184 6.82 -40.68 -29.15
C LEU B 184 6.97 -41.07 -27.68
N LYS B 185 7.61 -40.19 -26.90
CA LYS B 185 7.87 -40.40 -25.48
C LYS B 185 6.88 -39.64 -24.60
N VAL B 186 6.51 -38.42 -25.01
CA VAL B 186 5.68 -37.53 -24.19
C VAL B 186 4.50 -37.07 -25.00
N LEU B 187 3.29 -37.32 -24.50
CA LEU B 187 2.06 -36.87 -25.17
C LEU B 187 1.20 -36.17 -24.13
N SER B 188 0.78 -34.94 -24.42
CA SER B 188 -0.02 -34.10 -23.50
C SER B 188 -1.26 -33.68 -24.21
N LEU B 189 -2.43 -34.11 -23.71
CA LEU B 189 -3.72 -33.80 -24.32
C LEU B 189 -4.61 -33.17 -23.28
N LYS B 190 -3.98 -32.53 -22.31
CA LYS B 190 -4.66 -31.87 -21.18
C LYS B 190 -5.59 -30.76 -21.62
N ASP B 191 -6.53 -30.39 -20.76
CA ASP B 191 -7.37 -29.20 -20.98
C ASP B 191 -7.95 -29.21 -22.40
N ASN B 192 -8.52 -30.34 -22.82
CA ASN B 192 -8.98 -30.51 -24.23
C ASN B 192 -10.40 -31.04 -24.47
N ASN B 193 -11.22 -31.20 -23.43
CA ASN B 193 -12.56 -31.77 -23.63
C ASN B 193 -12.51 -33.20 -24.28
N VAL B 194 -11.50 -33.99 -23.90
CA VAL B 194 -11.36 -35.38 -24.39
C VAL B 194 -12.34 -36.25 -23.66
N THR B 195 -12.98 -37.19 -24.36
CA THR B 195 -14.00 -38.10 -23.74
C THR B 195 -13.57 -39.52 -23.50
N THR B 196 -12.50 -40.00 -24.15
CA THR B 196 -11.94 -41.34 -23.86
C THR B 196 -10.46 -41.33 -24.08
N VAL B 197 -9.77 -42.20 -23.33
CA VAL B 197 -8.35 -42.38 -23.57
C VAL B 197 -8.22 -42.82 -25.03
N PRO B 198 -7.46 -42.08 -25.86
CA PRO B 198 -7.26 -42.53 -27.24
C PRO B 198 -6.44 -43.82 -27.30
N THR B 199 -6.74 -44.68 -28.26
CA THR B 199 -6.05 -45.98 -28.36
C THR B 199 -5.86 -46.31 -29.83
N VAL B 200 -4.88 -47.13 -30.18
CA VAL B 200 -3.85 -47.68 -29.29
C VAL B 200 -2.73 -46.64 -29.32
N LEU B 201 -2.03 -46.51 -28.20
CA LEU B 201 -0.95 -45.55 -28.09
C LEU B 201 0.37 -46.26 -28.33
N PRO B 202 1.38 -45.54 -28.83
CA PRO B 202 2.64 -46.18 -29.02
C PRO B 202 3.25 -46.57 -27.68
N SER B 203 3.92 -47.73 -27.64
CA SER B 203 4.40 -48.36 -26.39
C SER B 203 5.67 -47.68 -25.90
N THR B 204 6.15 -46.77 -26.71
CA THR B 204 7.37 -46.11 -26.47
C THR B 204 7.17 -44.91 -25.43
N LEU B 205 5.92 -44.53 -25.13
CA LEU B 205 5.58 -43.45 -24.21
C LEU B 205 6.15 -43.57 -22.83
N THR B 206 6.74 -42.48 -22.38
CA THR B 206 7.16 -42.35 -20.98
C THR B 206 6.22 -41.50 -20.15
N GLU B 207 5.56 -40.54 -20.78
CA GLU B 207 4.76 -39.56 -20.05
C GLU B 207 3.47 -39.34 -20.82
N LEU B 208 2.34 -39.48 -20.12
CA LEU B 208 1.02 -39.28 -20.73
C LEU B 208 0.22 -38.38 -19.81
N TYR B 209 -0.23 -37.26 -20.37
CA TYR B 209 -0.97 -36.22 -19.63
C TYR B 209 -2.34 -36.12 -20.24
N LEU B 210 -3.34 -36.61 -19.50
CA LEU B 210 -4.77 -36.56 -19.92
C LEU B 210 -5.64 -35.79 -18.95
N TYR B 211 -5.05 -34.95 -18.11
CA TYR B 211 -5.82 -34.27 -17.06
C TYR B 211 -6.71 -33.15 -17.57
N ASN B 212 -7.67 -32.75 -16.70
CA ASN B 212 -8.68 -31.73 -17.03
C ASN B 212 -9.38 -31.98 -18.36
N ASN B 213 -10.14 -33.06 -18.41
CA ASN B 213 -10.85 -33.48 -19.61
C ASN B 213 -12.29 -34.02 -19.21
N MET B 214 -12.97 -34.77 -20.08
CA MET B 214 -14.31 -35.28 -19.80
C MET B 214 -14.31 -36.78 -20.03
N ILE B 215 -13.31 -37.44 -19.45
CA ILE B 215 -13.16 -38.89 -19.50
C ILE B 215 -13.86 -39.45 -18.25
N ALA B 216 -14.97 -40.15 -18.44
CA ALA B 216 -15.79 -40.69 -17.33
C ALA B 216 -15.37 -42.12 -16.92
N GLU B 217 -14.70 -42.83 -17.83
CA GLU B 217 -14.32 -44.21 -17.64
C GLU B 217 -12.99 -44.51 -18.25
N ILE B 218 -12.21 -45.36 -17.60
CA ILE B 218 -11.03 -45.95 -18.16
C ILE B 218 -11.39 -47.41 -18.51
N GLN B 219 -11.18 -47.81 -19.76
CA GLN B 219 -11.30 -49.22 -20.18
C GLN B 219 -10.10 -50.01 -19.68
N GLU B 220 -10.26 -51.30 -19.47
CA GLU B 220 -9.20 -52.10 -18.82
C GLU B 220 -7.99 -52.25 -19.71
N ASP B 221 -8.20 -52.05 -21.01
CA ASP B 221 -7.20 -52.10 -22.10
C ASP B 221 -6.46 -50.78 -22.38
N ASP B 222 -6.99 -49.69 -21.87
CA ASP B 222 -6.55 -48.37 -22.27
C ASP B 222 -5.02 -48.14 -22.16
N PHE B 223 -4.36 -48.71 -21.15
CA PHE B 223 -2.90 -48.56 -20.99
C PHE B 223 -2.14 -49.90 -21.09
N ASN B 224 -2.69 -50.85 -21.84
CA ASN B 224 -2.15 -52.24 -21.93
C ASN B 224 -0.74 -52.39 -22.40
N ASN B 225 -0.40 -51.62 -23.40
CA ASN B 225 0.90 -51.77 -24.04
C ASN B 225 1.95 -50.79 -23.50
N LEU B 226 1.62 -50.01 -22.48
CA LEU B 226 2.45 -48.87 -22.09
C LEU B 226 3.46 -49.24 -21.02
N ASN B 227 4.32 -50.18 -21.37
CA ASN B 227 5.27 -50.77 -20.42
C ASN B 227 6.49 -49.91 -20.16
N GLN B 228 6.66 -48.81 -20.90
CA GLN B 228 7.71 -47.80 -20.60
C GLN B 228 7.24 -46.54 -19.85
N LEU B 229 5.94 -46.43 -19.62
CA LEU B 229 5.33 -45.25 -19.03
C LEU B 229 5.83 -45.02 -17.62
N GLN B 230 6.35 -43.81 -17.37
CA GLN B 230 6.83 -43.37 -16.04
C GLN B 230 5.89 -42.36 -15.32
N ILE B 231 5.18 -41.54 -16.10
CA ILE B 231 4.26 -40.55 -15.55
C ILE B 231 2.91 -40.70 -16.22
N LEU B 232 1.88 -40.83 -15.39
CA LEU B 232 0.51 -40.82 -15.89
C LEU B 232 -0.29 -39.83 -15.08
N ASP B 233 -0.98 -38.91 -15.75
CA ASP B 233 -1.81 -37.94 -15.05
C ASP B 233 -3.19 -37.98 -15.66
N LEU B 234 -4.18 -38.38 -14.82
CA LEU B 234 -5.59 -38.46 -15.19
C LEU B 234 -6.45 -37.53 -14.37
N SER B 235 -5.81 -36.57 -13.72
CA SER B 235 -6.48 -35.68 -12.77
C SER B 235 -7.60 -34.88 -13.41
N GLY B 236 -8.56 -34.40 -12.64
CA GLY B 236 -9.56 -33.49 -13.20
C GLY B 236 -10.44 -34.09 -14.29
N ASN B 237 -10.66 -35.39 -14.23
CA ASN B 237 -11.73 -36.08 -14.98
C ASN B 237 -12.73 -36.60 -13.95
N CYS B 238 -13.97 -36.13 -13.99
CA CYS B 238 -14.87 -36.19 -12.83
C CYS B 238 -14.29 -35.42 -11.65
N PRO B 239 -14.09 -34.11 -11.84
CA PRO B 239 -13.60 -33.29 -10.78
C PRO B 239 -14.53 -33.14 -9.55
N ARG B 240 -13.90 -32.86 -8.43
CA ARG B 240 -14.57 -32.45 -7.21
C ARG B 240 -14.71 -30.94 -7.32
N CYS B 241 -15.94 -30.46 -7.43
CA CYS B 241 -16.21 -29.08 -7.82
C CYS B 241 -16.52 -28.12 -6.71
N TYR B 242 -16.59 -28.59 -5.46
CA TYR B 242 -16.95 -27.73 -4.35
C TYR B 242 -15.88 -26.67 -4.12
N ASN B 243 -16.32 -25.39 -4.02
CA ASN B 243 -15.44 -24.20 -3.98
C ASN B 243 -14.33 -24.18 -5.03
N ALA B 244 -14.62 -24.72 -6.20
CA ALA B 244 -13.64 -24.69 -7.27
C ALA B 244 -13.57 -23.23 -7.75
N PRO B 245 -12.37 -22.73 -8.01
CA PRO B 245 -12.27 -21.36 -8.50
C PRO B 245 -12.04 -21.28 -10.00
N PHE B 246 -12.60 -22.23 -10.73
CA PHE B 246 -12.69 -22.16 -12.18
C PHE B 246 -14.03 -22.84 -12.45
N PRO B 247 -14.66 -22.61 -13.61
CA PRO B 247 -15.88 -23.37 -13.92
C PRO B 247 -15.60 -24.87 -13.91
N CYS B 248 -16.55 -25.62 -13.38
CA CYS B 248 -16.32 -27.00 -13.01
C CYS B 248 -17.59 -27.79 -13.26
N THR B 249 -17.52 -28.78 -14.14
CA THR B 249 -18.62 -29.68 -14.36
C THR B 249 -18.28 -31.10 -13.86
N PRO B 250 -18.97 -31.55 -12.79
CA PRO B 250 -18.74 -32.90 -12.30
C PRO B 250 -19.41 -33.90 -13.21
N CYS B 251 -18.90 -35.14 -13.18
CA CYS B 251 -19.60 -36.29 -13.74
C CYS B 251 -20.96 -36.43 -13.07
N LYS B 252 -21.95 -36.81 -13.88
CA LYS B 252 -23.33 -36.98 -13.39
C LYS B 252 -23.34 -38.06 -12.28
N ASN B 253 -24.40 -38.00 -11.47
CA ASN B 253 -24.69 -38.99 -10.42
C ASN B 253 -23.61 -39.08 -9.36
N ASN B 254 -22.90 -37.97 -9.10
CA ASN B 254 -21.73 -37.96 -8.20
C ASN B 254 -20.77 -39.13 -8.44
N SER B 255 -20.56 -39.46 -9.69
CA SER B 255 -19.78 -40.61 -10.00
C SER B 255 -18.28 -40.26 -9.94
N PRO B 256 -17.42 -41.21 -9.55
CA PRO B 256 -15.98 -40.99 -9.75
C PRO B 256 -15.57 -41.29 -11.20
N LEU B 257 -14.34 -40.93 -11.52
CA LEU B 257 -13.65 -41.51 -12.68
C LEU B 257 -13.57 -43.00 -12.37
N GLN B 258 -14.12 -43.84 -13.26
CA GLN B 258 -14.19 -45.31 -13.03
C GLN B 258 -12.95 -45.93 -13.64
N ILE B 259 -12.18 -46.61 -12.82
CA ILE B 259 -10.95 -47.24 -13.24
C ILE B 259 -11.00 -48.74 -12.85
N PRO B 260 -11.05 -49.64 -13.83
CA PRO B 260 -10.91 -51.05 -13.53
C PRO B 260 -9.72 -51.35 -12.65
N VAL B 261 -9.89 -52.36 -11.80
CA VAL B 261 -8.87 -52.72 -10.83
C VAL B 261 -7.57 -53.17 -11.50
N ASN B 262 -7.67 -53.71 -12.71
CA ASN B 262 -6.47 -54.14 -13.47
C ASN B 262 -5.89 -53.09 -14.46
N ALA B 263 -6.44 -51.87 -14.45
CA ALA B 263 -6.13 -50.88 -15.48
C ALA B 263 -4.65 -50.54 -15.59
N PHE B 264 -3.91 -50.67 -14.48
CA PHE B 264 -2.51 -50.25 -14.44
C PHE B 264 -1.50 -51.40 -14.54
N ASP B 265 -1.97 -52.63 -14.72
CA ASP B 265 -1.10 -53.83 -14.67
C ASP B 265 0.13 -53.83 -15.55
N ALA B 266 0.00 -53.25 -16.74
CA ALA B 266 1.14 -53.16 -17.63
C ALA B 266 2.21 -52.13 -17.20
N LEU B 267 1.85 -51.24 -16.28
CA LEU B 267 2.66 -50.03 -16.04
C LEU B 267 3.75 -50.26 -15.02
N THR B 268 4.68 -51.17 -15.31
CA THR B 268 5.66 -51.64 -14.32
C THR B 268 6.73 -50.61 -14.04
N GLU B 269 6.97 -49.73 -15.03
CA GLU B 269 7.91 -48.61 -14.88
C GLU B 269 7.30 -47.36 -14.24
N LEU B 270 6.00 -47.34 -13.94
CA LEU B 270 5.33 -46.14 -13.47
C LEU B 270 5.96 -45.56 -12.18
N LYS B 271 6.37 -44.30 -12.27
CA LYS B 271 6.98 -43.58 -11.14
C LYS B 271 6.02 -42.56 -10.48
N VAL B 272 5.17 -41.93 -11.32
CA VAL B 272 4.25 -40.88 -10.90
C VAL B 272 2.84 -41.17 -11.40
N LEU B 273 1.90 -41.18 -10.48
CA LEU B 273 0.51 -41.35 -10.81
C LEU B 273 -0.27 -40.20 -10.15
N ARG B 274 -0.93 -39.39 -10.96
CA ARG B 274 -1.69 -38.27 -10.49
C ARG B 274 -3.16 -38.51 -10.71
N LEU B 275 -3.90 -38.65 -9.61
CA LEU B 275 -5.35 -38.82 -9.64
C LEU B 275 -5.98 -37.77 -8.74
N HIS B 276 -5.58 -36.54 -8.98
CA HIS B 276 -6.08 -35.37 -8.27
C HIS B 276 -7.44 -35.08 -8.85
N SER B 277 -8.42 -34.79 -7.99
CA SER B 277 -9.73 -34.26 -8.46
C SER B 277 -10.42 -35.19 -9.48
N ASN B 278 -10.59 -36.43 -9.05
CA ASN B 278 -11.32 -37.45 -9.79
C ASN B 278 -12.55 -37.99 -9.00
N SER B 279 -12.93 -37.32 -7.90
CA SER B 279 -14.09 -37.69 -7.08
C SER B 279 -14.07 -39.13 -6.57
N LEU B 280 -12.88 -39.67 -6.32
CA LEU B 280 -12.71 -41.04 -5.83
C LEU B 280 -13.19 -41.21 -4.38
N GLN B 281 -13.95 -42.27 -4.14
CA GLN B 281 -14.38 -42.59 -2.78
C GLN B 281 -13.59 -43.72 -2.21
N HIS B 282 -12.95 -44.52 -3.06
CA HIS B 282 -12.17 -45.71 -2.64
C HIS B 282 -10.93 -45.78 -3.49
N VAL B 283 -9.88 -46.34 -2.91
CA VAL B 283 -8.62 -46.54 -3.60
C VAL B 283 -8.37 -48.04 -3.47
N PRO B 284 -8.80 -48.82 -4.47
CA PRO B 284 -8.63 -50.29 -4.37
C PRO B 284 -7.16 -50.73 -4.42
N PRO B 285 -6.71 -51.51 -3.40
CA PRO B 285 -5.35 -52.06 -3.37
C PRO B 285 -4.93 -52.73 -4.65
N ARG B 286 -5.87 -53.46 -5.25
CA ARG B 286 -5.62 -54.18 -6.47
C ARG B 286 -4.96 -53.31 -7.57
N TRP B 287 -5.31 -52.02 -7.66
CA TRP B 287 -4.67 -51.05 -8.60
C TRP B 287 -3.15 -51.15 -8.61
N PHE B 288 -2.57 -51.25 -7.42
CA PHE B 288 -1.10 -51.15 -7.29
C PHE B 288 -0.37 -52.48 -7.25
N LYS B 289 -1.07 -53.58 -7.54
CA LYS B 289 -0.48 -54.93 -7.50
C LYS B 289 0.83 -55.08 -8.28
N ASN B 290 0.86 -54.69 -9.54
CA ASN B 290 2.07 -54.86 -10.39
C ASN B 290 2.86 -53.56 -10.64
N ILE B 291 2.68 -52.58 -9.76
CA ILE B 291 3.53 -51.40 -9.76
C ILE B 291 4.24 -51.35 -8.41
N ASN B 292 5.52 -51.62 -8.39
CA ASN B 292 6.27 -51.51 -7.16
C ASN B 292 7.21 -50.34 -7.12
N ASN B 293 7.58 -49.83 -8.29
CA ASN B 293 8.51 -48.71 -8.41
C ASN B 293 7.82 -47.33 -8.25
N LEU B 294 6.57 -47.29 -7.74
CA LEU B 294 5.83 -46.02 -7.69
C LEU B 294 6.35 -45.12 -6.58
N GLN B 295 6.68 -43.90 -6.95
CA GLN B 295 7.36 -42.92 -6.10
C GLN B 295 6.49 -41.74 -5.67
N GLU B 296 5.61 -41.29 -6.56
CA GLU B 296 4.76 -40.13 -6.32
C GLU B 296 3.31 -40.47 -6.65
N LEU B 297 2.45 -40.30 -5.65
CA LEU B 297 1.02 -40.50 -5.80
C LEU B 297 0.24 -39.27 -5.29
N ASP B 298 -0.57 -38.67 -6.17
CA ASP B 298 -1.40 -37.53 -5.82
C ASP B 298 -2.83 -37.98 -5.81
N LEU B 299 -3.41 -38.01 -4.61
CA LEU B 299 -4.85 -38.28 -4.40
C LEU B 299 -5.61 -37.10 -3.78
N SER B 300 -5.10 -35.89 -4.02
CA SER B 300 -5.74 -34.71 -3.52
C SER B 300 -7.06 -34.48 -4.26
N GLN B 301 -8.02 -33.88 -3.54
CA GLN B 301 -9.29 -33.43 -4.11
C GLN B 301 -10.17 -34.54 -4.59
N ASN B 302 -10.28 -35.56 -3.75
CA ASN B 302 -11.25 -36.62 -3.95
C ASN B 302 -12.18 -36.61 -2.75
N PHE B 303 -12.87 -37.71 -2.49
CA PHE B 303 -13.70 -37.85 -1.31
C PHE B 303 -13.16 -39.06 -0.52
N LEU B 304 -11.90 -38.95 -0.10
CA LEU B 304 -11.19 -40.06 0.55
C LEU B 304 -11.03 -39.89 2.06
N ALA B 305 -11.86 -39.06 2.69
CA ALA B 305 -11.78 -38.88 4.16
C ALA B 305 -11.86 -40.22 4.88
N LYS B 306 -12.92 -41.00 4.65
CA LYS B 306 -13.10 -42.35 5.25
C LYS B 306 -11.91 -43.24 4.91
N GLU B 307 -11.60 -43.33 3.63
CA GLU B 307 -10.50 -44.17 3.12
C GLU B 307 -9.17 -43.88 3.80
N ILE B 308 -8.93 -42.64 4.21
CA ILE B 308 -7.69 -42.30 4.92
C ILE B 308 -7.56 -43.10 6.21
N GLY B 309 -8.68 -43.48 6.81
CA GLY B 309 -8.68 -44.28 8.06
C GLY B 309 -8.49 -45.78 7.88
N ASP B 310 -8.53 -46.24 6.63
CA ASP B 310 -8.42 -47.63 6.27
C ASP B 310 -7.20 -47.79 5.35
N ALA B 311 -7.31 -47.33 4.10
CA ALA B 311 -6.16 -47.25 3.18
C ALA B 311 -5.28 -48.50 3.09
N LYS B 312 -5.90 -49.66 2.84
CA LYS B 312 -5.17 -50.92 2.69
C LYS B 312 -4.15 -50.81 1.57
N PHE B 313 -4.48 -50.03 0.52
CA PHE B 313 -3.61 -49.87 -0.66
C PHE B 313 -2.17 -49.44 -0.33
N LEU B 314 -1.96 -48.81 0.82
CA LEU B 314 -0.63 -48.37 1.22
C LEU B 314 0.38 -49.50 1.40
N HIS B 315 -0.10 -50.68 1.78
CA HIS B 315 0.76 -51.88 1.94
C HIS B 315 1.44 -52.27 0.60
N PHE B 316 0.93 -51.78 -0.53
CA PHE B 316 1.47 -52.08 -1.83
C PHE B 316 2.46 -51.03 -2.34
N LEU B 317 2.90 -50.10 -1.48
CA LEU B 317 3.65 -48.93 -1.93
C LEU B 317 4.92 -48.65 -1.11
N PRO B 318 5.74 -49.69 -0.92
CA PRO B 318 6.93 -49.48 -0.05
C PRO B 318 8.03 -48.56 -0.63
N ASN B 319 7.99 -48.26 -1.93
CA ASN B 319 8.97 -47.32 -2.52
C ASN B 319 8.49 -45.88 -2.71
N LEU B 320 7.30 -45.58 -2.19
CA LEU B 320 6.68 -44.29 -2.41
C LEU B 320 7.41 -43.19 -1.63
N ILE B 321 7.85 -42.16 -2.36
CA ILE B 321 8.55 -41.00 -1.82
C ILE B 321 7.57 -39.91 -1.35
N GLN B 322 6.59 -39.55 -2.20
CA GLN B 322 5.56 -38.51 -1.89
C GLN B 322 4.16 -39.06 -1.93
N LEU B 323 3.35 -38.67 -0.94
CA LEU B 323 1.92 -38.95 -0.96
C LEU B 323 1.11 -37.71 -0.64
N ASP B 324 0.16 -37.38 -1.51
CA ASP B 324 -0.73 -36.27 -1.27
C ASP B 324 -2.19 -36.69 -1.12
N LEU B 325 -2.73 -36.47 0.06
CA LEU B 325 -4.13 -36.77 0.36
C LEU B 325 -4.92 -35.52 0.75
N SER B 326 -4.45 -34.38 0.27
CA SER B 326 -5.02 -33.09 0.65
C SER B 326 -6.44 -32.85 0.07
N PHE B 327 -7.23 -32.10 0.81
CA PHE B 327 -8.56 -31.71 0.40
C PHE B 327 -9.43 -32.89 0.02
N ASN B 328 -9.53 -33.80 0.99
CA ASN B 328 -10.47 -34.93 0.93
C ASN B 328 -11.64 -34.82 1.91
N PHE B 329 -11.76 -33.69 2.58
CA PHE B 329 -12.79 -33.51 3.60
C PHE B 329 -14.19 -33.81 3.12
N GLU B 330 -15.02 -34.30 4.01
CA GLU B 330 -16.46 -34.43 3.75
C GLU B 330 -17.13 -33.06 3.85
N LEU B 331 -17.96 -32.71 2.88
CA LEU B 331 -18.69 -31.43 2.92
C LEU B 331 -19.48 -31.32 4.22
N GLN B 332 -19.44 -30.16 4.87
CA GLN B 332 -20.23 -29.85 6.08
C GLN B 332 -19.82 -30.56 7.40
N VAL B 333 -18.71 -31.26 7.40
CA VAL B 333 -18.31 -32.03 8.54
C VAL B 333 -17.02 -31.46 9.15
N TYR B 334 -17.01 -31.34 10.45
CA TYR B 334 -15.84 -30.87 11.18
C TYR B 334 -15.46 -31.98 12.14
N ARG B 335 -14.67 -32.93 11.64
CA ARG B 335 -14.23 -34.06 12.45
C ARG B 335 -13.57 -33.61 13.75
N ALA B 336 -13.73 -34.41 14.79
CA ALA B 336 -13.07 -34.17 16.06
C ALA B 336 -11.56 -34.45 15.96
N SER B 337 -11.17 -35.39 15.11
CA SER B 337 -9.78 -35.84 15.05
C SER B 337 -9.44 -36.37 13.70
N MET B 338 -8.14 -36.58 13.48
CA MET B 338 -7.63 -37.22 12.27
C MET B 338 -7.35 -38.71 12.51
N ASN B 339 -8.05 -39.55 11.73
CA ASN B 339 -7.97 -41.00 11.81
C ASN B 339 -7.08 -41.43 10.64
N LEU B 340 -5.78 -41.58 10.93
CA LEU B 340 -4.81 -42.18 9.97
C LEU B 340 -4.70 -43.68 10.21
N SER B 341 -5.01 -44.47 9.19
CA SER B 341 -4.84 -45.91 9.21
C SER B 341 -3.43 -46.32 9.67
N GLN B 342 -3.31 -47.46 10.36
CA GLN B 342 -1.97 -48.06 10.64
C GLN B 342 -1.22 -48.36 9.36
N ALA B 343 -1.93 -48.50 8.26
CA ALA B 343 -1.31 -48.83 6.99
C ALA B 343 -0.26 -47.83 6.57
N PHE B 344 -0.39 -46.59 7.05
CA PHE B 344 0.66 -45.55 6.85
C PHE B 344 2.07 -46.02 7.27
N SER B 345 2.15 -46.92 8.25
CA SER B 345 3.43 -47.50 8.67
C SER B 345 4.14 -48.38 7.61
N SER B 346 3.44 -48.81 6.56
CA SER B 346 4.08 -49.54 5.42
C SER B 346 4.93 -48.66 4.54
N LEU B 347 4.89 -47.34 4.72
CA LEU B 347 5.50 -46.43 3.74
C LEU B 347 6.98 -46.19 4.04
N LYS B 348 7.76 -47.27 4.03
CA LYS B 348 9.17 -47.26 4.41
C LYS B 348 9.95 -46.13 3.73
N SER B 349 9.68 -45.87 2.44
CA SER B 349 10.47 -44.87 1.69
C SER B 349 10.00 -43.40 1.76
N LEU B 350 8.83 -43.17 2.39
CA LEU B 350 8.12 -41.89 2.36
C LEU B 350 8.93 -40.74 2.96
N LYS B 351 9.21 -39.75 2.11
CA LYS B 351 9.80 -38.48 2.49
C LYS B 351 8.76 -37.35 2.70
N ILE B 352 7.70 -37.30 1.89
CA ILE B 352 6.76 -36.17 1.94
C ILE B 352 5.35 -36.67 2.09
N LEU B 353 4.62 -36.18 3.09
CA LEU B 353 3.21 -36.53 3.25
C LEU B 353 2.40 -35.26 3.41
N ARG B 354 1.36 -35.08 2.61
CA ARG B 354 0.54 -33.86 2.65
C ARG B 354 -0.89 -34.23 2.87
N ILE B 355 -1.49 -33.74 3.93
CA ILE B 355 -2.90 -33.98 4.19
C ILE B 355 -3.48 -32.66 4.66
N ARG B 356 -3.41 -31.68 3.78
CA ARG B 356 -4.15 -30.46 3.95
C ARG B 356 -5.63 -30.75 3.85
N GLY B 357 -6.44 -29.90 4.44
CA GLY B 357 -7.88 -29.97 4.19
C GLY B 357 -8.55 -31.29 4.43
N TYR B 358 -8.11 -31.95 5.49
CA TYR B 358 -8.83 -33.05 6.08
C TYR B 358 -9.93 -32.46 6.93
N VAL B 359 -9.63 -31.38 7.64
CA VAL B 359 -10.60 -30.57 8.38
C VAL B 359 -11.04 -31.25 9.69
N PHE B 360 -10.35 -30.88 10.77
CA PHE B 360 -10.56 -31.47 12.08
C PHE B 360 -10.11 -30.59 13.24
N LYS B 361 -10.66 -30.83 14.42
CA LYS B 361 -10.58 -29.91 15.55
C LYS B 361 -9.32 -30.02 16.37
N GLU B 362 -8.84 -31.23 16.56
CA GLU B 362 -7.87 -31.50 17.60
C GLU B 362 -6.90 -32.54 17.11
N LEU B 363 -5.63 -32.17 17.11
CA LEU B 363 -4.55 -33.04 16.78
C LEU B 363 -3.90 -33.55 18.06
N LYS B 364 -3.86 -34.88 18.20
CA LYS B 364 -3.25 -35.52 19.37
C LYS B 364 -2.11 -36.45 18.97
N SER B 365 -1.11 -36.53 19.83
CA SER B 365 0.16 -37.21 19.56
C SER B 365 0.03 -38.60 18.92
N PHE B 366 -0.90 -39.39 19.45
CA PHE B 366 -1.00 -40.79 19.07
C PHE B 366 -1.56 -40.91 17.65
N GLN B 367 -2.41 -39.97 17.24
CA GLN B 367 -3.00 -39.95 15.89
C GLN B 367 -1.97 -39.96 14.77
N LEU B 368 -0.76 -39.49 15.07
CA LEU B 368 0.39 -39.56 14.17
C LEU B 368 1.30 -40.79 14.35
N SER B 369 0.92 -41.74 15.22
CA SER B 369 1.82 -42.86 15.57
C SER B 369 2.15 -43.74 14.37
N PRO B 370 1.20 -43.89 13.41
CA PRO B 370 1.53 -44.60 12.18
C PRO B 370 2.74 -44.05 11.44
N LEU B 371 3.08 -42.79 11.71
CA LEU B 371 4.23 -42.16 11.09
C LEU B 371 5.51 -42.32 11.92
N HIS B 372 5.43 -42.86 13.16
CA HIS B 372 6.56 -42.80 14.11
C HIS B 372 7.85 -43.42 13.58
N ASN B 373 7.76 -44.55 12.87
CA ASN B 373 8.96 -45.21 12.35
C ASN B 373 9.20 -45.03 10.86
N LEU B 374 8.65 -43.99 10.24
CA LEU B 374 8.99 -43.74 8.83
C LEU B 374 10.33 -43.03 8.83
N GLN B 375 11.40 -43.80 8.69
CA GLN B 375 12.78 -43.27 8.94
C GLN B 375 13.15 -42.10 8.01
N ASN B 376 12.60 -42.07 6.80
CA ASN B 376 12.96 -41.09 5.79
C ASN B 376 12.02 -39.89 5.71
N LEU B 377 11.01 -39.83 6.59
CA LEU B 377 10.03 -38.75 6.51
C LEU B 377 10.73 -37.39 6.76
N GLU B 378 10.52 -36.45 5.83
CA GLU B 378 11.12 -35.12 5.84
C GLU B 378 10.09 -34.02 5.98
N VAL B 379 8.92 -34.15 5.34
CA VAL B 379 7.88 -33.13 5.35
C VAL B 379 6.59 -33.75 5.81
N LEU B 380 5.98 -33.17 6.84
CA LEU B 380 4.58 -33.51 7.19
C LEU B 380 3.78 -32.21 7.13
N ASP B 381 2.81 -32.16 6.23
CA ASP B 381 2.06 -30.95 5.93
C ASP B 381 0.62 -31.16 6.30
N LEU B 382 0.21 -30.56 7.42
CA LEU B 382 -1.17 -30.63 7.90
C LEU B 382 -1.78 -29.23 7.92
N GLY B 383 -1.47 -28.45 6.88
CA GLY B 383 -1.97 -27.08 6.76
C GLY B 383 -3.44 -27.02 6.40
N THR B 384 -4.07 -25.89 6.65
CA THR B 384 -5.45 -25.66 6.18
C THR B 384 -6.33 -26.80 6.66
N ASN B 385 -6.30 -27.04 7.98
CA ASN B 385 -7.15 -28.05 8.60
C ASN B 385 -8.14 -27.59 9.67
N PHE B 386 -8.15 -26.29 9.97
CA PHE B 386 -8.95 -25.73 11.04
C PHE B 386 -8.72 -26.42 12.38
N ILE B 387 -7.47 -26.84 12.58
CA ILE B 387 -7.07 -27.42 13.85
C ILE B 387 -7.09 -26.28 14.89
N LYS B 388 -7.80 -26.52 15.99
CA LYS B 388 -7.95 -25.61 17.10
C LYS B 388 -7.01 -25.90 18.26
N ILE B 389 -6.63 -27.18 18.43
CA ILE B 389 -5.85 -27.65 19.59
C ILE B 389 -4.76 -28.62 19.12
N ALA B 390 -3.51 -28.28 19.44
CA ALA B 390 -2.39 -29.19 19.25
C ALA B 390 -1.28 -28.94 20.27
N ASN B 391 -0.98 -29.96 21.09
CA ASN B 391 0.20 -29.85 21.96
C ASN B 391 1.40 -30.01 21.05
N LEU B 392 2.08 -28.90 20.84
CA LEU B 392 3.25 -28.85 19.94
C LEU B 392 4.38 -29.77 20.39
N SER B 393 4.41 -30.19 21.65
CA SER B 393 5.45 -31.08 22.16
C SER B 393 5.44 -32.44 21.49
N MET B 394 4.31 -32.87 20.92
CA MET B 394 4.23 -34.12 20.18
C MET B 394 5.30 -34.20 19.11
N PHE B 395 5.76 -33.06 18.60
CA PHE B 395 6.79 -33.08 17.57
C PHE B 395 8.22 -33.42 18.06
N LYS B 396 8.36 -33.67 19.38
CA LYS B 396 9.60 -34.26 19.95
C LYS B 396 9.94 -35.60 19.29
N GLN B 397 8.91 -36.31 18.83
CA GLN B 397 9.08 -37.54 18.05
C GLN B 397 9.32 -37.32 16.56
N PHE B 398 9.65 -36.10 16.14
CA PHE B 398 9.83 -35.82 14.71
C PHE B 398 11.06 -34.98 14.42
N LYS B 399 12.10 -35.07 15.28
CA LYS B 399 13.40 -34.39 15.06
C LYS B 399 14.00 -34.60 13.66
N ARG B 400 13.78 -35.77 13.07
CA ARG B 400 14.37 -36.08 11.76
C ARG B 400 13.75 -35.27 10.60
N LEU B 401 12.53 -34.74 10.80
CA LEU B 401 11.84 -34.00 9.74
C LEU B 401 12.52 -32.68 9.46
N LYS B 402 12.48 -32.28 8.19
CA LYS B 402 12.94 -30.97 7.75
C LYS B 402 11.90 -29.86 7.91
N VAL B 403 10.61 -30.21 7.74
CA VAL B 403 9.48 -29.28 7.81
C VAL B 403 8.22 -29.92 8.40
N ILE B 404 7.63 -29.26 9.39
CA ILE B 404 6.33 -29.61 9.96
C ILE B 404 5.42 -28.39 9.78
N ASP B 405 4.49 -28.50 8.84
CA ASP B 405 3.74 -27.36 8.35
C ASP B 405 2.35 -27.44 8.96
N LEU B 406 2.08 -26.56 9.94
CA LEU B 406 0.73 -26.39 10.48
C LEU B 406 0.13 -25.03 10.07
N SER B 407 0.60 -24.52 8.95
CA SER B 407 0.18 -23.25 8.40
C SER B 407 -1.32 -23.19 8.09
N VAL B 408 -1.94 -22.09 8.47
CA VAL B 408 -3.34 -21.81 8.12
C VAL B 408 -4.24 -22.77 8.89
N ASN B 409 -4.22 -22.60 10.20
CA ASN B 409 -5.06 -23.41 11.04
C ASN B 409 -5.64 -22.45 12.06
N LYS B 410 -6.32 -22.95 13.09
CA LYS B 410 -6.89 -22.11 14.16
C LYS B 410 -6.30 -22.45 15.56
N ILE B 411 -5.10 -23.02 15.58
CA ILE B 411 -4.40 -23.36 16.83
C ILE B 411 -4.31 -22.15 17.77
N SER B 412 -4.66 -22.37 19.05
CA SER B 412 -4.43 -21.41 20.16
C SER B 412 -4.33 -22.15 21.50
N PRO B 413 -3.41 -21.75 22.42
CA PRO B 413 -2.82 -22.53 23.54
C PRO B 413 -3.77 -23.22 24.57
N VAL B 437 8.88 -25.39 -1.00
CA VAL B 437 7.95 -24.29 -1.25
C VAL B 437 6.90 -24.64 -2.32
N LEU B 438 5.62 -24.40 -2.03
CA LEU B 438 4.48 -24.50 -2.98
C LEU B 438 3.81 -23.14 -3.14
N GLU B 439 3.45 -22.78 -4.38
CA GLU B 439 2.73 -21.50 -4.67
C GLU B 439 1.43 -21.37 -3.86
N GLN B 440 0.97 -20.14 -3.61
CA GLN B 440 -0.18 -19.91 -2.69
C GLN B 440 -1.55 -20.34 -3.28
N LEU B 441 -1.69 -20.25 -4.61
CA LEU B 441 -2.76 -20.94 -5.37
C LEU B 441 -2.11 -22.18 -6.04
N TYR B 442 -2.06 -23.28 -5.28
CA TYR B 442 -1.45 -24.55 -5.70
C TYR B 442 -2.54 -25.60 -5.87
N TYR B 443 -3.22 -25.91 -4.78
CA TYR B 443 -4.25 -26.98 -4.76
C TYR B 443 -5.55 -26.63 -5.48
N PHE B 444 -5.78 -25.32 -5.66
CA PHE B 444 -7.05 -24.86 -6.21
C PHE B 444 -6.95 -24.14 -7.56
N ARG B 445 -5.77 -24.01 -8.17
CA ARG B 445 -5.72 -23.48 -9.57
C ARG B 445 -6.03 -24.54 -10.62
N TYR B 446 -6.47 -24.09 -11.80
CA TYR B 446 -7.04 -24.98 -12.82
C TYR B 446 -6.01 -25.98 -13.36
N ASP B 447 -4.86 -25.44 -13.74
CA ASP B 447 -3.77 -26.22 -14.29
C ASP B 447 -2.49 -25.64 -13.67
N LYS B 448 -2.03 -26.27 -12.59
CA LYS B 448 -0.84 -25.74 -11.87
C LYS B 448 0.42 -25.73 -12.78
N TYR B 449 0.44 -26.56 -13.84
CA TYR B 449 1.56 -26.64 -14.82
C TYR B 449 1.28 -25.91 -16.15
N ALA B 450 0.33 -24.96 -16.17
CA ALA B 450 0.05 -24.17 -17.39
C ALA B 450 1.23 -23.24 -17.70
N ARG B 451 1.69 -23.32 -18.95
CA ARG B 451 2.73 -22.46 -19.50
C ARG B 451 2.11 -21.10 -19.87
N SER B 452 2.72 -20.01 -19.43
CA SER B 452 2.34 -18.68 -19.90
C SER B 452 3.20 -18.35 -21.13
N CYS B 453 2.69 -17.43 -21.94
CA CYS B 453 3.44 -16.85 -23.05
C CYS B 453 4.77 -16.23 -22.56
N SER B 468 12.67 -17.54 2.91
CA SER B 468 12.33 -18.87 3.43
C SER B 468 13.42 -19.45 4.35
N CYS B 469 12.99 -20.13 5.41
CA CYS B 469 13.88 -20.56 6.48
C CYS B 469 14.15 -22.06 6.55
N TYR B 470 13.66 -22.81 5.55
CA TYR B 470 13.88 -24.26 5.49
C TYR B 470 15.37 -24.64 5.52
N LYS B 471 16.22 -23.84 4.87
CA LYS B 471 17.65 -24.10 4.80
C LYS B 471 18.40 -24.01 6.17
N TYR B 472 17.79 -23.41 7.18
CA TYR B 472 18.39 -23.36 8.52
C TYR B 472 18.32 -24.69 9.25
N GLY B 473 17.51 -25.63 8.76
CA GLY B 473 17.30 -26.94 9.41
C GLY B 473 15.83 -27.08 9.75
N GLN B 474 15.54 -27.75 10.84
CA GLN B 474 14.20 -28.16 11.17
C GLN B 474 13.25 -27.02 11.41
N THR B 475 12.09 -27.09 10.76
CA THR B 475 11.17 -25.97 10.69
C THR B 475 9.77 -26.36 11.18
N LEU B 476 9.23 -25.55 12.08
CA LEU B 476 7.88 -25.75 12.54
C LEU B 476 7.16 -24.49 12.07
N ASP B 477 6.27 -24.65 11.07
CA ASP B 477 5.55 -23.51 10.49
C ASP B 477 4.20 -23.39 11.17
N LEU B 478 4.06 -22.38 12.04
CA LEU B 478 2.78 -22.11 12.70
C LEU B 478 2.14 -20.83 12.16
N SER B 479 2.51 -20.45 10.95
CA SER B 479 2.01 -19.21 10.43
C SER B 479 0.48 -19.24 10.24
N LYS B 480 -0.13 -18.06 10.28
CA LYS B 480 -1.56 -17.91 10.07
C LYS B 480 -2.36 -18.84 10.94
N ASN B 481 -2.11 -18.72 12.23
CA ASN B 481 -2.89 -19.42 13.23
C ASN B 481 -3.55 -18.43 14.17
N SER B 482 -4.09 -18.90 15.28
CA SER B 482 -4.76 -18.02 16.26
C SER B 482 -4.03 -17.95 17.63
N ILE B 483 -2.71 -17.95 17.64
CA ILE B 483 -1.97 -17.92 18.90
C ILE B 483 -1.98 -16.47 19.40
N PHE B 484 -2.67 -16.23 20.51
CA PHE B 484 -2.75 -14.92 21.14
C PHE B 484 -1.72 -14.78 22.26
N PHE B 485 -1.34 -15.89 22.88
CA PHE B 485 -0.40 -15.84 24.02
C PHE B 485 0.59 -16.99 23.93
N ILE B 486 1.86 -16.69 24.14
CA ILE B 486 2.90 -17.72 24.24
C ILE B 486 3.59 -17.76 25.59
N LYS B 487 3.93 -18.96 26.02
CA LYS B 487 4.83 -19.16 27.17
C LYS B 487 5.76 -20.34 26.91
N SER B 488 6.84 -20.38 27.68
CA SER B 488 7.88 -21.41 27.55
C SER B 488 7.43 -22.85 27.34
N SER B 489 6.51 -23.32 28.18
CA SER B 489 6.07 -24.71 28.11
C SER B 489 5.38 -25.09 26.78
N ASP B 490 4.87 -24.09 26.04
CA ASP B 490 4.32 -24.34 24.72
C ASP B 490 5.34 -24.98 23.79
N PHE B 491 6.62 -24.69 24.01
CA PHE B 491 7.74 -25.26 23.24
C PHE B 491 8.57 -26.32 23.98
N GLN B 492 7.98 -26.92 25.01
CA GLN B 492 8.68 -27.97 25.76
C GLN B 492 9.01 -29.14 24.82
N HIS B 493 10.24 -29.63 24.94
CA HIS B 493 10.77 -30.75 24.16
C HIS B 493 11.04 -30.41 22.71
N LEU B 494 11.13 -29.11 22.37
CA LEU B 494 11.34 -28.72 20.98
C LEU B 494 12.68 -28.02 20.75
N SER B 495 13.66 -28.30 21.59
CA SER B 495 14.93 -27.57 21.52
C SER B 495 15.70 -27.83 20.22
N PHE B 496 15.39 -28.90 19.52
CA PHE B 496 16.00 -29.16 18.21
C PHE B 496 15.68 -28.17 17.09
N LEU B 497 14.60 -27.37 17.26
CA LEU B 497 14.12 -26.48 16.19
C LEU B 497 15.12 -25.40 15.76
N LYS B 498 15.28 -25.24 14.44
CA LYS B 498 16.13 -24.22 13.88
C LYS B 498 15.34 -23.01 13.35
N CYS B 499 14.11 -23.22 12.86
CA CYS B 499 13.26 -22.10 12.44
C CYS B 499 11.88 -22.30 12.97
N LEU B 500 11.29 -21.23 13.50
CA LEU B 500 9.91 -21.25 13.93
C LEU B 500 9.19 -20.14 13.21
N ASN B 501 8.06 -20.45 12.58
CA ASN B 501 7.29 -19.42 11.88
C ASN B 501 6.05 -19.12 12.65
N LEU B 502 6.00 -17.94 13.25
CA LEU B 502 4.82 -17.49 13.97
C LEU B 502 4.13 -16.36 13.21
N SER B 503 4.51 -16.17 11.95
CA SER B 503 3.97 -15.10 11.17
C SER B 503 2.48 -15.18 11.09
N GLY B 504 1.79 -14.08 11.36
CA GLY B 504 0.36 -14.02 11.14
C GLY B 504 -0.42 -14.71 12.20
N ASN B 505 0.01 -14.54 13.46
CA ASN B 505 -0.80 -14.92 14.60
C ASN B 505 -1.37 -13.69 15.27
N LEU B 506 -1.82 -13.81 16.52
CA LEU B 506 -2.45 -12.71 17.21
C LEU B 506 -1.64 -12.26 18.44
N ILE B 507 -0.31 -12.41 18.37
CA ILE B 507 0.53 -12.35 19.56
C ILE B 507 0.70 -10.88 19.89
N SER B 508 0.17 -10.53 21.05
CA SER B 508 -0.02 -9.18 21.44
C SER B 508 0.57 -8.92 22.84
N GLN B 509 1.64 -9.60 23.22
CA GLN B 509 2.17 -9.53 24.59
C GLN B 509 3.54 -8.84 24.73
N THR B 510 3.87 -8.52 25.98
CA THR B 510 5.10 -7.82 26.34
C THR B 510 6.22 -8.82 26.64
N LEU B 511 6.74 -9.42 25.57
CA LEU B 511 7.87 -10.36 25.63
C LEU B 511 9.02 -9.85 26.48
N ASN B 512 9.41 -10.63 27.49
CA ASN B 512 10.41 -10.23 28.50
C ASN B 512 11.64 -11.14 28.51
N GLY B 513 11.75 -12.04 27.54
CA GLY B 513 12.78 -13.06 27.55
C GLY B 513 12.47 -14.40 28.20
N SER B 514 11.22 -14.69 28.53
CA SER B 514 10.88 -15.97 29.12
C SER B 514 10.00 -16.84 28.20
N GLU B 515 9.57 -16.32 27.05
CA GLU B 515 8.51 -16.98 26.28
C GLU B 515 8.99 -18.19 25.43
N PHE B 516 10.23 -18.16 24.99
CA PHE B 516 10.79 -19.15 24.08
C PHE B 516 11.96 -19.91 24.71
N GLN B 517 11.96 -20.07 26.04
CA GLN B 517 13.17 -20.52 26.74
C GLN B 517 13.70 -21.89 26.25
N PRO B 518 12.80 -22.83 25.89
CA PRO B 518 13.31 -24.12 25.36
C PRO B 518 13.99 -24.11 24.00
N LEU B 519 13.89 -23.02 23.25
CA LEU B 519 14.31 -23.03 21.86
C LEU B 519 15.75 -22.58 21.77
N ALA B 520 16.59 -23.42 22.36
CA ALA B 520 17.99 -23.12 22.55
C ALA B 520 18.79 -23.19 21.25
N GLU B 521 18.26 -23.86 20.23
CA GLU B 521 18.99 -23.99 18.97
C GLU B 521 18.44 -23.09 17.86
N LEU B 522 17.37 -22.34 18.14
CA LEU B 522 16.65 -21.60 17.11
C LEU B 522 17.51 -20.57 16.40
N ARG B 523 17.60 -20.69 15.07
CA ARG B 523 18.37 -19.76 14.24
C ARG B 523 17.52 -18.67 13.56
N TYR B 524 16.26 -18.96 13.27
CA TYR B 524 15.40 -18.03 12.56
C TYR B 524 14.08 -17.95 13.30
N LEU B 525 13.63 -16.74 13.61
CA LEU B 525 12.26 -16.57 14.10
C LEU B 525 11.54 -15.55 13.26
N ASP B 526 10.48 -16.01 12.60
CA ASP B 526 9.59 -15.13 11.87
C ASP B 526 8.44 -14.85 12.81
N PHE B 527 8.45 -13.63 13.36
CA PHE B 527 7.40 -13.09 14.22
C PHE B 527 6.66 -11.98 13.47
N SER B 528 6.61 -12.02 12.14
CA SER B 528 5.97 -10.93 11.38
C SER B 528 4.45 -11.03 11.51
N ASN B 529 3.72 -9.95 11.26
CA ASN B 529 2.22 -9.96 11.35
C ASN B 529 1.72 -10.42 12.69
N ASN B 530 2.30 -9.86 13.74
CA ASN B 530 1.83 -10.01 15.13
C ASN B 530 1.71 -8.63 15.72
N ARG B 531 1.47 -8.52 17.02
CA ARG B 531 1.45 -7.22 17.67
C ARG B 531 2.50 -7.14 18.77
N LEU B 532 3.76 -7.18 18.39
CA LEU B 532 4.87 -7.11 19.37
C LEU B 532 4.76 -5.84 20.18
N ASP B 533 4.88 -6.01 21.49
CA ASP B 533 4.93 -4.89 22.40
C ASP B 533 6.30 -4.86 23.04
N LEU B 534 7.11 -3.88 22.63
CA LEU B 534 8.49 -3.75 23.11
C LEU B 534 8.60 -2.86 24.35
N LEU B 535 7.82 -3.13 25.36
CA LEU B 535 8.05 -2.52 26.65
C LEU B 535 9.43 -2.91 27.18
N HIS B 536 9.80 -4.18 27.03
CA HIS B 536 11.00 -4.69 27.64
C HIS B 536 12.10 -4.84 26.60
N SER B 537 13.29 -4.28 26.89
CA SER B 537 14.46 -4.52 26.02
C SER B 537 15.02 -5.94 26.12
N THR B 538 14.47 -6.76 27.02
CA THR B 538 14.86 -8.16 27.17
C THR B 538 14.11 -9.09 26.19
N ALA B 539 13.24 -8.53 25.35
CA ALA B 539 12.53 -9.35 24.38
C ALA B 539 13.51 -10.14 23.50
N PHE B 540 13.19 -11.41 23.33
CA PHE B 540 13.93 -12.30 22.45
C PHE B 540 15.32 -12.78 22.96
N GLU B 541 15.80 -12.28 24.11
CA GLU B 541 17.18 -12.58 24.54
C GLU B 541 17.41 -14.05 24.94
N GLU B 542 16.36 -14.79 25.30
CA GLU B 542 16.50 -16.24 25.48
C GLU B 542 16.88 -17.00 24.22
N LEU B 543 16.62 -16.44 23.03
CA LEU B 543 17.01 -17.11 21.79
C LEU B 543 18.48 -16.84 21.46
N ARG B 544 19.35 -17.51 22.21
CA ARG B 544 20.77 -17.21 22.22
C ARG B 544 21.52 -17.55 20.97
N LYS B 545 20.94 -18.40 20.11
CA LYS B 545 21.55 -18.77 18.83
C LYS B 545 20.94 -18.03 17.61
N LEU B 546 20.11 -17.03 17.86
CA LEU B 546 19.26 -16.46 16.83
C LEU B 546 20.06 -15.66 15.80
N GLU B 547 19.98 -16.11 14.55
CA GLU B 547 20.63 -15.39 13.45
C GLU B 547 19.73 -14.40 12.69
N VAL B 548 18.45 -14.72 12.59
CA VAL B 548 17.50 -13.90 11.85
C VAL B 548 16.22 -13.70 12.66
N LEU B 549 15.82 -12.44 12.83
CA LEU B 549 14.58 -12.09 13.49
C LEU B 549 13.73 -11.20 12.58
N ASP B 550 12.54 -11.68 12.22
CA ASP B 550 11.59 -10.87 11.52
C ASP B 550 10.46 -10.39 12.44
N ILE B 551 10.48 -9.09 12.71
CA ILE B 551 9.36 -8.45 13.41
C ILE B 551 8.66 -7.42 12.54
N SER B 552 8.73 -7.62 11.24
CA SER B 552 7.97 -6.78 10.32
C SER B 552 6.46 -6.84 10.51
N SER B 553 5.79 -5.74 10.21
CA SER B 553 4.32 -5.69 10.24
C SER B 553 3.82 -6.04 11.64
N ASN B 554 4.44 -5.41 12.64
CA ASN B 554 3.99 -5.43 14.01
C ASN B 554 3.72 -3.99 14.38
N SER B 555 3.00 -3.30 13.50
CA SER B 555 2.81 -1.86 13.66
C SER B 555 1.90 -1.48 14.81
N HIS B 556 1.05 -2.39 15.26
CA HIS B 556 0.00 -2.04 16.24
C HIS B 556 0.45 -1.14 17.38
N TYR B 557 1.45 -1.56 18.14
CA TYR B 557 1.90 -0.77 19.27
C TYR B 557 2.84 0.40 18.88
N PHE B 558 3.50 0.37 17.72
CA PHE B 558 4.26 1.56 17.26
C PHE B 558 3.33 2.67 16.70
N GLN B 559 2.21 2.31 16.10
CA GLN B 559 1.14 3.25 15.69
C GLN B 559 0.53 4.10 16.80
N SER B 560 0.74 3.73 18.07
CA SER B 560 0.17 4.51 19.17
C SER B 560 1.20 5.40 19.88
N GLU B 561 0.69 6.58 20.24
CA GLU B 561 1.45 7.67 20.82
C GLU B 561 1.74 7.42 22.32
N GLY B 562 2.97 7.71 22.73
CA GLY B 562 3.32 7.80 24.16
C GLY B 562 3.24 6.51 24.97
N ILE B 563 3.56 5.43 24.27
CA ILE B 563 3.69 4.07 24.77
C ILE B 563 5.21 3.89 24.70
N THR B 564 5.79 3.00 25.49
CA THR B 564 7.23 2.73 25.46
C THR B 564 7.61 1.80 24.30
N HIS B 565 8.77 2.01 23.72
CA HIS B 565 9.30 1.13 22.68
C HIS B 565 10.82 1.06 22.87
N MET B 566 11.34 -0.10 23.21
CA MET B 566 12.74 -0.27 23.45
C MET B 566 13.37 -0.89 22.22
N LEU B 567 13.78 -0.03 21.28
CA LEU B 567 14.45 -0.51 20.06
C LEU B 567 15.88 -0.98 20.31
N ASN B 568 16.41 -0.76 21.51
CA ASN B 568 17.73 -1.26 21.90
C ASN B 568 17.74 -2.70 22.38
N PHE B 569 16.61 -3.40 22.26
CA PHE B 569 16.54 -4.82 22.56
C PHE B 569 17.58 -5.70 21.84
N THR B 570 18.15 -5.18 20.75
CA THR B 570 19.12 -5.89 19.92
C THR B 570 20.40 -6.24 20.62
N LYS B 571 20.74 -5.48 21.67
CA LYS B 571 22.02 -5.60 22.33
C LYS B 571 22.28 -7.00 22.86
N ASN B 572 21.23 -7.63 23.38
CA ASN B 572 21.34 -8.96 24.01
C ASN B 572 21.57 -10.14 23.04
N LEU B 573 21.34 -9.93 21.74
CA LEU B 573 21.36 -11.01 20.74
C LEU B 573 22.70 -11.07 20.02
N LYS B 574 23.57 -11.93 20.54
CA LYS B 574 24.99 -11.86 20.26
C LYS B 574 25.44 -12.46 18.94
N VAL B 575 24.58 -13.24 18.30
CA VAL B 575 24.90 -13.79 16.98
C VAL B 575 23.88 -13.41 15.92
N LEU B 576 23.12 -12.33 16.17
CA LEU B 576 22.06 -11.90 15.29
C LEU B 576 22.67 -11.21 14.11
N GLN B 577 22.31 -11.69 12.91
CA GLN B 577 22.87 -11.25 11.64
C GLN B 577 21.92 -10.35 10.87
N LYS B 578 20.64 -10.66 10.94
CA LYS B 578 19.65 -9.99 10.13
C LYS B 578 18.44 -9.72 10.97
N LEU B 579 18.00 -8.46 10.93
CA LEU B 579 16.82 -7.99 11.61
C LEU B 579 15.95 -7.29 10.60
N MET B 580 14.69 -7.70 10.54
CA MET B 580 13.70 -7.15 9.62
C MET B 580 12.65 -6.50 10.45
N MET B 581 12.52 -5.19 10.31
CA MET B 581 11.49 -4.51 11.06
C MET B 581 10.73 -3.54 10.18
N ASN B 582 10.32 -4.09 9.03
CA ASN B 582 9.60 -3.37 7.99
C ASN B 582 8.12 -3.13 8.33
N ASP B 583 7.58 -2.06 7.75
CA ASP B 583 6.16 -1.73 7.86
C ASP B 583 5.65 -1.68 9.29
N ASN B 584 6.46 -1.16 10.19
CA ASN B 584 6.05 -1.02 11.60
C ASN B 584 5.60 0.38 11.95
N ASP B 585 5.69 1.32 11.01
CA ASP B 585 5.15 2.66 11.24
C ASP B 585 5.83 3.36 12.41
N ILE B 586 7.10 3.06 12.61
CA ILE B 586 7.86 3.51 13.76
C ILE B 586 8.16 5.00 13.62
N SER B 587 7.63 5.78 14.54
CA SER B 587 7.82 7.24 14.55
C SER B 587 8.35 7.77 15.88
N SER B 588 8.52 6.90 16.86
CA SER B 588 8.97 7.30 18.19
C SER B 588 9.71 6.12 18.78
N SER B 589 10.66 6.40 19.67
CA SER B 589 11.44 5.35 20.29
C SER B 589 11.90 5.87 21.62
N THR B 590 11.88 4.99 22.62
CA THR B 590 12.36 5.30 23.93
C THR B 590 13.88 5.25 23.97
N SER B 591 14.50 4.39 23.17
CA SER B 591 15.94 4.34 23.06
C SER B 591 16.39 5.20 21.94
N ARG B 592 17.52 5.84 22.15
CA ARG B 592 18.13 6.76 21.21
C ARG B 592 19.00 5.98 20.22
N THR B 593 19.51 4.83 20.65
CA THR B 593 20.43 4.04 19.87
C THR B 593 20.06 2.55 19.85
N MET B 594 20.25 1.94 18.67
CA MET B 594 20.17 0.51 18.54
C MET B 594 21.60 0.03 18.57
N GLU B 595 21.80 -1.09 19.27
CA GLU B 595 23.15 -1.65 19.45
C GLU B 595 23.25 -3.13 19.14
N SER B 596 24.33 -3.50 18.46
CA SER B 596 24.65 -4.89 18.17
C SER B 596 26.10 -4.98 17.77
N GLU B 597 26.75 -6.07 18.19
CA GLU B 597 28.10 -6.38 17.76
C GLU B 597 28.06 -7.29 16.54
N SER B 598 26.92 -7.92 16.27
CA SER B 598 26.86 -8.94 15.21
C SER B 598 26.09 -8.55 13.96
N LEU B 599 25.11 -7.66 14.08
CA LEU B 599 24.11 -7.47 13.05
C LEU B 599 24.69 -6.93 11.75
N ARG B 600 24.43 -7.61 10.63
CA ARG B 600 24.94 -7.20 9.29
C ARG B 600 23.88 -6.53 8.41
N THR B 601 22.63 -6.94 8.57
CA THR B 601 21.55 -6.46 7.73
C THR B 601 20.40 -5.96 8.56
N LEU B 602 19.98 -4.71 8.32
CA LEU B 602 18.76 -4.19 8.97
C LEU B 602 17.79 -3.65 7.91
N GLU B 603 16.61 -4.24 7.86
CA GLU B 603 15.50 -3.75 7.02
C GLU B 603 14.52 -2.93 7.87
N PHE B 604 14.38 -1.65 7.51
CA PHE B 604 13.66 -0.68 8.31
C PHE B 604 12.79 0.14 7.41
N ARG B 605 12.24 -0.50 6.41
CA ARG B 605 11.46 0.15 5.37
C ARG B 605 10.02 0.27 5.83
N GLY B 606 9.31 1.31 5.41
CA GLY B 606 7.88 1.48 5.79
C GLY B 606 7.71 1.95 7.23
N ASN B 607 8.50 2.94 7.64
CA ASN B 607 8.47 3.49 9.00
C ASN B 607 8.48 5.01 8.86
N HIS B 608 8.67 5.74 9.95
CA HIS B 608 8.58 7.18 9.92
C HIS B 608 9.83 7.83 10.51
N LEU B 609 10.97 7.48 9.93
CA LEU B 609 12.19 8.18 10.29
C LEU B 609 12.05 9.67 10.01
N ASP B 610 11.16 10.06 9.09
CA ASP B 610 10.94 11.50 8.87
C ASP B 610 10.50 12.22 10.15
N VAL B 611 9.70 11.52 10.97
CA VAL B 611 9.24 12.03 12.24
C VAL B 611 10.36 11.91 13.30
N LEU B 612 11.00 10.75 13.40
CA LEU B 612 12.11 10.62 14.34
C LEU B 612 13.21 11.63 14.14
N TRP B 613 13.50 11.94 12.87
CA TRP B 613 14.51 12.92 12.47
C TRP B 613 13.91 14.27 12.06
N ARG B 614 12.77 14.62 12.65
CA ARG B 614 12.16 15.94 12.47
C ARG B 614 13.24 17.04 12.60
N ASP B 615 13.26 17.96 11.64
CA ASP B 615 14.31 18.94 11.61
C ASP B 615 14.31 19.73 12.94
N GLY B 616 15.46 19.77 13.60
CA GLY B 616 15.59 20.35 14.92
C GLY B 616 15.72 19.40 16.09
N ASP B 617 15.41 18.13 15.87
CA ASP B 617 15.54 17.10 16.90
C ASP B 617 16.72 16.19 16.52
N ASN B 618 17.76 16.25 17.33
CA ASN B 618 19.02 15.53 17.17
C ASN B 618 19.08 14.18 17.86
N ARG B 619 18.08 13.86 18.65
CA ARG B 619 18.17 12.74 19.54
C ARG B 619 18.34 11.41 18.84
N TYR B 620 17.72 11.22 17.66
CA TYR B 620 17.75 9.91 17.00
C TYR B 620 18.66 9.83 15.77
N LEU B 621 19.50 10.85 15.56
CA LEU B 621 20.43 10.88 14.43
C LEU B 621 21.52 9.82 14.48
N GLN B 622 21.66 9.12 15.60
CA GLN B 622 22.68 8.08 15.73
C GLN B 622 22.03 6.76 16.05
N LEU B 623 20.77 6.66 15.65
CA LEU B 623 19.98 5.46 15.92
C LEU B 623 20.65 4.16 15.50
N PHE B 624 21.32 4.19 14.35
CA PHE B 624 21.94 2.99 13.77
C PHE B 624 23.45 2.95 13.94
N LYS B 625 24.03 3.99 14.55
CA LYS B 625 25.50 4.17 14.58
C LYS B 625 26.28 3.06 15.29
N ASN B 626 25.66 2.52 16.34
CA ASN B 626 26.30 1.49 17.16
C ASN B 626 25.97 0.07 16.73
N LEU B 627 25.46 -0.06 15.49
CA LEU B 627 25.38 -1.35 14.82
C LEU B 627 26.68 -1.53 14.06
N LEU B 628 27.73 -1.91 14.77
CA LEU B 628 29.11 -1.70 14.29
C LEU B 628 29.44 -2.51 13.06
N LYS B 629 28.85 -3.70 12.95
CA LYS B 629 29.10 -4.52 11.77
C LYS B 629 28.03 -4.42 10.67
N LEU B 630 27.16 -3.42 10.75
CA LEU B 630 26.08 -3.26 9.79
C LEU B 630 26.58 -2.96 8.42
N GLU B 631 26.21 -3.82 7.48
CA GLU B 631 26.60 -3.67 6.07
C GLU B 631 25.47 -3.24 5.16
N GLU B 632 24.24 -3.61 5.48
CA GLU B 632 23.08 -3.35 4.64
C GLU B 632 21.98 -2.68 5.48
N LEU B 633 21.53 -1.52 5.01
CA LEU B 633 20.46 -0.78 5.63
C LEU B 633 19.46 -0.35 4.58
N ASP B 634 18.21 -0.78 4.76
CA ASP B 634 17.10 -0.38 3.93
C ASP B 634 16.21 0.60 4.71
N ILE B 635 16.28 1.88 4.32
CA ILE B 635 15.39 2.90 4.89
C ILE B 635 14.59 3.56 3.79
N SER B 636 14.15 2.72 2.85
CA SER B 636 13.19 3.11 1.84
C SER B 636 11.82 3.28 2.51
N LYS B 637 10.90 3.96 1.84
CA LYS B 637 9.50 4.16 2.32
C LYS B 637 9.46 4.66 3.74
N ASN B 638 10.22 5.72 4.03
CA ASN B 638 10.19 6.38 5.33
C ASN B 638 9.76 7.84 5.27
N SER B 639 9.14 8.24 4.14
CA SER B 639 8.72 9.63 3.92
C SER B 639 9.85 10.65 4.15
N LEU B 640 11.08 10.27 3.85
CA LEU B 640 12.18 11.22 3.92
C LEU B 640 12.25 12.14 2.70
N SER B 641 11.47 13.19 2.74
CA SER B 641 11.58 14.31 1.80
C SER B 641 12.96 14.86 1.70
N PHE B 642 13.63 14.94 2.84
CA PHE B 642 14.98 15.46 2.94
C PHE B 642 15.66 14.67 4.03
N LEU B 643 16.97 14.73 4.03
CA LEU B 643 17.79 14.10 5.05
C LEU B 643 18.41 15.16 5.94
N PRO B 644 17.99 15.24 7.20
CA PRO B 644 18.64 16.26 8.03
C PRO B 644 20.13 16.01 8.07
N SER B 645 20.91 17.09 8.26
CA SER B 645 22.36 16.94 8.45
C SER B 645 22.56 16.18 9.76
N GLY B 646 23.47 15.21 9.72
CA GLY B 646 23.70 14.36 10.86
C GLY B 646 23.44 12.91 10.54
N VAL B 647 22.55 12.66 9.56
CA VAL B 647 22.17 11.32 9.21
C VAL B 647 23.35 10.50 8.73
N PHE B 648 24.14 11.05 7.81
CA PHE B 648 25.27 10.30 7.25
C PHE B 648 26.43 10.10 8.23
N ASP B 649 26.74 11.14 8.99
CA ASP B 649 27.69 11.04 10.08
C ASP B 649 27.22 9.98 11.07
N GLY B 650 25.90 9.87 11.24
CA GLY B 650 25.31 8.90 12.13
C GLY B 650 25.34 7.46 11.68
N MET B 651 25.63 7.20 10.40
CA MET B 651 25.61 5.85 9.89
C MET B 651 26.75 5.05 10.48
N PRO B 652 26.58 3.73 10.66
CA PRO B 652 27.68 2.94 11.19
C PRO B 652 28.79 2.77 10.16
N PRO B 653 30.02 2.59 10.63
CA PRO B 653 31.20 2.77 9.78
C PRO B 653 31.41 1.78 8.62
N ASN B 654 30.79 0.60 8.64
CA ASN B 654 30.94 -0.37 7.57
C ASN B 654 29.74 -0.50 6.65
N LEU B 655 28.89 0.51 6.61
CA LEU B 655 27.72 0.47 5.74
C LEU B 655 28.18 0.35 4.28
N LYS B 656 27.67 -0.67 3.59
CA LYS B 656 27.98 -0.94 2.18
C LYS B 656 26.81 -0.67 1.25
N ASN B 657 25.62 -1.10 1.65
CA ASN B 657 24.44 -1.09 0.80
C ASN B 657 23.34 -0.23 1.50
N LEU B 658 23.08 0.95 0.94
CA LEU B 658 22.06 1.83 1.50
C LEU B 658 20.93 2.07 0.51
N SER B 659 19.69 1.81 0.94
CA SER B 659 18.53 2.19 0.16
C SER B 659 17.78 3.33 0.84
N LEU B 660 17.59 4.39 0.06
CA LEU B 660 16.66 5.46 0.34
C LEU B 660 15.60 5.54 -0.77
N ALA B 661 15.20 4.40 -1.31
CA ALA B 661 14.15 4.44 -2.35
C ALA B 661 12.77 4.90 -1.80
N LYS B 662 11.93 5.46 -2.67
CA LYS B 662 10.51 5.65 -2.37
C LYS B 662 10.32 6.48 -1.12
N ASN B 663 11.04 7.58 -1.06
CA ASN B 663 10.98 8.49 0.04
C ASN B 663 10.43 9.84 -0.29
N GLY B 664 10.16 10.12 -1.58
CA GLY B 664 9.85 11.48 -2.02
C GLY B 664 10.99 12.48 -1.83
N LEU B 665 12.24 12.01 -1.75
CA LEU B 665 13.39 12.89 -1.60
C LEU B 665 13.38 13.93 -2.69
N LYS B 666 13.33 15.19 -2.28
CA LYS B 666 13.37 16.32 -3.21
C LYS B 666 14.75 16.93 -3.29
N SER B 667 15.64 16.56 -2.38
CA SER B 667 16.98 17.14 -2.38
C SER B 667 17.89 16.20 -1.65
N PHE B 668 19.18 16.35 -1.92
CA PHE B 668 20.17 15.41 -1.42
C PHE B 668 21.54 16.06 -1.54
N ILE B 669 22.16 16.36 -0.39
CA ILE B 669 23.55 16.87 -0.34
C ILE B 669 24.49 15.71 -0.63
N TRP B 670 24.86 15.57 -1.90
CA TRP B 670 25.74 14.48 -2.35
C TRP B 670 27.11 14.43 -1.66
N GLU B 671 27.64 15.59 -1.25
CA GLU B 671 28.93 15.69 -0.56
C GLU B 671 28.94 14.92 0.74
N LYS B 672 27.78 14.79 1.39
CA LYS B 672 27.71 14.03 2.64
C LYS B 672 27.99 12.52 2.50
N LEU B 673 28.01 11.99 1.28
CA LEU B 673 28.44 10.61 1.05
C LEU B 673 29.91 10.35 1.42
N ARG B 674 30.70 11.41 1.53
CA ARG B 674 32.06 11.31 2.07
C ARG B 674 32.13 10.59 3.41
N TYR B 675 31.14 10.78 4.28
CA TYR B 675 31.11 10.08 5.57
C TYR B 675 30.99 8.55 5.44
N LEU B 676 30.38 8.05 4.37
CA LEU B 676 30.11 6.62 4.22
C LEU B 676 31.27 5.96 3.49
N LYS B 677 32.34 5.76 4.23
CA LYS B 677 33.62 5.40 3.63
C LYS B 677 33.68 4.01 3.01
N ASN B 678 32.75 3.12 3.35
CA ASN B 678 32.66 1.81 2.71
C ASN B 678 31.46 1.59 1.80
N LEU B 679 30.84 2.69 1.32
CA LEU B 679 29.60 2.62 0.58
C LEU B 679 29.88 2.10 -0.80
N GLU B 680 29.13 1.07 -1.20
CA GLU B 680 29.28 0.42 -2.50
C GLU B 680 28.06 0.51 -3.39
N THR B 681 26.89 0.31 -2.80
CA THR B 681 25.60 0.41 -3.49
C THR B 681 24.74 1.51 -2.86
N LEU B 682 24.24 2.44 -3.69
CA LEU B 682 23.35 3.46 -3.19
C LEU B 682 22.08 3.52 -4.06
N ASP B 683 20.94 3.24 -3.40
CA ASP B 683 19.66 3.18 -4.08
C ASP B 683 18.80 4.39 -3.77
N LEU B 684 18.71 5.29 -4.74
CA LEU B 684 17.87 6.48 -4.67
C LEU B 684 16.70 6.40 -5.65
N SER B 685 16.36 5.20 -6.06
CA SER B 685 15.24 5.01 -7.00
C SER B 685 13.90 5.55 -6.47
N HIS B 686 13.02 5.99 -7.37
CA HIS B 686 11.64 6.41 -7.05
C HIS B 686 11.61 7.53 -6.04
N ASN B 687 12.22 8.63 -6.38
CA ASN B 687 12.23 9.82 -5.55
C ASN B 687 11.99 11.01 -6.49
N GLN B 688 12.32 12.22 -6.07
CA GLN B 688 12.07 13.43 -6.86
C GLN B 688 13.34 14.23 -7.03
N LEU B 689 14.48 13.57 -7.18
CA LEU B 689 15.74 14.28 -7.35
C LEU B 689 15.74 14.92 -8.75
N THR B 690 16.15 16.19 -8.82
CA THR B 690 16.29 16.89 -10.08
C THR B 690 17.74 17.01 -10.54
N THR B 691 18.72 16.75 -9.67
CA THR B 691 20.11 16.88 -10.04
C THR B 691 20.98 15.72 -9.59
N VAL B 692 22.07 15.58 -10.32
CA VAL B 692 23.21 14.75 -9.93
C VAL B 692 24.35 15.67 -9.39
N PRO B 693 25.30 15.09 -8.65
CA PRO B 693 26.45 15.89 -8.19
C PRO B 693 27.31 16.42 -9.34
N GLU B 694 27.96 17.56 -9.12
CA GLU B 694 28.90 18.18 -10.05
C GLU B 694 30.04 17.24 -10.38
N ARG B 695 30.55 16.59 -9.33
CA ARG B 695 31.59 15.56 -9.45
C ARG B 695 31.32 14.38 -8.53
N LEU B 696 30.86 13.25 -9.07
CA LEU B 696 30.57 12.08 -8.26
C LEU B 696 31.80 11.57 -7.51
N SER B 697 32.95 11.60 -8.16
CA SER B 697 34.26 11.15 -7.56
C SER B 697 34.65 11.92 -6.28
N ASN B 698 34.30 13.20 -6.26
CA ASN B 698 34.50 14.08 -5.09
C ASN B 698 33.52 13.79 -3.94
N CYS B 699 32.49 12.94 -4.15
CA CYS B 699 31.50 12.55 -3.12
C CYS B 699 31.74 11.19 -2.49
N SER B 700 32.30 10.28 -3.25
CA SER B 700 32.56 8.96 -2.70
C SER B 700 33.56 8.27 -3.57
N ARG B 701 34.59 7.72 -2.92
CA ARG B 701 35.64 6.93 -3.56
C ARG B 701 35.30 5.46 -3.66
N SER B 702 34.30 5.02 -2.91
CA SER B 702 34.03 3.60 -2.81
C SER B 702 32.89 3.18 -3.71
N LEU B 703 32.06 4.14 -4.15
CA LEU B 703 30.76 3.84 -4.72
C LEU B 703 30.90 3.11 -6.03
N LYS B 704 30.24 1.96 -6.13
CA LYS B 704 30.25 1.11 -7.31
C LYS B 704 28.91 1.09 -8.05
N ASN B 705 27.79 0.99 -7.33
CA ASN B 705 26.44 0.86 -7.94
C ASN B 705 25.51 1.99 -7.51
N LEU B 706 25.10 2.81 -8.48
CA LEU B 706 24.33 3.97 -8.21
C LEU B 706 23.01 3.85 -8.97
N ILE B 707 21.92 3.76 -8.22
CA ILE B 707 20.60 3.59 -8.78
C ILE B 707 19.80 4.85 -8.61
N LEU B 708 19.54 5.53 -9.72
CA LEU B 708 18.83 6.80 -9.76
C LEU B 708 17.57 6.73 -10.61
N LYS B 709 17.07 5.51 -10.85
CA LYS B 709 15.89 5.36 -11.69
C LYS B 709 14.68 5.99 -11.06
N ASN B 710 13.77 6.49 -11.89
CA ASN B 710 12.48 7.03 -11.45
C ASN B 710 12.68 8.24 -10.56
N ASN B 711 13.37 9.23 -11.14
CA ASN B 711 13.51 10.52 -10.53
C ASN B 711 13.12 11.59 -11.54
N GLN B 712 13.43 12.85 -11.28
CA GLN B 712 13.02 13.94 -12.14
C GLN B 712 14.25 14.62 -12.74
N ILE B 713 15.29 13.85 -13.05
CA ILE B 713 16.55 14.44 -13.46
C ILE B 713 16.45 14.87 -14.91
N ARG B 714 16.67 16.16 -15.16
CA ARG B 714 16.52 16.74 -16.50
C ARG B 714 17.82 16.86 -17.32
N SER B 715 18.95 16.87 -16.62
CA SER B 715 20.25 16.97 -17.25
C SER B 715 21.35 16.62 -16.25
N LEU B 716 22.51 16.25 -16.78
CA LEU B 716 23.61 15.84 -15.97
C LEU B 716 24.58 17.02 -15.82
N THR B 717 25.32 17.04 -14.74
CA THR B 717 26.33 18.08 -14.52
C THR B 717 27.47 17.88 -15.50
N LYS B 718 28.17 18.96 -15.80
CA LYS B 718 29.19 18.96 -16.85
C LYS B 718 30.27 17.87 -16.71
N TYR B 719 30.69 17.59 -15.48
CA TYR B 719 31.75 16.60 -15.21
C TYR B 719 31.31 15.47 -14.31
N PHE B 720 30.02 15.16 -14.38
CA PHE B 720 29.36 14.23 -13.48
C PHE B 720 30.23 13.03 -13.11
N LEU B 721 30.57 12.20 -14.08
CA LEU B 721 31.30 10.96 -13.78
C LEU B 721 32.82 11.10 -13.90
N GLN B 722 33.33 12.31 -14.09
CA GLN B 722 34.78 12.52 -14.22
C GLN B 722 35.58 11.89 -13.08
N ASP B 723 36.49 11.00 -13.47
CA ASP B 723 37.37 10.25 -12.57
C ASP B 723 36.69 9.31 -11.54
N ALA B 724 35.42 8.99 -11.75
CA ALA B 724 34.73 8.00 -10.91
C ALA B 724 35.15 6.57 -11.26
N PHE B 725 36.41 6.23 -11.04
CA PHE B 725 36.93 4.95 -11.53
C PHE B 725 36.29 3.74 -10.86
N GLN B 726 35.75 3.91 -9.65
CA GLN B 726 35.14 2.77 -8.93
C GLN B 726 33.80 2.33 -9.49
N LEU B 727 33.17 3.20 -10.28
CA LEU B 727 31.79 2.99 -10.71
C LEU B 727 31.67 1.78 -11.62
N ARG B 728 30.71 0.90 -11.35
CA ARG B 728 30.47 -0.29 -12.17
C ARG B 728 29.05 -0.44 -12.68
N TYR B 729 28.08 0.26 -12.08
CA TYR B 729 26.66 0.08 -12.41
C TYR B 729 25.93 1.42 -12.21
N LEU B 730 25.31 1.93 -13.25
CA LEU B 730 24.65 3.23 -13.16
C LEU B 730 23.28 3.08 -13.82
N ASP B 731 22.20 3.35 -13.08
CA ASP B 731 20.85 3.31 -13.59
C ASP B 731 20.31 4.72 -13.55
N LEU B 732 20.13 5.30 -14.72
CA LEU B 732 19.52 6.60 -14.88
C LEU B 732 18.18 6.45 -15.65
N SER B 733 17.60 5.26 -15.69
CA SER B 733 16.37 5.07 -16.45
C SER B 733 15.19 5.80 -15.83
N SER B 734 14.19 6.14 -16.62
CA SER B 734 12.96 6.78 -16.11
C SER B 734 13.25 8.09 -15.37
N ASN B 735 14.02 8.95 -16.02
CA ASN B 735 14.22 10.31 -15.61
C ASN B 735 13.79 11.13 -16.82
N LYS B 736 14.21 12.39 -16.94
CA LYS B 736 13.67 13.25 -17.98
C LYS B 736 14.82 13.95 -18.69
N ILE B 737 15.87 13.15 -18.94
CA ILE B 737 17.13 13.65 -19.50
C ILE B 737 17.02 13.86 -21.00
N GLN B 738 17.47 15.03 -21.45
CA GLN B 738 17.51 15.36 -22.89
C GLN B 738 18.85 15.09 -23.59
N MET B 739 19.96 15.40 -22.94
CA MET B 739 21.26 15.51 -23.55
C MET B 739 22.26 14.86 -22.65
N ILE B 740 23.16 14.07 -23.22
CA ILE B 740 24.32 13.64 -22.47
C ILE B 740 25.55 13.98 -23.32
N GLN B 741 26.45 14.79 -22.74
CA GLN B 741 27.70 15.20 -23.41
C GLN B 741 28.87 14.39 -22.85
N LYS B 742 29.92 14.29 -23.67
CA LYS B 742 31.15 13.55 -23.35
C LYS B 742 31.79 13.98 -22.00
N THR B 743 31.80 15.26 -21.71
CA THR B 743 32.32 15.73 -20.45
C THR B 743 31.67 15.03 -19.24
N SER B 744 30.35 14.82 -19.28
CA SER B 744 29.61 14.16 -18.19
C SER B 744 29.86 12.65 -18.12
N PHE B 745 30.08 12.02 -19.27
CA PHE B 745 30.23 10.57 -19.42
C PHE B 745 31.59 10.26 -20.08
N PRO B 746 32.70 10.51 -19.37
CA PRO B 746 33.98 10.17 -20.00
C PRO B 746 34.14 8.68 -20.23
N GLU B 747 34.75 8.36 -21.38
CA GLU B 747 34.83 7.00 -21.87
C GLU B 747 35.66 6.07 -20.98
N ASN B 748 36.67 6.61 -20.31
CA ASN B 748 37.46 5.79 -19.39
C ASN B 748 36.68 5.32 -18.15
N VAL B 749 35.57 6.00 -17.84
CA VAL B 749 34.64 5.55 -16.78
C VAL B 749 33.57 4.64 -17.35
N LEU B 750 33.00 5.03 -18.49
CA LEU B 750 31.95 4.21 -19.10
C LEU B 750 32.36 2.78 -19.42
N ASN B 751 33.59 2.60 -19.89
CA ASN B 751 34.00 1.31 -20.45
C ASN B 751 34.34 0.26 -19.39
N ASN B 752 34.35 0.64 -18.11
CA ASN B 752 34.39 -0.33 -16.99
C ASN B 752 33.03 -0.64 -16.40
N LEU B 753 31.96 -0.09 -16.98
CA LEU B 753 30.62 -0.34 -16.45
C LEU B 753 30.13 -1.71 -16.86
N LYS B 754 29.75 -2.53 -15.89
CA LYS B 754 29.04 -3.77 -16.16
C LYS B 754 27.69 -3.52 -16.84
N MET B 755 27.04 -2.42 -16.50
CA MET B 755 25.71 -2.09 -17.01
C MET B 755 25.49 -0.59 -16.88
N LEU B 756 24.70 -0.05 -17.78
CA LEU B 756 24.38 1.37 -17.83
C LEU B 756 22.97 1.45 -18.35
N LEU B 757 22.02 1.88 -17.52
CA LEU B 757 20.60 1.94 -17.85
C LEU B 757 20.16 3.39 -18.21
N LEU B 758 19.57 3.58 -19.39
CA LEU B 758 19.26 4.90 -19.90
C LEU B 758 17.84 5.03 -20.44
N HIS B 759 17.05 3.98 -20.32
CA HIS B 759 15.80 3.90 -21.04
C HIS B 759 14.74 4.76 -20.38
N HIS B 760 13.71 5.09 -21.14
CA HIS B 760 12.64 5.94 -20.70
C HIS B 760 13.14 7.29 -20.18
N ASN B 761 13.88 8.00 -21.02
CA ASN B 761 14.27 9.40 -20.79
C ASN B 761 13.65 10.27 -21.92
N ARG B 762 14.08 11.51 -22.11
CA ARG B 762 13.41 12.45 -23.02
C ARG B 762 14.44 12.98 -24.03
N PHE B 763 15.18 12.03 -24.63
CA PHE B 763 16.38 12.34 -25.45
C PHE B 763 16.06 13.12 -26.70
N LEU B 764 16.78 14.20 -26.92
CA LEU B 764 16.58 15.08 -28.07
C LEU B 764 17.66 14.73 -29.07
N CYS B 765 17.27 14.30 -30.25
CA CYS B 765 18.24 13.80 -31.24
C CYS B 765 18.61 14.83 -32.33
N THR B 766 19.17 15.94 -31.87
CA THR B 766 19.67 17.00 -32.72
C THR B 766 21.16 16.75 -32.93
N CYS B 767 21.79 17.66 -33.65
CA CYS B 767 23.23 17.58 -33.87
C CYS B 767 24.06 17.75 -32.60
N ASP B 768 23.45 18.32 -31.54
CA ASP B 768 24.15 18.36 -30.24
C ASP B 768 24.35 16.96 -29.65
N ALA B 769 23.52 16.00 -30.05
CA ALA B 769 23.54 14.64 -29.51
C ALA B 769 24.42 13.69 -30.31
N VAL B 770 25.26 14.22 -31.19
CA VAL B 770 26.03 13.43 -32.13
C VAL B 770 26.94 12.42 -31.39
N TRP B 771 27.64 12.89 -30.36
CA TRP B 771 28.53 12.03 -29.57
C TRP B 771 27.75 10.90 -28.88
N PHE B 772 26.71 11.24 -28.14
CA PHE B 772 25.91 10.25 -27.41
C PHE B 772 25.37 9.18 -28.35
N VAL B 773 24.82 9.60 -29.46
CA VAL B 773 24.25 8.68 -30.41
C VAL B 773 25.34 7.76 -30.94
N TRP B 774 26.49 8.32 -31.28
CA TRP B 774 27.62 7.50 -31.75
C TRP B 774 28.02 6.51 -30.65
N TRP B 775 28.25 7.03 -29.43
CA TRP B 775 28.75 6.21 -28.35
C TRP B 775 27.79 5.07 -28.06
N VAL B 776 26.50 5.38 -27.97
CA VAL B 776 25.45 4.36 -27.75
C VAL B 776 25.50 3.26 -28.80
N GLN B 777 25.60 3.66 -30.06
CA GLN B 777 25.63 2.72 -31.20
C GLN B 777 26.85 1.82 -31.24
N HIS B 778 27.99 2.35 -30.79
CA HIS B 778 29.30 1.68 -30.89
C HIS B 778 29.93 1.11 -29.59
N THR B 779 29.22 1.18 -28.46
CA THR B 779 29.79 0.72 -27.18
C THR B 779 29.55 -0.77 -26.91
N GLU B 780 30.48 -1.37 -26.17
CA GLU B 780 30.42 -2.77 -25.72
C GLU B 780 29.52 -2.85 -24.46
N VAL B 781 29.48 -1.74 -23.71
CA VAL B 781 28.77 -1.63 -22.44
C VAL B 781 27.31 -2.07 -22.62
N THR B 782 26.85 -2.90 -21.70
CA THR B 782 25.49 -3.42 -21.74
C THR B 782 24.47 -2.35 -21.36
N ILE B 783 23.49 -2.14 -22.24
CA ILE B 783 22.49 -1.12 -22.09
C ILE B 783 21.21 -1.84 -22.48
N PRO B 784 20.40 -2.22 -21.49
CA PRO B 784 19.18 -2.94 -21.84
C PRO B 784 18.15 -2.04 -22.48
N TYR B 785 17.21 -2.66 -23.17
CA TYR B 785 16.10 -2.04 -23.87
C TYR B 785 16.47 -1.05 -25.01
N LEU B 786 17.62 -1.22 -25.66
CA LEU B 786 17.96 -0.38 -26.85
C LEU B 786 16.96 -0.53 -27.99
N ALA B 787 16.46 -1.74 -28.17
CA ALA B 787 15.38 -2.04 -29.12
C ALA B 787 14.06 -1.37 -28.78
N THR B 788 13.71 -1.37 -27.51
CA THR B 788 12.35 -1.11 -27.03
C THR B 788 12.09 0.36 -26.60
N ASP B 789 13.02 0.95 -25.84
CA ASP B 789 12.71 2.15 -25.00
C ASP B 789 13.91 3.12 -24.83
N VAL B 790 14.77 3.23 -25.86
CA VAL B 790 15.82 4.25 -25.89
C VAL B 790 15.61 5.00 -27.19
N THR B 791 15.01 6.15 -27.05
CA THR B 791 14.10 6.69 -28.01
C THR B 791 14.26 8.18 -28.05
N CYS B 792 14.26 8.75 -29.24
CA CYS B 792 14.22 10.19 -29.35
C CYS B 792 12.79 10.64 -29.13
N VAL B 793 12.58 11.73 -28.38
CA VAL B 793 11.25 12.39 -28.33
C VAL B 793 11.10 13.52 -29.35
N GLY B 794 12.21 13.96 -29.89
CA GLY B 794 12.25 14.99 -30.91
C GLY B 794 13.66 15.06 -31.51
N PRO B 795 13.90 15.96 -32.47
CA PRO B 795 12.90 16.89 -33.00
C PRO B 795 12.00 16.20 -34.01
N GLY B 796 10.72 16.58 -34.05
CA GLY B 796 9.74 16.19 -35.10
C GLY B 796 10.13 15.11 -36.10
N ALA B 797 11.12 15.41 -36.95
CA ALA B 797 11.67 14.44 -37.90
C ALA B 797 11.87 13.04 -37.26
N HIS B 798 12.63 12.98 -36.15
CA HIS B 798 13.06 11.73 -35.50
C HIS B 798 12.18 11.25 -34.32
N LYS B 799 11.06 11.93 -34.06
CA LYS B 799 10.19 11.55 -32.95
C LYS B 799 9.83 10.06 -32.99
N GLY B 800 9.86 9.41 -31.82
CA GLY B 800 9.49 8.00 -31.66
C GLY B 800 10.53 6.99 -32.14
N GLN B 801 11.61 7.48 -32.73
CA GLN B 801 12.61 6.61 -33.32
C GLN B 801 13.70 6.19 -32.32
N SER B 802 14.20 4.97 -32.49
CA SER B 802 15.22 4.41 -31.62
C SER B 802 16.54 5.09 -31.94
N VAL B 803 17.33 5.40 -30.92
CA VAL B 803 18.58 6.11 -31.15
C VAL B 803 19.58 5.16 -31.78
N ILE B 804 19.46 3.87 -31.48
CA ILE B 804 20.33 2.86 -32.10
C ILE B 804 20.27 2.90 -33.64
N SER B 805 19.08 3.19 -34.20
CA SER B 805 18.83 3.21 -35.65
C SER B 805 19.06 4.57 -36.31
N LEU B 806 19.43 5.58 -35.54
CA LEU B 806 19.51 6.96 -35.98
C LEU B 806 20.68 7.27 -36.93
N ASP B 807 20.41 7.82 -38.12
CA ASP B 807 21.45 8.26 -39.05
C ASP B 807 21.51 9.75 -38.93
N LEU B 808 22.56 10.27 -38.31
CA LEU B 808 22.78 11.71 -38.17
C LEU B 808 23.83 12.22 -39.17
N TYR B 809 23.79 11.74 -40.40
CA TYR B 809 24.79 12.15 -41.43
C TYR B 809 24.71 13.64 -41.78
N THR B 810 23.49 14.21 -41.70
CA THR B 810 23.24 15.63 -41.99
C THR B 810 24.02 16.57 -41.09
N CYS B 811 24.41 16.09 -39.91
CA CYS B 811 25.27 16.86 -38.98
C CYS B 811 26.74 16.90 -39.40
N GLU B 812 27.15 16.12 -40.39
CA GLU B 812 28.54 16.18 -40.93
C GLU B 812 28.69 16.55 -42.44
N LEU B 813 27.84 17.41 -42.99
CA LEU B 813 27.92 17.70 -44.44
C LEU B 813 29.13 18.55 -44.86
#